data_2G3A
# 
_entry.id   2G3A 
# 
_audit_conform.dict_name       mmcif_pdbx.dic 
_audit_conform.dict_version    5.397 
_audit_conform.dict_location   http://mmcif.pdb.org/dictionaries/ascii/mmcif_pdbx.dic 
# 
loop_
_database_2.database_id 
_database_2.database_code 
_database_2.pdbx_database_accession 
_database_2.pdbx_DOI 
PDB   2G3A         pdb_00002g3a 10.2210/pdb2g3a/pdb 
RCSB  RCSB036634   ?            ?                   
WWPDB D_1000036634 ?            ?                   
# 
loop_
_pdbx_audit_revision_history.ordinal 
_pdbx_audit_revision_history.data_content_type 
_pdbx_audit_revision_history.major_revision 
_pdbx_audit_revision_history.minor_revision 
_pdbx_audit_revision_history.revision_date 
1 'Structure model' 1 0 2006-03-14 
2 'Structure model' 1 1 2008-05-01 
3 'Structure model' 1 2 2011-07-13 
4 'Structure model' 1 3 2011-10-05 
5 'Structure model' 1 4 2022-04-13 
6 'Structure model' 1 5 2024-10-09 
# 
_pdbx_audit_revision_details.ordinal             1 
_pdbx_audit_revision_details.revision_ordinal    1 
_pdbx_audit_revision_details.data_content_type   'Structure model' 
_pdbx_audit_revision_details.provider            repository 
_pdbx_audit_revision_details.type                'Initial release' 
_pdbx_audit_revision_details.description         ? 
_pdbx_audit_revision_details.details             ? 
# 
loop_
_pdbx_audit_revision_group.ordinal 
_pdbx_audit_revision_group.revision_ordinal 
_pdbx_audit_revision_group.data_content_type 
_pdbx_audit_revision_group.group 
1  2 'Structure model' 'Version format compliance' 
2  3 'Structure model' Advisory                    
3  3 'Structure model' 'Derived calculations'      
4  3 'Structure model' 'Version format compliance' 
5  4 'Structure model' 'Structure summary'         
6  5 'Structure model' 'Database references'       
7  5 'Structure model' 'Derived calculations'      
8  5 'Structure model' 'Structure summary'         
9  6 'Structure model' 'Data collection'           
10 6 'Structure model' 'Structure summary'         
# 
loop_
_pdbx_audit_revision_category.ordinal 
_pdbx_audit_revision_category.revision_ordinal 
_pdbx_audit_revision_category.data_content_type 
_pdbx_audit_revision_category.category 
1 5 'Structure model' audit_author              
2 5 'Structure model' citation_author           
3 5 'Structure model' database_2                
4 5 'Structure model' struct_conn               
5 5 'Structure model' struct_ref_seq_dif        
6 6 'Structure model' chem_comp_atom            
7 6 'Structure model' chem_comp_bond            
8 6 'Structure model' pdbx_entry_details        
9 6 'Structure model' pdbx_modification_feature 
# 
loop_
_pdbx_audit_revision_item.ordinal 
_pdbx_audit_revision_item.revision_ordinal 
_pdbx_audit_revision_item.data_content_type 
_pdbx_audit_revision_item.item 
1 5 'Structure model' '_audit_author.identifier_ORCID'      
2 5 'Structure model' '_citation_author.identifier_ORCID'   
3 5 'Structure model' '_database_2.pdbx_DOI'                
4 5 'Structure model' '_database_2.pdbx_database_accession' 
5 5 'Structure model' '_struct_conn.pdbx_leaving_atom_flag' 
6 5 'Structure model' '_struct_ref_seq_dif.details'         
# 
_pdbx_database_status.entry_id                        2G3A 
_pdbx_database_status.deposit_site                    RCSB 
_pdbx_database_status.process_site                    RCSB 
_pdbx_database_status.recvd_initial_deposition_date   2006-02-17 
_pdbx_database_status.status_code                     REL 
_pdbx_database_status.status_code_sf                  REL 
_pdbx_database_status.status_code_mr                  ? 
_pdbx_database_status.SG_entry                        Y 
_pdbx_database_status.status_code_cs                  ? 
_pdbx_database_status.pdb_format_compatible           Y 
_pdbx_database_status.status_code_nmr_data            ? 
_pdbx_database_status.methods_development_category    ? 
# 
_pdbx_database_related.db_name        TargetDB 
_pdbx_database_related.db_id          APC5884 
_pdbx_database_related.details        . 
_pdbx_database_related.content_type   unspecified 
# 
loop_
_audit_author.name 
_audit_author.pdbx_ordinal 
_audit_author.identifier_ORCID 
'Cymborowski, M.'                               1  ?                   
'Xu, X.'                                        2  ?                   
'Chruszcz, M.'                                  3  ?                   
'Zheng, H.'                                     4  ?                   
'Gu, J.'                                        5  ?                   
'Savchenko, A.'                                 6  ?                   
'Edwards, A.'                                   7  ?                   
'Joachimiak, A.'                                8  ?                   
'Minor, W.'                                     9  0000-0001-7075-7090 
'Midwest Center for Structural Genomics (MCSG)' 10 ?                   
# 
_citation.id                        primary 
_citation.title                     'Crystal structure of putative acetyltransferase from Agrobacterium tumefaciens' 
_citation.journal_abbrev            'To be Published' 
_citation.journal_volume            ? 
_citation.page_first                ? 
_citation.page_last                 ? 
_citation.year                      ? 
_citation.journal_id_ASTM           ? 
_citation.country                   ? 
_citation.journal_id_ISSN           ? 
_citation.journal_id_CSD            0353 
_citation.book_publisher            ? 
_citation.pdbx_database_id_PubMed   ? 
_citation.pdbx_database_id_DOI      ? 
# 
loop_
_citation_author.citation_id 
_citation_author.name 
_citation_author.ordinal 
_citation_author.identifier_ORCID 
primary 'Cymborowski, M.' 1 ?                   
primary 'Xu, X.'          2 ?                   
primary 'Chruszcz, M.'    3 ?                   
primary 'Zheng, H.'       4 ?                   
primary 'Gu, J.'          5 ?                   
primary 'Savchenko, A.'   6 ?                   
primary 'Edwards, A.'     7 ?                   
primary 'Minor, W.'       8 0000-0001-7075-7090 
# 
loop_
_entity.id 
_entity.type 
_entity.src_method 
_entity.pdbx_description 
_entity.formula_weight 
_entity.pdbx_number_of_molecules 
_entity.pdbx_ec 
_entity.pdbx_mutation 
_entity.pdbx_fragment 
_entity.details 
1 polymer man acetyltransferase 17203.740 1   ? ? ? ? 
2 water   nat water             18.015    122 ? ? ? ? 
# 
_entity_poly.entity_id                      1 
_entity_poly.type                           'polypeptide(L)' 
_entity_poly.nstd_linkage                   no 
_entity_poly.nstd_monomer                   yes 
_entity_poly.pdbx_seq_one_letter_code       
;(MSE)KPKSGAVRRLEKNT(MSE)NFVLSDVADAEAEKAIRDPLVAYNLARFGESDKRDLNITIRNDDNSVTGGLVGHTA
RGWLYVQLLFVPEA(MSE)RGQGIAPKLLA(MSE)AEEEARKRGC(MSE)GAYIDT(MSE)NPDALRTYERYGFTKIGSL
GPLSSGQSITWLEKRF
;
_entity_poly.pdbx_seq_one_letter_code_can   
;MKPKSGAVRRLEKNTMNFVLSDVADAEAEKAIRDPLVAYNLARFGESDKRDLNITIRNDDNSVTGGLVGHTARGWLYVQL
LFVPEAMRGQGIAPKLLAMAEEEARKRGCMGAYIDTMNPDALRTYERYGFTKIGSLGPLSSGQSITWLEKRF
;
_entity_poly.pdbx_strand_id                 A 
_entity_poly.pdbx_target_identifier         APC5884 
# 
_pdbx_entity_nonpoly.entity_id   2 
_pdbx_entity_nonpoly.name        water 
_pdbx_entity_nonpoly.comp_id     HOH 
# 
loop_
_entity_poly_seq.entity_id 
_entity_poly_seq.num 
_entity_poly_seq.mon_id 
_entity_poly_seq.hetero 
1 1   MSE n 
1 2   LYS n 
1 3   PRO n 
1 4   LYS n 
1 5   SER n 
1 6   GLY n 
1 7   ALA n 
1 8   VAL n 
1 9   ARG n 
1 10  ARG n 
1 11  LEU n 
1 12  GLU n 
1 13  LYS n 
1 14  ASN n 
1 15  THR n 
1 16  MSE n 
1 17  ASN n 
1 18  PHE n 
1 19  VAL n 
1 20  LEU n 
1 21  SER n 
1 22  ASP n 
1 23  VAL n 
1 24  ALA n 
1 25  ASP n 
1 26  ALA n 
1 27  GLU n 
1 28  ALA n 
1 29  GLU n 
1 30  LYS n 
1 31  ALA n 
1 32  ILE n 
1 33  ARG n 
1 34  ASP n 
1 35  PRO n 
1 36  LEU n 
1 37  VAL n 
1 38  ALA n 
1 39  TYR n 
1 40  ASN n 
1 41  LEU n 
1 42  ALA n 
1 43  ARG n 
1 44  PHE n 
1 45  GLY n 
1 46  GLU n 
1 47  SER n 
1 48  ASP n 
1 49  LYS n 
1 50  ARG n 
1 51  ASP n 
1 52  LEU n 
1 53  ASN n 
1 54  ILE n 
1 55  THR n 
1 56  ILE n 
1 57  ARG n 
1 58  ASN n 
1 59  ASP n 
1 60  ASP n 
1 61  ASN n 
1 62  SER n 
1 63  VAL n 
1 64  THR n 
1 65  GLY n 
1 66  GLY n 
1 67  LEU n 
1 68  VAL n 
1 69  GLY n 
1 70  HIS n 
1 71  THR n 
1 72  ALA n 
1 73  ARG n 
1 74  GLY n 
1 75  TRP n 
1 76  LEU n 
1 77  TYR n 
1 78  VAL n 
1 79  GLN n 
1 80  LEU n 
1 81  LEU n 
1 82  PHE n 
1 83  VAL n 
1 84  PRO n 
1 85  GLU n 
1 86  ALA n 
1 87  MSE n 
1 88  ARG n 
1 89  GLY n 
1 90  GLN n 
1 91  GLY n 
1 92  ILE n 
1 93  ALA n 
1 94  PRO n 
1 95  LYS n 
1 96  LEU n 
1 97  LEU n 
1 98  ALA n 
1 99  MSE n 
1 100 ALA n 
1 101 GLU n 
1 102 GLU n 
1 103 GLU n 
1 104 ALA n 
1 105 ARG n 
1 106 LYS n 
1 107 ARG n 
1 108 GLY n 
1 109 CYS n 
1 110 MSE n 
1 111 GLY n 
1 112 ALA n 
1 113 TYR n 
1 114 ILE n 
1 115 ASP n 
1 116 THR n 
1 117 MSE n 
1 118 ASN n 
1 119 PRO n 
1 120 ASP n 
1 121 ALA n 
1 122 LEU n 
1 123 ARG n 
1 124 THR n 
1 125 TYR n 
1 126 GLU n 
1 127 ARG n 
1 128 TYR n 
1 129 GLY n 
1 130 PHE n 
1 131 THR n 
1 132 LYS n 
1 133 ILE n 
1 134 GLY n 
1 135 SER n 
1 136 LEU n 
1 137 GLY n 
1 138 PRO n 
1 139 LEU n 
1 140 SER n 
1 141 SER n 
1 142 GLY n 
1 143 GLN n 
1 144 SER n 
1 145 ILE n 
1 146 THR n 
1 147 TRP n 
1 148 LEU n 
1 149 GLU n 
1 150 LYS n 
1 151 ARG n 
1 152 PHE n 
# 
_entity_src_gen.entity_id                          1 
_entity_src_gen.pdbx_src_id                        1 
_entity_src_gen.pdbx_alt_source_flag               sample 
_entity_src_gen.pdbx_seq_type                      ? 
_entity_src_gen.pdbx_beg_seq_num                   ? 
_entity_src_gen.pdbx_end_seq_num                   ? 
_entity_src_gen.gene_src_common_name               ? 
_entity_src_gen.gene_src_genus                     Agrobacterium 
_entity_src_gen.pdbx_gene_src_gene                 ? 
_entity_src_gen.gene_src_species                   'Agrobacterium tumefaciens' 
_entity_src_gen.gene_src_strain                    'C58 / ATCC 33970' 
_entity_src_gen.gene_src_tissue                    ? 
_entity_src_gen.gene_src_tissue_fraction           ? 
_entity_src_gen.gene_src_details                   ? 
_entity_src_gen.pdbx_gene_src_fragment             ? 
_entity_src_gen.pdbx_gene_src_scientific_name      'Agrobacterium tumefaciens str. C58' 
_entity_src_gen.pdbx_gene_src_ncbi_taxonomy_id     176299 
_entity_src_gen.pdbx_gene_src_variant              ? 
_entity_src_gen.pdbx_gene_src_cell_line            ? 
_entity_src_gen.pdbx_gene_src_atcc                 ? 
_entity_src_gen.pdbx_gene_src_organ                ? 
_entity_src_gen.pdbx_gene_src_organelle            ? 
_entity_src_gen.pdbx_gene_src_cell                 ? 
_entity_src_gen.pdbx_gene_src_cellular_location    ? 
_entity_src_gen.host_org_common_name               ? 
_entity_src_gen.pdbx_host_org_scientific_name      'Escherichia coli' 
_entity_src_gen.pdbx_host_org_ncbi_taxonomy_id     562 
_entity_src_gen.host_org_genus                     Escherichia 
_entity_src_gen.pdbx_host_org_gene                 ? 
_entity_src_gen.pdbx_host_org_organ                ? 
_entity_src_gen.host_org_species                   ? 
_entity_src_gen.pdbx_host_org_tissue               ? 
_entity_src_gen.pdbx_host_org_tissue_fraction      ? 
_entity_src_gen.pdbx_host_org_strain               'Bl21 Gold (DE3)' 
_entity_src_gen.pdbx_host_org_variant              ? 
_entity_src_gen.pdbx_host_org_cell_line            ? 
_entity_src_gen.pdbx_host_org_atcc                 ? 
_entity_src_gen.pdbx_host_org_culture_collection   ? 
_entity_src_gen.pdbx_host_org_cell                 ? 
_entity_src_gen.pdbx_host_org_organelle            ? 
_entity_src_gen.pdbx_host_org_cellular_location    ? 
_entity_src_gen.pdbx_host_org_vector_type          plasmid 
_entity_src_gen.pdbx_host_org_vector               ? 
_entity_src_gen.host_org_details                   ? 
_entity_src_gen.expression_system_id               ? 
_entity_src_gen.plasmid_name                       pET15b 
_entity_src_gen.plasmid_details                    ? 
_entity_src_gen.pdbx_description                   ? 
# 
loop_
_chem_comp.id 
_chem_comp.type 
_chem_comp.mon_nstd_flag 
_chem_comp.name 
_chem_comp.pdbx_synonyms 
_chem_comp.formula 
_chem_comp.formula_weight 
ALA 'L-peptide linking' y ALANINE          ? 'C3 H7 N O2'     89.093  
ARG 'L-peptide linking' y ARGININE         ? 'C6 H15 N4 O2 1' 175.209 
ASN 'L-peptide linking' y ASPARAGINE       ? 'C4 H8 N2 O3'    132.118 
ASP 'L-peptide linking' y 'ASPARTIC ACID'  ? 'C4 H7 N O4'     133.103 
CYS 'L-peptide linking' y CYSTEINE         ? 'C3 H7 N O2 S'   121.158 
GLN 'L-peptide linking' y GLUTAMINE        ? 'C5 H10 N2 O3'   146.144 
GLU 'L-peptide linking' y 'GLUTAMIC ACID'  ? 'C5 H9 N O4'     147.129 
GLY 'peptide linking'   y GLYCINE          ? 'C2 H5 N O2'     75.067  
HIS 'L-peptide linking' y HISTIDINE        ? 'C6 H10 N3 O2 1' 156.162 
HOH non-polymer         . WATER            ? 'H2 O'           18.015  
ILE 'L-peptide linking' y ISOLEUCINE       ? 'C6 H13 N O2'    131.173 
LEU 'L-peptide linking' y LEUCINE          ? 'C6 H13 N O2'    131.173 
LYS 'L-peptide linking' y LYSINE           ? 'C6 H15 N2 O2 1' 147.195 
MET 'L-peptide linking' y METHIONINE       ? 'C5 H11 N O2 S'  149.211 
MSE 'L-peptide linking' n SELENOMETHIONINE ? 'C5 H11 N O2 Se' 196.106 
PHE 'L-peptide linking' y PHENYLALANINE    ? 'C9 H11 N O2'    165.189 
PRO 'L-peptide linking' y PROLINE          ? 'C5 H9 N O2'     115.130 
SER 'L-peptide linking' y SERINE           ? 'C3 H7 N O3'     105.093 
THR 'L-peptide linking' y THREONINE        ? 'C4 H9 N O3'     119.119 
TRP 'L-peptide linking' y TRYPTOPHAN       ? 'C11 H12 N2 O2'  204.225 
TYR 'L-peptide linking' y TYROSINE         ? 'C9 H11 N O3'    181.189 
VAL 'L-peptide linking' y VALINE           ? 'C5 H11 N O2'    117.146 
# 
loop_
_pdbx_poly_seq_scheme.asym_id 
_pdbx_poly_seq_scheme.entity_id 
_pdbx_poly_seq_scheme.seq_id 
_pdbx_poly_seq_scheme.mon_id 
_pdbx_poly_seq_scheme.ndb_seq_num 
_pdbx_poly_seq_scheme.pdb_seq_num 
_pdbx_poly_seq_scheme.auth_seq_num 
_pdbx_poly_seq_scheme.pdb_mon_id 
_pdbx_poly_seq_scheme.auth_mon_id 
_pdbx_poly_seq_scheme.pdb_strand_id 
_pdbx_poly_seq_scheme.pdb_ins_code 
_pdbx_poly_seq_scheme.hetero 
A 1 1   MSE 1   -14 ?   ?   ?   A . n 
A 1 2   LYS 2   -13 ?   ?   ?   A . n 
A 1 3   PRO 3   -12 ?   ?   ?   A . n 
A 1 4   LYS 4   -11 ?   ?   ?   A . n 
A 1 5   SER 5   -10 ?   ?   ?   A . n 
A 1 6   GLY 6   -9  ?   ?   ?   A . n 
A 1 7   ALA 7   -8  ?   ?   ?   A . n 
A 1 8   VAL 8   -7  ?   ?   ?   A . n 
A 1 9   ARG 9   -6  ?   ?   ?   A . n 
A 1 10  ARG 10  -5  ?   ?   ?   A . n 
A 1 11  LEU 11  -4  ?   ?   ?   A . n 
A 1 12  GLU 12  -3  ?   ?   ?   A . n 
A 1 13  LYS 13  -2  ?   ?   ?   A . n 
A 1 14  ASN 14  -1  ?   ?   ?   A . n 
A 1 15  THR 15  0   ?   ?   ?   A . n 
A 1 16  MSE 16  1   1   MSE MSE A . n 
A 1 17  ASN 17  2   2   ASN ASN A . n 
A 1 18  PHE 18  3   3   PHE PHE A . n 
A 1 19  VAL 19  4   4   VAL VAL A . n 
A 1 20  LEU 20  5   5   LEU LEU A . n 
A 1 21  SER 21  6   6   SER SER A . n 
A 1 22  ASP 22  7   7   ASP ASP A . n 
A 1 23  VAL 23  8   8   VAL VAL A . n 
A 1 24  ALA 24  9   9   ALA ALA A . n 
A 1 25  ASP 25  10  10  ASP ASP A . n 
A 1 26  ALA 26  11  11  ALA ALA A . n 
A 1 27  GLU 27  12  12  GLU GLU A . n 
A 1 28  ALA 28  13  13  ALA ALA A . n 
A 1 29  GLU 29  14  14  GLU GLU A . n 
A 1 30  LYS 30  15  15  LYS LYS A . n 
A 1 31  ALA 31  16  16  ALA ALA A . n 
A 1 32  ILE 32  17  17  ILE ILE A . n 
A 1 33  ARG 33  18  18  ARG ARG A . n 
A 1 34  ASP 34  19  19  ASP ASP A . n 
A 1 35  PRO 35  20  20  PRO PRO A . n 
A 1 36  LEU 36  21  21  LEU LEU A . n 
A 1 37  VAL 37  22  22  VAL VAL A . n 
A 1 38  ALA 38  23  23  ALA ALA A . n 
A 1 39  TYR 39  24  24  TYR TYR A . n 
A 1 40  ASN 40  25  25  ASN ASN A . n 
A 1 41  LEU 41  26  26  LEU LEU A . n 
A 1 42  ALA 42  27  27  ALA ALA A . n 
A 1 43  ARG 43  28  28  ARG ARG A . n 
A 1 44  PHE 44  29  29  PHE PHE A . n 
A 1 45  GLY 45  30  30  GLY GLY A . n 
A 1 46  GLU 46  31  31  GLU GLU A . n 
A 1 47  SER 47  32  32  SER SER A . n 
A 1 48  ASP 48  33  33  ASP ASP A . n 
A 1 49  LYS 49  34  34  LYS LYS A . n 
A 1 50  ARG 50  35  35  ARG ARG A . n 
A 1 51  ASP 51  36  36  ASP ASP A . n 
A 1 52  LEU 52  37  37  LEU LEU A . n 
A 1 53  ASN 53  38  38  ASN ASN A . n 
A 1 54  ILE 54  39  39  ILE ILE A . n 
A 1 55  THR 55  40  40  THR THR A . n 
A 1 56  ILE 56  41  41  ILE ILE A . n 
A 1 57  ARG 57  42  42  ARG ARG A . n 
A 1 58  ASN 58  43  43  ASN ASN A . n 
A 1 59  ASP 59  44  44  ASP ASP A . n 
A 1 60  ASP 60  45  45  ASP ASP A . n 
A 1 61  ASN 61  46  46  ASN ASN A . n 
A 1 62  SER 62  47  47  SER SER A . n 
A 1 63  VAL 63  48  48  VAL VAL A . n 
A 1 64  THR 64  49  49  THR THR A . n 
A 1 65  GLY 65  50  50  GLY GLY A . n 
A 1 66  GLY 66  51  51  GLY GLY A . n 
A 1 67  LEU 67  52  52  LEU LEU A . n 
A 1 68  VAL 68  53  53  VAL VAL A . n 
A 1 69  GLY 69  54  54  GLY GLY A . n 
A 1 70  HIS 70  55  55  HIS HIS A . n 
A 1 71  THR 71  56  56  THR THR A . n 
A 1 72  ALA 72  57  57  ALA ALA A . n 
A 1 73  ARG 73  58  58  ARG ARG A . n 
A 1 74  GLY 74  59  59  GLY GLY A . n 
A 1 75  TRP 75  60  60  TRP TRP A . n 
A 1 76  LEU 76  61  61  LEU LEU A . n 
A 1 77  TYR 77  62  62  TYR TYR A . n 
A 1 78  VAL 78  63  63  VAL VAL A . n 
A 1 79  GLN 79  64  64  GLN GLN A . n 
A 1 80  LEU 80  65  65  LEU LEU A . n 
A 1 81  LEU 81  66  66  LEU LEU A . n 
A 1 82  PHE 82  67  67  PHE PHE A . n 
A 1 83  VAL 83  68  68  VAL VAL A . n 
A 1 84  PRO 84  69  69  PRO PRO A . n 
A 1 85  GLU 85  70  70  GLU GLU A . n 
A 1 86  ALA 86  71  71  ALA ALA A . n 
A 1 87  MSE 87  72  72  MSE MSE A . n 
A 1 88  ARG 88  73  73  ARG ARG A . n 
A 1 89  GLY 89  74  74  GLY GLY A . n 
A 1 90  GLN 90  75  75  GLN GLN A . n 
A 1 91  GLY 91  76  76  GLY GLY A . n 
A 1 92  ILE 92  77  77  ILE ILE A . n 
A 1 93  ALA 93  78  78  ALA ALA A . n 
A 1 94  PRO 94  79  79  PRO PRO A . n 
A 1 95  LYS 95  80  80  LYS LYS A . n 
A 1 96  LEU 96  81  81  LEU LEU A . n 
A 1 97  LEU 97  82  82  LEU LEU A . n 
A 1 98  ALA 98  83  83  ALA ALA A . n 
A 1 99  MSE 99  84  84  MSE MSE A . n 
A 1 100 ALA 100 85  85  ALA ALA A . n 
A 1 101 GLU 101 86  86  GLU GLU A . n 
A 1 102 GLU 102 87  87  GLU GLU A . n 
A 1 103 GLU 103 88  88  GLU GLU A . n 
A 1 104 ALA 104 89  89  ALA ALA A . n 
A 1 105 ARG 105 90  90  ARG ARG A . n 
A 1 106 LYS 106 91  91  LYS LYS A . n 
A 1 107 ARG 107 92  92  ARG ARG A . n 
A 1 108 GLY 108 93  93  GLY GLY A . n 
A 1 109 CYS 109 94  94  CYS CYS A . n 
A 1 110 MSE 110 95  95  MSE MSE A . n 
A 1 111 GLY 111 96  96  GLY GLY A . n 
A 1 112 ALA 112 97  97  ALA ALA A . n 
A 1 113 TYR 113 98  98  TYR TYR A . n 
A 1 114 ILE 114 99  99  ILE ILE A . n 
A 1 115 ASP 115 100 100 ASP ASP A . n 
A 1 116 THR 116 101 101 THR THR A . n 
A 1 117 MSE 117 102 102 MSE MSE A . n 
A 1 118 ASN 118 103 103 ASN ASN A . n 
A 1 119 PRO 119 104 104 PRO PRO A . n 
A 1 120 ASP 120 105 105 ASP ASP A . n 
A 1 121 ALA 121 106 106 ALA ALA A . n 
A 1 122 LEU 122 107 107 LEU LEU A . n 
A 1 123 ARG 123 108 108 ARG ARG A . n 
A 1 124 THR 124 109 109 THR THR A . n 
A 1 125 TYR 125 110 110 TYR TYR A . n 
A 1 126 GLU 126 111 111 GLU GLU A . n 
A 1 127 ARG 127 112 112 ARG ARG A . n 
A 1 128 TYR 128 113 113 TYR TYR A . n 
A 1 129 GLY 129 114 114 GLY GLY A . n 
A 1 130 PHE 130 115 115 PHE PHE A . n 
A 1 131 THR 131 116 116 THR THR A . n 
A 1 132 LYS 132 117 117 LYS LYS A . n 
A 1 133 ILE 133 118 118 ILE ILE A . n 
A 1 134 GLY 134 119 119 GLY GLY A . n 
A 1 135 SER 135 120 120 SER SER A . n 
A 1 136 LEU 136 121 121 LEU LEU A . n 
A 1 137 GLY 137 122 122 GLY GLY A . n 
A 1 138 PRO 138 123 123 PRO PRO A . n 
A 1 139 LEU 139 124 124 LEU LEU A . n 
A 1 140 SER 140 125 125 SER SER A . n 
A 1 141 SER 141 126 126 SER SER A . n 
A 1 142 GLY 142 127 127 GLY GLY A . n 
A 1 143 GLN 143 128 128 GLN GLN A . n 
A 1 144 SER 144 129 129 SER SER A . n 
A 1 145 ILE 145 130 130 ILE ILE A . n 
A 1 146 THR 146 131 131 THR THR A . n 
A 1 147 TRP 147 132 132 TRP TRP A . n 
A 1 148 LEU 148 133 133 LEU LEU A . n 
A 1 149 GLU 149 134 134 GLU GLU A . n 
A 1 150 LYS 150 135 135 LYS LYS A . n 
A 1 151 ARG 151 136 136 ARG ARG A . n 
A 1 152 PHE 152 137 137 PHE PHE A . n 
# 
loop_
_pdbx_nonpoly_scheme.asym_id 
_pdbx_nonpoly_scheme.entity_id 
_pdbx_nonpoly_scheme.mon_id 
_pdbx_nonpoly_scheme.ndb_seq_num 
_pdbx_nonpoly_scheme.pdb_seq_num 
_pdbx_nonpoly_scheme.auth_seq_num 
_pdbx_nonpoly_scheme.pdb_mon_id 
_pdbx_nonpoly_scheme.auth_mon_id 
_pdbx_nonpoly_scheme.pdb_strand_id 
_pdbx_nonpoly_scheme.pdb_ins_code 
B 2 HOH 1   138 4   HOH HOH A . 
B 2 HOH 2   139 6   HOH HOH A . 
B 2 HOH 3   140 7   HOH HOH A . 
B 2 HOH 4   141 8   HOH HOH A . 
B 2 HOH 5   142 9   HOH HOH A . 
B 2 HOH 6   143 10  HOH HOH A . 
B 2 HOH 7   144 11  HOH HOH A . 
B 2 HOH 8   145 12  HOH HOH A . 
B 2 HOH 9   146 13  HOH HOH A . 
B 2 HOH 10  147 14  HOH HOH A . 
B 2 HOH 11  148 16  HOH HOH A . 
B 2 HOH 12  149 17  HOH HOH A . 
B 2 HOH 13  150 18  HOH HOH A . 
B 2 HOH 14  151 19  HOH HOH A . 
B 2 HOH 15  152 20  HOH HOH A . 
B 2 HOH 16  153 21  HOH HOH A . 
B 2 HOH 17  154 22  HOH HOH A . 
B 2 HOH 18  155 23  HOH HOH A . 
B 2 HOH 19  156 24  HOH HOH A . 
B 2 HOH 20  157 25  HOH HOH A . 
B 2 HOH 21  158 26  HOH HOH A . 
B 2 HOH 22  159 27  HOH HOH A . 
B 2 HOH 23  160 28  HOH HOH A . 
B 2 HOH 24  161 29  HOH HOH A . 
B 2 HOH 25  162 30  HOH HOH A . 
B 2 HOH 26  163 31  HOH HOH A . 
B 2 HOH 27  164 32  HOH HOH A . 
B 2 HOH 28  165 33  HOH HOH A . 
B 2 HOH 29  166 34  HOH HOH A . 
B 2 HOH 30  167 35  HOH HOH A . 
B 2 HOH 31  168 36  HOH HOH A . 
B 2 HOH 32  169 37  HOH HOH A . 
B 2 HOH 33  170 38  HOH HOH A . 
B 2 HOH 34  171 39  HOH HOH A . 
B 2 HOH 35  172 40  HOH HOH A . 
B 2 HOH 36  173 42  HOH HOH A . 
B 2 HOH 37  174 44  HOH HOH A . 
B 2 HOH 38  175 45  HOH HOH A . 
B 2 HOH 39  176 46  HOH HOH A . 
B 2 HOH 40  177 47  HOH HOH A . 
B 2 HOH 41  178 48  HOH HOH A . 
B 2 HOH 42  179 49  HOH HOH A . 
B 2 HOH 43  180 50  HOH HOH A . 
B 2 HOH 44  181 51  HOH HOH A . 
B 2 HOH 45  182 52  HOH HOH A . 
B 2 HOH 46  183 53  HOH HOH A . 
B 2 HOH 47  184 54  HOH HOH A . 
B 2 HOH 48  185 55  HOH HOH A . 
B 2 HOH 49  186 56  HOH HOH A . 
B 2 HOH 50  187 57  HOH HOH A . 
B 2 HOH 51  188 58  HOH HOH A . 
B 2 HOH 52  189 59  HOH HOH A . 
B 2 HOH 53  190 61  HOH HOH A . 
B 2 HOH 54  191 63  HOH HOH A . 
B 2 HOH 55  192 64  HOH HOH A . 
B 2 HOH 56  193 65  HOH HOH A . 
B 2 HOH 57  194 66  HOH HOH A . 
B 2 HOH 58  195 67  HOH HOH A . 
B 2 HOH 59  196 68  HOH HOH A . 
B 2 HOH 60  197 69  HOH HOH A . 
B 2 HOH 61  198 70  HOH HOH A . 
B 2 HOH 62  199 71  HOH HOH A . 
B 2 HOH 63  200 72  HOH HOH A . 
B 2 HOH 64  201 73  HOH HOH A . 
B 2 HOH 65  202 74  HOH HOH A . 
B 2 HOH 66  203 77  HOH HOH A . 
B 2 HOH 67  204 78  HOH HOH A . 
B 2 HOH 68  205 79  HOH HOH A . 
B 2 HOH 69  206 80  HOH HOH A . 
B 2 HOH 70  207 81  HOH HOH A . 
B 2 HOH 71  208 82  HOH HOH A . 
B 2 HOH 72  209 83  HOH HOH A . 
B 2 HOH 73  210 84  HOH HOH A . 
B 2 HOH 74  211 85  HOH HOH A . 
B 2 HOH 75  212 86  HOH HOH A . 
B 2 HOH 76  213 87  HOH HOH A . 
B 2 HOH 77  214 88  HOH HOH A . 
B 2 HOH 78  215 89  HOH HOH A . 
B 2 HOH 79  216 90  HOH HOH A . 
B 2 HOH 80  217 91  HOH HOH A . 
B 2 HOH 81  218 92  HOH HOH A . 
B 2 HOH 82  219 93  HOH HOH A . 
B 2 HOH 83  220 95  HOH HOH A . 
B 2 HOH 84  221 96  HOH HOH A . 
B 2 HOH 85  222 98  HOH HOH A . 
B 2 HOH 86  223 99  HOH HOH A . 
B 2 HOH 87  224 100 HOH HOH A . 
B 2 HOH 88  225 101 HOH HOH A . 
B 2 HOH 89  226 102 HOH HOH A . 
B 2 HOH 90  227 103 HOH HOH A . 
B 2 HOH 91  228 105 HOH HOH A . 
B 2 HOH 92  229 106 HOH HOH A . 
B 2 HOH 93  230 107 HOH HOH A . 
B 2 HOH 94  231 108 HOH HOH A . 
B 2 HOH 95  232 109 HOH HOH A . 
B 2 HOH 96  233 110 HOH HOH A . 
B 2 HOH 97  234 111 HOH HOH A . 
B 2 HOH 98  235 112 HOH HOH A . 
B 2 HOH 99  236 113 HOH HOH A . 
B 2 HOH 100 237 114 HOH HOH A . 
B 2 HOH 101 238 115 HOH HOH A . 
B 2 HOH 102 239 117 HOH HOH A . 
B 2 HOH 103 240 118 HOH HOH A . 
B 2 HOH 104 241 119 HOH HOH A . 
B 2 HOH 105 242 120 HOH HOH A . 
B 2 HOH 106 243 121 HOH HOH A . 
B 2 HOH 107 244 122 HOH HOH A . 
B 2 HOH 108 245 123 HOH HOH A . 
B 2 HOH 109 246 124 HOH HOH A . 
B 2 HOH 110 247 125 HOH HOH A . 
B 2 HOH 111 248 126 HOH HOH A . 
B 2 HOH 112 249 127 HOH HOH A . 
B 2 HOH 113 250 128 HOH HOH A . 
B 2 HOH 114 251 129 HOH HOH A . 
B 2 HOH 115 252 130 HOH HOH A . 
B 2 HOH 116 253 131 HOH HOH A . 
B 2 HOH 117 254 132 HOH HOH A . 
B 2 HOH 118 255 133 HOH HOH A . 
B 2 HOH 119 256 134 HOH HOH A . 
B 2 HOH 120 257 135 HOH HOH A . 
B 2 HOH 121 258 136 HOH HOH A . 
B 2 HOH 122 259 137 HOH HOH A . 
# 
loop_
_software.name 
_software.version 
_software.date 
_software.type 
_software.contact_author 
_software.contact_author_email 
_software.classification 
_software.location 
_software.language 
_software.citation_id 
_software.pdbx_ordinal 
REFMAC      .     ?               program 'Murshudov, G.N.' ccp4@dl.ac.uk            refinement        
http://www.ccp4.ac.uk/main.html  Fortran ? 1  
PDB_EXTRACT 1.401 'March 3, 2004' program H.Yang            sw-help@rcsb.rutgers.edu 'data extraction' 
http://pdb.rutgers.edu/software/ C/C++   ? 2  
HKL-2000    .     ?               ?       ?                 ?                        'data reduction'  ? ?       ? 3  
HKL-2000    .     ?               ?       ?                 ?                        'data scaling'    ? ?       ? 4  
HKL-3000    .     ?               ?       ?                 ?                        phasing           ? ?       ? 5  
SHELXD      .     ?               ?       ?                 ?                        phasing           ? ?       ? 6  
SHELXE      .     ?               ?       ?                 ?                        'model building'  ? ?       ? 7  
MLPHARE     .     ?               ?       ?                 ?                        phasing           ? ?       ? 8  
DM          .     ?               ?       ?                 ?                        phasing           ? ?       ? 9  
SOLVE       .     ?               ?       ?                 ?                        phasing           ? ?       ? 10 
RESOLVE     .     ?               ?       ?                 ?                        phasing           ? ?       ? 11 
Coot        .     ?               ?       ?                 ?                        'model building'  ? ?       ? 12 
CCP4        .     ?               ?       ?                 ?                        phasing           ? ?       ? 13 
O           .     ?               ?       ?                 ?                        'model building'  ? ?       ? 14 
# 
_cell.length_a           60.768 
_cell.length_b           94.675 
_cell.length_c           57.145 
_cell.angle_alpha        90.000 
_cell.angle_beta         90.000 
_cell.angle_gamma        90.000 
_cell.entry_id           2G3A 
_cell.pdbx_unique_axis   ? 
_cell.Z_PDB              8 
_cell.length_a_esd       ? 
_cell.length_b_esd       ? 
_cell.length_c_esd       ? 
_cell.angle_alpha_esd    ? 
_cell.angle_beta_esd     ? 
_cell.angle_gamma_esd    ? 
# 
_symmetry.Int_Tables_number                20 
_symmetry.space_group_name_H-M             'C 2 2 21' 
_symmetry.entry_id                         2G3A 
_symmetry.pdbx_full_space_group_name_H-M   ? 
_symmetry.cell_setting                     ? 
_symmetry.space_group_name_Hall            ? 
# 
_exptl.entry_id          2G3A 
_exptl.crystals_number   1 
_exptl.method            'X-RAY DIFFRACTION' 
# 
_exptl_crystal.id                    1 
_exptl_crystal.density_meas          ? 
_exptl_crystal.density_Matthews      2.39 
_exptl_crystal.density_percent_sol   48.49 
_exptl_crystal.description           ? 
_exptl_crystal.F_000                 ? 
_exptl_crystal.preparation           ? 
# 
_exptl_crystal_grow.crystal_id      1 
_exptl_crystal_grow.method          'VAPOR DIFFUSION, SITTING DROP' 
_exptl_crystal_grow.pH              8.0 
_exptl_crystal_grow.temp            293 
_exptl_crystal_grow.temp_details    ? 
_exptl_crystal_grow.pdbx_details    
'0.1M Hepes, pH 8.0, 0.1M CaCl2, 28% PEG 400, 3% MPD, 1mM AcetylCOA, VAPOR DIFFUSION, SITTING DROP, temperature 293K' 
_exptl_crystal_grow.pdbx_pH_range   . 
# 
_diffrn.id                     1 
_diffrn.ambient_temp           100 
_diffrn.ambient_temp_details   ? 
_diffrn.crystal_id             1 
# 
_diffrn_detector.diffrn_id              1 
_diffrn_detector.detector               CCD 
_diffrn_detector.type                   SBC 
_diffrn_detector.pdbx_collection_date   2006-02-10 
_diffrn_detector.details                Mirrors 
# 
_diffrn_radiation.diffrn_id                        1 
_diffrn_radiation.wavelength_id                    1 
_diffrn_radiation.pdbx_diffrn_protocol             'SINGLE WAVELENGTH' 
_diffrn_radiation.monochromator                    'SI 111 CHANNEL' 
_diffrn_radiation.pdbx_monochromatic_or_laue_m_l   M 
_diffrn_radiation.pdbx_scattering_type             x-ray 
# 
_diffrn_radiation_wavelength.id           1 
_diffrn_radiation_wavelength.wavelength   0.97924 
_diffrn_radiation_wavelength.wt           1.0 
# 
_diffrn_source.diffrn_id                   1 
_diffrn_source.source                      SYNCHROTRON 
_diffrn_source.type                        'APS BEAMLINE 19-BM' 
_diffrn_source.pdbx_wavelength             ? 
_diffrn_source.pdbx_wavelength_list        0.97924 
_diffrn_source.pdbx_synchrotron_site       APS 
_diffrn_source.pdbx_synchrotron_beamline   19-BM 
# 
_reflns.entry_id                     2G3A 
_reflns.observed_criterion_sigma_F   0 
_reflns.observed_criterion_sigma_I   -3 
_reflns.d_resolution_high            1.9 
_reflns.d_resolution_low             50 
_reflns.number_all                   13028 
_reflns.number_obs                   13028 
_reflns.percent_possible_obs         97.4 
_reflns.pdbx_Rmerge_I_obs            0.093 
_reflns.pdbx_Rsym_value              ? 
_reflns.pdbx_netI_over_sigmaI        32.7 
_reflns.B_iso_Wilson_estimate        ? 
_reflns.pdbx_redundancy              7.8 
_reflns.R_free_details               ? 
_reflns.limit_h_max                  ? 
_reflns.limit_h_min                  ? 
_reflns.limit_k_max                  ? 
_reflns.limit_k_min                  ? 
_reflns.limit_l_max                  ? 
_reflns.limit_l_min                  ? 
_reflns.observed_criterion_F_max     ? 
_reflns.observed_criterion_F_min     ? 
_reflns.pdbx_chi_squared             ? 
_reflns.pdbx_scaling_rejects         ? 
_reflns.pdbx_ordinal                 1 
_reflns.pdbx_diffrn_id               1 
# 
_reflns_shell.d_res_high             1.9 
_reflns_shell.d_res_low              1.92 
_reflns_shell.percent_possible_obs   ? 
_reflns_shell.percent_possible_all   82.0 
_reflns_shell.Rmerge_I_obs           0.39 
_reflns_shell.meanI_over_sigI_obs    3.7 
_reflns_shell.pdbx_Rsym_value        ? 
_reflns_shell.pdbx_redundancy        5.6 
_reflns_shell.number_unique_all      337 
_reflns_shell.number_measured_all    ? 
_reflns_shell.number_measured_obs    ? 
_reflns_shell.number_unique_obs      ? 
_reflns_shell.pdbx_chi_squared       ? 
_reflns_shell.pdbx_ordinal           1 
_reflns_shell.pdbx_diffrn_id         1 
# 
_refine.ls_d_res_high                            1.9 
_refine.ls_d_res_low                             50.0 
_refine.pdbx_ls_sigma_F                          ? 
_refine.ls_percent_reflns_obs                    96.740 
_refine.ls_number_reflns_obs                     13028 
_refine.pdbx_ls_cross_valid_method               THROUGHOUT 
_refine.pdbx_R_Free_selection_details            RANDOM 
_refine.ls_R_factor_all                          0.188 
_refine.ls_R_factor_R_work                       0.186 
_refine.ls_R_factor_R_free                       0.227 
_refine.ls_percent_reflns_R_free                 5.000 
_refine.ls_number_reflns_R_free                  650 
_refine.B_iso_mean                               29.492 
_refine.aniso_B[1][1]                            -2.220 
_refine.aniso_B[2][2]                            4.070 
_refine.aniso_B[3][3]                            -1.850 
_refine.aniso_B[1][2]                            0.000 
_refine.aniso_B[1][3]                            0.000 
_refine.aniso_B[2][3]                            0.000 
_refine.correlation_coeff_Fo_to_Fc               0.957 
_refine.correlation_coeff_Fo_to_Fc_free          0.938 
_refine.overall_SU_R_Cruickshank_DPI             0.145 
_refine.pdbx_overall_ESU_R_Free                  0.138 
_refine.overall_SU_ML                            0.101 
_refine.overall_SU_B                             6.530 
_refine.solvent_model_details                    MASK 
_refine.pdbx_solvent_vdw_probe_radii             1.200 
_refine.pdbx_solvent_ion_probe_radii             0.800 
_refine.pdbx_solvent_shrinkage_radii             0.800 
_refine.entry_id                                 2G3A 
_refine.pdbx_ls_sigma_I                          0 
_refine.ls_number_reflns_all                     13028 
_refine.ls_R_factor_obs                          0.188 
_refine.ls_redundancy_reflns_obs                 ? 
_refine.pdbx_data_cutoff_high_absF               ? 
_refine.pdbx_data_cutoff_low_absF                ? 
_refine.ls_number_parameters                     ? 
_refine.ls_number_restraints                     ? 
_refine.ls_R_factor_R_free_error                 ? 
_refine.ls_R_factor_R_free_error_details         ? 
_refine.pdbx_method_to_determine_struct          SAD 
_refine.pdbx_starting_model                      ? 
_refine.pdbx_stereochem_target_val_spec_case     ? 
_refine.pdbx_stereochemistry_target_values       'Engh & Huber' 
_refine.solvent_model_param_bsol                 ? 
_refine.solvent_model_param_ksol                 ? 
_refine.occupancy_max                            ? 
_refine.occupancy_min                            ? 
_refine.pdbx_isotropic_thermal_model             ? 
_refine.details                                  ? 
_refine.B_iso_min                                ? 
_refine.B_iso_max                                ? 
_refine.overall_SU_R_free                        ? 
_refine.pdbx_data_cutoff_high_rms_absF           ? 
_refine.ls_wR_factor_R_free                      ? 
_refine.ls_wR_factor_R_work                      ? 
_refine.overall_FOM_free_R_set                   ? 
_refine.overall_FOM_work_R_set                   ? 
_refine.pdbx_refine_id                           'X-RAY DIFFRACTION' 
_refine.pdbx_TLS_residual_ADP_flag               'LIKELY RESIDUAL' 
_refine.pdbx_overall_phase_error                 ? 
_refine.pdbx_diffrn_id                           1 
_refine.pdbx_overall_ESU_R                       ? 
_refine.pdbx_overall_SU_R_free_Cruickshank_DPI   ? 
_refine.pdbx_overall_SU_R_Blow_DPI               ? 
_refine.pdbx_overall_SU_R_free_Blow_DPI          ? 
# 
_refine_hist.pdbx_refine_id                   'X-RAY DIFFRACTION' 
_refine_hist.cycle_id                         LAST 
_refine_hist.pdbx_number_atoms_protein        1067 
_refine_hist.pdbx_number_atoms_nucleic_acid   0 
_refine_hist.pdbx_number_atoms_ligand         0 
_refine_hist.number_atoms_solvent             122 
_refine_hist.number_atoms_total               1189 
_refine_hist.d_res_high                       1.9 
_refine_hist.d_res_low                        50.0 
# 
loop_
_refine_ls_restr.type 
_refine_ls_restr.dev_ideal 
_refine_ls_restr.dev_ideal_target 
_refine_ls_restr.weight 
_refine_ls_restr.number 
_refine_ls_restr.pdbx_refine_id 
_refine_ls_restr.pdbx_restraint_function 
r_bond_refined_d             0.011  0.022  ? 1108 'X-RAY DIFFRACTION' ? 
r_bond_other_d               ?      ?      ? ?    'X-RAY DIFFRACTION' ? 
r_angle_refined_deg          1.144  1.967  ? 1501 'X-RAY DIFFRACTION' ? 
r_angle_other_deg            ?      ?      ? ?    'X-RAY DIFFRACTION' ? 
r_dihedral_angle_1_deg       5.399  5.000  ? 144  'X-RAY DIFFRACTION' ? 
r_dihedral_angle_2_deg       33.260 22.885 ? 52   'X-RAY DIFFRACTION' ? 
r_dihedral_angle_3_deg       12.674 15.000 ? 194  'X-RAY DIFFRACTION' ? 
r_dihedral_angle_4_deg       12.067 15.000 ? 12   'X-RAY DIFFRACTION' ? 
r_chiral_restr               0.076  0.200  ? 164  'X-RAY DIFFRACTION' ? 
r_gen_planes_refined         0.004  0.020  ? 849  'X-RAY DIFFRACTION' ? 
r_gen_planes_other           ?      ?      ? ?    'X-RAY DIFFRACTION' ? 
r_nbd_refined                0.206  0.200  ? 443  'X-RAY DIFFRACTION' ? 
r_nbd_other                  ?      ?      ? ?    'X-RAY DIFFRACTION' ? 
r_nbtor_refined              0.299  0.200  ? 754  'X-RAY DIFFRACTION' ? 
r_nbtor_other                ?      ?      ? ?    'X-RAY DIFFRACTION' ? 
r_xyhbond_nbd_refined        0.135  0.200  ? 90   'X-RAY DIFFRACTION' ? 
r_xyhbond_nbd_other          ?      ?      ? ?    'X-RAY DIFFRACTION' ? 
r_metal_ion_refined          ?      ?      ? ?    'X-RAY DIFFRACTION' ? 
r_metal_ion_other            ?      ?      ? ?    'X-RAY DIFFRACTION' ? 
r_symmetry_vdw_refined       0.183  0.200  ? 74   'X-RAY DIFFRACTION' ? 
r_symmetry_vdw_other         ?      ?      ? ?    'X-RAY DIFFRACTION' ? 
r_symmetry_hbond_refined     0.120  0.200  ? 19   'X-RAY DIFFRACTION' ? 
r_symmetry_hbond_other       ?      ?      ? ?    'X-RAY DIFFRACTION' ? 
r_symmetry_metal_ion_refined ?      ?      ? ?    'X-RAY DIFFRACTION' ? 
r_symmetry_metal_ion_other   ?      ?      ? ?    'X-RAY DIFFRACTION' ? 
r_mcbond_it                  2.095  3.000  ? 718  'X-RAY DIFFRACTION' ? 
r_mcbond_other               ?      ?      ? ?    'X-RAY DIFFRACTION' ? 
r_mcangle_it                 2.402  5.000  ? 1101 'X-RAY DIFFRACTION' ? 
r_scbond_it                  4.224  8.000  ? 454  'X-RAY DIFFRACTION' ? 
r_scangle_it                 5.822  11.000 ? 396  'X-RAY DIFFRACTION' ? 
r_rigid_bond_restr           ?      ?      ? ?    'X-RAY DIFFRACTION' ? 
r_sphericity_free            ?      ?      ? ?    'X-RAY DIFFRACTION' ? 
r_sphericity_bonded          ?      ?      ? ?    'X-RAY DIFFRACTION' ? 
# 
_refine_ls_shell.d_res_high                       1.9 
_refine_ls_shell.d_res_low                        1.943 
_refine_ls_shell.pdbx_total_number_of_bins_used   20 
_refine_ls_shell.percent_reflns_obs               78.430 
_refine_ls_shell.number_reflns_R_work             722 
_refine_ls_shell.R_factor_R_work                  0.198 
_refine_ls_shell.R_factor_R_free                  0.251 
_refine_ls_shell.percent_reflns_R_free            ? 
_refine_ls_shell.number_reflns_R_free             49 
_refine_ls_shell.R_factor_R_free_error            ? 
_refine_ls_shell.number_reflns_obs                ? 
_refine_ls_shell.redundancy_reflns_obs            ? 
_refine_ls_shell.number_reflns_all                ? 
_refine_ls_shell.R_factor_all                     ? 
_refine_ls_shell.pdbx_refine_id                   'X-RAY DIFFRACTION' 
# 
_struct.entry_id                  2G3A 
_struct.title                     'Crystal structure of putative acetyltransferase from Agrobacterium tumefaciens' 
_struct.pdbx_model_details        ? 
_struct.pdbx_CASP_flag            ? 
_struct.pdbx_model_type_details   ? 
# 
_struct_keywords.entry_id        2G3A 
_struct_keywords.pdbx_keywords   TRANSFERASE 
_struct_keywords.text            
;acetyltransferase, structural genomics, PSI, Protein Structure Initiative, Midwest Center for Structural Genomics, MCSG, TRANSFERASE
;
# 
loop_
_struct_asym.id 
_struct_asym.pdbx_blank_PDB_chainid_flag 
_struct_asym.pdbx_modified 
_struct_asym.entity_id 
_struct_asym.details 
A N N 1 ? 
B N N 2 ? 
# 
_struct_ref.id                         1 
_struct_ref.db_name                    UNP 
_struct_ref.db_code                    Q7CXI0_AGRT5 
_struct_ref.pdbx_db_accession          Q7CXI0 
_struct_ref.entity_id                  1 
_struct_ref.pdbx_seq_one_letter_code   
;MNFVLSDVADAEAEKAIRDPLVAYNLARFGESDKRDLNITIRNDDNSVTGGLVGHTARGWLYVQLLFVPEAMRGQGIAPK
LLAMAEEEARKRGCMGAYIDTMNPDALRTYERYGFTKIGSLGPLSSGQSITWLEKRF
;
_struct_ref.pdbx_align_begin           1 
_struct_ref.pdbx_db_isoform            ? 
# 
_struct_ref_seq.align_id                      1 
_struct_ref_seq.ref_id                        1 
_struct_ref_seq.pdbx_PDB_id_code              2G3A 
_struct_ref_seq.pdbx_strand_id                A 
_struct_ref_seq.seq_align_beg                 16 
_struct_ref_seq.pdbx_seq_align_beg_ins_code   ? 
_struct_ref_seq.seq_align_end                 152 
_struct_ref_seq.pdbx_seq_align_end_ins_code   ? 
_struct_ref_seq.pdbx_db_accession             Q7CXI0 
_struct_ref_seq.db_align_beg                  1 
_struct_ref_seq.pdbx_db_align_beg_ins_code    ? 
_struct_ref_seq.db_align_end                  137 
_struct_ref_seq.pdbx_db_align_end_ins_code    ? 
_struct_ref_seq.pdbx_auth_seq_align_beg       1 
_struct_ref_seq.pdbx_auth_seq_align_end       137 
# 
loop_
_struct_ref_seq_dif.align_id 
_struct_ref_seq_dif.pdbx_pdb_id_code 
_struct_ref_seq_dif.mon_id 
_struct_ref_seq_dif.pdbx_pdb_strand_id 
_struct_ref_seq_dif.seq_num 
_struct_ref_seq_dif.pdbx_pdb_ins_code 
_struct_ref_seq_dif.pdbx_seq_db_name 
_struct_ref_seq_dif.pdbx_seq_db_accession_code 
_struct_ref_seq_dif.db_mon_id 
_struct_ref_seq_dif.pdbx_seq_db_seq_num 
_struct_ref_seq_dif.details 
_struct_ref_seq_dif.pdbx_auth_seq_num 
_struct_ref_seq_dif.pdbx_ordinal 
1 2G3A MSE A 1   ? UNP Q7CXI0 ?   ?   'cloning artifact' -14 1  
1 2G3A LYS A 2   ? UNP Q7CXI0 ?   ?   'cloning artifact' -13 2  
1 2G3A PRO A 3   ? UNP Q7CXI0 ?   ?   'cloning artifact' -12 3  
1 2G3A LYS A 4   ? UNP Q7CXI0 ?   ?   'cloning artifact' -11 4  
1 2G3A SER A 5   ? UNP Q7CXI0 ?   ?   'cloning artifact' -10 5  
1 2G3A GLY A 6   ? UNP Q7CXI0 ?   ?   'cloning artifact' -9  6  
1 2G3A ALA A 7   ? UNP Q7CXI0 ?   ?   'cloning artifact' -8  7  
1 2G3A VAL A 8   ? UNP Q7CXI0 ?   ?   'cloning artifact' -7  8  
1 2G3A ARG A 9   ? UNP Q7CXI0 ?   ?   'cloning artifact' -6  9  
1 2G3A ARG A 10  ? UNP Q7CXI0 ?   ?   'cloning artifact' -5  10 
1 2G3A LEU A 11  ? UNP Q7CXI0 ?   ?   'cloning artifact' -4  11 
1 2G3A GLU A 12  ? UNP Q7CXI0 ?   ?   'cloning artifact' -3  12 
1 2G3A LYS A 13  ? UNP Q7CXI0 ?   ?   'cloning artifact' -2  13 
1 2G3A ASN A 14  ? UNP Q7CXI0 ?   ?   'cloning artifact' -1  14 
1 2G3A THR A 15  ? UNP Q7CXI0 ?   ?   'cloning artifact' 0   15 
1 2G3A MSE A 16  ? UNP Q7CXI0 MET 1   'modified residue' 1   16 
1 2G3A MSE A 87  ? UNP Q7CXI0 MET 72  'modified residue' 72  17 
1 2G3A MSE A 99  ? UNP Q7CXI0 MET 84  'modified residue' 84  18 
1 2G3A MSE A 110 ? UNP Q7CXI0 MET 95  'modified residue' 95  19 
1 2G3A MSE A 117 ? UNP Q7CXI0 MET 102 'modified residue' 102 20 
# 
_pdbx_struct_assembly.id                   1 
_pdbx_struct_assembly.details              author_and_software_defined_assembly 
_pdbx_struct_assembly.method_details       PISA,PQS 
_pdbx_struct_assembly.oligomeric_details   dimeric 
_pdbx_struct_assembly.oligomeric_count     2 
# 
loop_
_pdbx_struct_assembly_prop.biol_id 
_pdbx_struct_assembly_prop.type 
_pdbx_struct_assembly_prop.value 
_pdbx_struct_assembly_prop.details 
1 'ABSA (A^2)' 6320  ? 
1 MORE         -45   ? 
1 'SSA (A^2)'  13400 ? 
# 
_pdbx_struct_assembly_gen.assembly_id       1 
_pdbx_struct_assembly_gen.oper_expression   1,2 
_pdbx_struct_assembly_gen.asym_id_list      A,B 
# 
loop_
_pdbx_struct_oper_list.id 
_pdbx_struct_oper_list.type 
_pdbx_struct_oper_list.name 
_pdbx_struct_oper_list.symmetry_operation 
_pdbx_struct_oper_list.matrix[1][1] 
_pdbx_struct_oper_list.matrix[1][2] 
_pdbx_struct_oper_list.matrix[1][3] 
_pdbx_struct_oper_list.vector[1] 
_pdbx_struct_oper_list.matrix[2][1] 
_pdbx_struct_oper_list.matrix[2][2] 
_pdbx_struct_oper_list.matrix[2][3] 
_pdbx_struct_oper_list.vector[2] 
_pdbx_struct_oper_list.matrix[3][1] 
_pdbx_struct_oper_list.matrix[3][2] 
_pdbx_struct_oper_list.matrix[3][3] 
_pdbx_struct_oper_list.vector[3] 
1 'identity operation'         1_555 x,y,z         1.0000000000  0.0000000000 0.0000000000  0.0000000000  0.0000000000 1.0000000000 0.0000000000  0.0000000000  0.0000000000  0.0000000000  1.0000000000  0.0000000000   
2 'crystal symmetry operation' 3_655 -x+1,y,-z+1/2 -0.9929681464 0.1058395193 -0.0530307111 -6.4381521608 0.1058395193 0.5930371342 -0.7981885451 -5.2556839269 -0.0530307111 -0.7981885451 -0.6000689878 -11.3430725693 
# 
_struct_biol.id        1 
_struct_biol.details   ? 
# 
loop_
_struct_conf.conf_type_id 
_struct_conf.id 
_struct_conf.pdbx_PDB_helix_id 
_struct_conf.beg_label_comp_id 
_struct_conf.beg_label_asym_id 
_struct_conf.beg_label_seq_id 
_struct_conf.pdbx_beg_PDB_ins_code 
_struct_conf.end_label_comp_id 
_struct_conf.end_label_asym_id 
_struct_conf.end_label_seq_id 
_struct_conf.pdbx_end_PDB_ins_code 
_struct_conf.beg_auth_comp_id 
_struct_conf.beg_auth_asym_id 
_struct_conf.beg_auth_seq_id 
_struct_conf.end_auth_comp_id 
_struct_conf.end_auth_asym_id 
_struct_conf.end_auth_seq_id 
_struct_conf.pdbx_PDB_helix_class 
_struct_conf.details 
_struct_conf.pdbx_PDB_helix_length 
HELX_P HELX_P1 1 ASP A 25  ? GLY A 45  ? ASP A 10  GLY A 30  1 ? 21 
HELX_P HELX_P2 2 PRO A 84  ? ARG A 88  ? PRO A 69  ARG A 73  5 ? 5  
HELX_P HELX_P3 3 GLY A 91  ? ARG A 107 ? GLY A 76  ARG A 92  1 ? 17 
HELX_P HELX_P4 4 ASN A 118 ? GLY A 129 ? ASN A 103 GLY A 114 1 ? 12 
# 
_struct_conf_type.id          HELX_P 
_struct_conf_type.criteria    ? 
_struct_conf_type.reference   ? 
# 
loop_
_struct_conn.id 
_struct_conn.conn_type_id 
_struct_conn.pdbx_leaving_atom_flag 
_struct_conn.pdbx_PDB_id 
_struct_conn.ptnr1_label_asym_id 
_struct_conn.ptnr1_label_comp_id 
_struct_conn.ptnr1_label_seq_id 
_struct_conn.ptnr1_label_atom_id 
_struct_conn.pdbx_ptnr1_label_alt_id 
_struct_conn.pdbx_ptnr1_PDB_ins_code 
_struct_conn.pdbx_ptnr1_standard_comp_id 
_struct_conn.ptnr1_symmetry 
_struct_conn.ptnr2_label_asym_id 
_struct_conn.ptnr2_label_comp_id 
_struct_conn.ptnr2_label_seq_id 
_struct_conn.ptnr2_label_atom_id 
_struct_conn.pdbx_ptnr2_label_alt_id 
_struct_conn.pdbx_ptnr2_PDB_ins_code 
_struct_conn.ptnr1_auth_asym_id 
_struct_conn.ptnr1_auth_comp_id 
_struct_conn.ptnr1_auth_seq_id 
_struct_conn.ptnr2_auth_asym_id 
_struct_conn.ptnr2_auth_comp_id 
_struct_conn.ptnr2_auth_seq_id 
_struct_conn.ptnr2_symmetry 
_struct_conn.pdbx_ptnr3_label_atom_id 
_struct_conn.pdbx_ptnr3_label_seq_id 
_struct_conn.pdbx_ptnr3_label_comp_id 
_struct_conn.pdbx_ptnr3_label_asym_id 
_struct_conn.pdbx_ptnr3_label_alt_id 
_struct_conn.pdbx_ptnr3_PDB_ins_code 
_struct_conn.details 
_struct_conn.pdbx_dist_value 
_struct_conn.pdbx_value_order 
_struct_conn.pdbx_role 
covale1 covale both ? A MSE 16  C ? ? ? 1_555 A ASN 17  N ? ? A MSE 1   A ASN 2   1_555 ? ? ? ? ? ? ? 1.331 ? ? 
covale2 covale both ? A ALA 86  C ? ? ? 1_555 A MSE 87  N ? ? A ALA 71  A MSE 72  1_555 ? ? ? ? ? ? ? 1.333 ? ? 
covale3 covale both ? A MSE 87  C ? ? ? 1_555 A ARG 88  N ? ? A MSE 72  A ARG 73  1_555 ? ? ? ? ? ? ? 1.330 ? ? 
covale4 covale both ? A ALA 98  C ? ? ? 1_555 A MSE 99  N ? ? A ALA 83  A MSE 84  1_555 ? ? ? ? ? ? ? 1.330 ? ? 
covale5 covale both ? A MSE 99  C ? ? ? 1_555 A ALA 100 N ? ? A MSE 84  A ALA 85  1_555 ? ? ? ? ? ? ? 1.331 ? ? 
covale6 covale both ? A CYS 109 C ? ? ? 1_555 A MSE 110 N ? ? A CYS 94  A MSE 95  1_555 ? ? ? ? ? ? ? 1.333 ? ? 
covale7 covale both ? A MSE 110 C ? ? ? 1_555 A GLY 111 N ? ? A MSE 95  A GLY 96  1_555 ? ? ? ? ? ? ? 1.322 ? ? 
covale8 covale both ? A THR 116 C ? ? ? 1_555 A MSE 117 N ? ? A THR 101 A MSE 102 1_555 ? ? ? ? ? ? ? 1.329 ? ? 
covale9 covale both ? A MSE 117 C ? ? ? 1_555 A ASN 118 N ? ? A MSE 102 A ASN 103 1_555 ? ? ? ? ? ? ? 1.331 ? ? 
# 
_struct_conn_type.id          covale 
_struct_conn_type.criteria    ? 
_struct_conn_type.reference   ? 
# 
loop_
_pdbx_modification_feature.ordinal 
_pdbx_modification_feature.label_comp_id 
_pdbx_modification_feature.label_asym_id 
_pdbx_modification_feature.label_seq_id 
_pdbx_modification_feature.label_alt_id 
_pdbx_modification_feature.modified_residue_label_comp_id 
_pdbx_modification_feature.modified_residue_label_asym_id 
_pdbx_modification_feature.modified_residue_label_seq_id 
_pdbx_modification_feature.modified_residue_label_alt_id 
_pdbx_modification_feature.auth_comp_id 
_pdbx_modification_feature.auth_asym_id 
_pdbx_modification_feature.auth_seq_id 
_pdbx_modification_feature.PDB_ins_code 
_pdbx_modification_feature.symmetry 
_pdbx_modification_feature.modified_residue_auth_comp_id 
_pdbx_modification_feature.modified_residue_auth_asym_id 
_pdbx_modification_feature.modified_residue_auth_seq_id 
_pdbx_modification_feature.modified_residue_PDB_ins_code 
_pdbx_modification_feature.modified_residue_symmetry 
_pdbx_modification_feature.comp_id_linking_atom 
_pdbx_modification_feature.modified_residue_id_linking_atom 
_pdbx_modification_feature.modified_residue_id 
_pdbx_modification_feature.ref_pcm_id 
_pdbx_modification_feature.ref_comp_id 
_pdbx_modification_feature.type 
_pdbx_modification_feature.category 
1 MSE A 16  ? . . . . MSE A 1   ? 1_555 . . . . . . . MET 1 MSE Selenomethionine 'Named protein modification' 
2 MSE A 87  ? . . . . MSE A 72  ? 1_555 . . . . . . . MET 1 MSE Selenomethionine 'Named protein modification' 
3 MSE A 99  ? . . . . MSE A 84  ? 1_555 . . . . . . . MET 1 MSE Selenomethionine 'Named protein modification' 
4 MSE A 110 ? . . . . MSE A 95  ? 1_555 . . . . . . . MET 1 MSE Selenomethionine 'Named protein modification' 
5 MSE A 117 ? . . . . MSE A 102 ? 1_555 . . . . . . . MET 1 MSE Selenomethionine 'Named protein modification' 
# 
_struct_mon_prot_cis.pdbx_id                1 
_struct_mon_prot_cis.label_comp_id          GLY 
_struct_mon_prot_cis.label_seq_id           137 
_struct_mon_prot_cis.label_asym_id          A 
_struct_mon_prot_cis.label_alt_id           . 
_struct_mon_prot_cis.pdbx_PDB_ins_code      ? 
_struct_mon_prot_cis.auth_comp_id           GLY 
_struct_mon_prot_cis.auth_seq_id            122 
_struct_mon_prot_cis.auth_asym_id           A 
_struct_mon_prot_cis.pdbx_label_comp_id_2   PRO 
_struct_mon_prot_cis.pdbx_label_seq_id_2    138 
_struct_mon_prot_cis.pdbx_label_asym_id_2   A 
_struct_mon_prot_cis.pdbx_PDB_ins_code_2    ? 
_struct_mon_prot_cis.pdbx_auth_comp_id_2    PRO 
_struct_mon_prot_cis.pdbx_auth_seq_id_2     123 
_struct_mon_prot_cis.pdbx_auth_asym_id_2    A 
_struct_mon_prot_cis.pdbx_PDB_model_num     1 
_struct_mon_prot_cis.pdbx_omega_angle       2.84 
# 
_struct_sheet.id               A 
_struct_sheet.type             ? 
_struct_sheet.number_strands   6 
_struct_sheet.details          ? 
# 
loop_
_struct_sheet_order.sheet_id 
_struct_sheet_order.range_id_1 
_struct_sheet_order.range_id_2 
_struct_sheet_order.offset 
_struct_sheet_order.sense 
A 1 2 ? anti-parallel 
A 2 3 ? anti-parallel 
A 3 4 ? parallel      
A 4 5 ? anti-parallel 
A 5 6 ? anti-parallel 
# 
loop_
_struct_sheet_range.sheet_id 
_struct_sheet_range.id 
_struct_sheet_range.beg_label_comp_id 
_struct_sheet_range.beg_label_asym_id 
_struct_sheet_range.beg_label_seq_id 
_struct_sheet_range.pdbx_beg_PDB_ins_code 
_struct_sheet_range.end_label_comp_id 
_struct_sheet_range.end_label_asym_id 
_struct_sheet_range.end_label_seq_id 
_struct_sheet_range.pdbx_end_PDB_ins_code 
_struct_sheet_range.beg_auth_comp_id 
_struct_sheet_range.beg_auth_asym_id 
_struct_sheet_range.beg_auth_seq_id 
_struct_sheet_range.end_auth_comp_id 
_struct_sheet_range.end_auth_asym_id 
_struct_sheet_range.end_auth_seq_id 
A 1 ARG A 50  ? ARG A 57  ? ARG A 35  ARG A 42  
A 2 VAL A 63  ? ALA A 72  ? VAL A 48  ALA A 57  
A 3 TRP A 75  ? PHE A 82  ? TRP A 60  PHE A 67  
A 4 GLY A 111 ? THR A 116 ? GLY A 96  THR A 101 
A 5 ILE A 145 ? ARG A 151 ? ILE A 130 ARG A 136 
A 6 THR A 131 ? LEU A 136 ? THR A 116 LEU A 121 
# 
loop_
_pdbx_struct_sheet_hbond.sheet_id 
_pdbx_struct_sheet_hbond.range_id_1 
_pdbx_struct_sheet_hbond.range_id_2 
_pdbx_struct_sheet_hbond.range_1_label_atom_id 
_pdbx_struct_sheet_hbond.range_1_label_comp_id 
_pdbx_struct_sheet_hbond.range_1_label_asym_id 
_pdbx_struct_sheet_hbond.range_1_label_seq_id 
_pdbx_struct_sheet_hbond.range_1_PDB_ins_code 
_pdbx_struct_sheet_hbond.range_1_auth_atom_id 
_pdbx_struct_sheet_hbond.range_1_auth_comp_id 
_pdbx_struct_sheet_hbond.range_1_auth_asym_id 
_pdbx_struct_sheet_hbond.range_1_auth_seq_id 
_pdbx_struct_sheet_hbond.range_2_label_atom_id 
_pdbx_struct_sheet_hbond.range_2_label_comp_id 
_pdbx_struct_sheet_hbond.range_2_label_asym_id 
_pdbx_struct_sheet_hbond.range_2_label_seq_id 
_pdbx_struct_sheet_hbond.range_2_PDB_ins_code 
_pdbx_struct_sheet_hbond.range_2_auth_atom_id 
_pdbx_struct_sheet_hbond.range_2_auth_comp_id 
_pdbx_struct_sheet_hbond.range_2_auth_asym_id 
_pdbx_struct_sheet_hbond.range_2_auth_seq_id 
A 1 2 N ILE A 56  ? N ILE A 41  O THR A 64  ? O THR A 49  
A 2 3 N HIS A 70  ? N HIS A 55  O TYR A 77  ? O TYR A 62  
A 3 4 N LEU A 76  ? N LEU A 61  O TYR A 113 ? O TYR A 98  
A 4 5 N ILE A 114 ? N ILE A 99  O LEU A 148 ? O LEU A 133 
A 5 6 O TRP A 147 ? O TRP A 132 N ILE A 133 ? N ILE A 118 
# 
_pdbx_entry_details.entry_id                   2G3A 
_pdbx_entry_details.compound_details           ? 
_pdbx_entry_details.source_details             ? 
_pdbx_entry_details.nonpolymer_details         ? 
_pdbx_entry_details.sequence_details           ? 
_pdbx_entry_details.has_ligand_of_interest     ? 
_pdbx_entry_details.has_protein_modification   Y 
# 
_pdbx_validate_torsion.id              1 
_pdbx_validate_torsion.PDB_model_num   1 
_pdbx_validate_torsion.auth_comp_id    GLN 
_pdbx_validate_torsion.auth_asym_id    A 
_pdbx_validate_torsion.auth_seq_id     75 
_pdbx_validate_torsion.PDB_ins_code    ? 
_pdbx_validate_torsion.label_alt_id    ? 
_pdbx_validate_torsion.phi             -141.19 
_pdbx_validate_torsion.psi             21.68 
# 
_pdbx_SG_project.id                    1 
_pdbx_SG_project.project_name          'PSI, Protein Structure Initiative' 
_pdbx_SG_project.full_name_of_center   'Midwest Center for Structural Genomics' 
_pdbx_SG_project.initial_of_center     MCSG 
# 
loop_
_pdbx_struct_mod_residue.id 
_pdbx_struct_mod_residue.label_asym_id 
_pdbx_struct_mod_residue.label_comp_id 
_pdbx_struct_mod_residue.label_seq_id 
_pdbx_struct_mod_residue.auth_asym_id 
_pdbx_struct_mod_residue.auth_comp_id 
_pdbx_struct_mod_residue.auth_seq_id 
_pdbx_struct_mod_residue.PDB_ins_code 
_pdbx_struct_mod_residue.parent_comp_id 
_pdbx_struct_mod_residue.details 
1 A MSE 16  A MSE 1   ? MET SELENOMETHIONINE 
2 A MSE 87  A MSE 72  ? MET SELENOMETHIONINE 
3 A MSE 99  A MSE 84  ? MET SELENOMETHIONINE 
4 A MSE 110 A MSE 95  ? MET SELENOMETHIONINE 
5 A MSE 117 A MSE 102 ? MET SELENOMETHIONINE 
# 
loop_
_pdbx_refine_tls.id 
_pdbx_refine_tls.details 
_pdbx_refine_tls.method 
_pdbx_refine_tls.origin_x 
_pdbx_refine_tls.origin_y 
_pdbx_refine_tls.origin_z 
_pdbx_refine_tls.T[1][1] 
_pdbx_refine_tls.T[2][2] 
_pdbx_refine_tls.T[3][3] 
_pdbx_refine_tls.T[1][2] 
_pdbx_refine_tls.T[1][3] 
_pdbx_refine_tls.T[2][3] 
_pdbx_refine_tls.L[1][1] 
_pdbx_refine_tls.L[2][2] 
_pdbx_refine_tls.L[3][3] 
_pdbx_refine_tls.L[1][2] 
_pdbx_refine_tls.L[1][3] 
_pdbx_refine_tls.L[2][3] 
_pdbx_refine_tls.S[1][1] 
_pdbx_refine_tls.S[2][2] 
_pdbx_refine_tls.S[3][3] 
_pdbx_refine_tls.S[1][2] 
_pdbx_refine_tls.S[1][3] 
_pdbx_refine_tls.S[2][3] 
_pdbx_refine_tls.S[2][1] 
_pdbx_refine_tls.S[3][1] 
_pdbx_refine_tls.S[3][2] 
_pdbx_refine_tls.pdbx_refine_id 
1 ? ? -0.9043 -15.0723 -13.2855 0.0779  -0.1015 -0.0303 0.0615  0.0214 0.1024 7.7817 2.7269 2.5708 1.4476  0.5979 2.4668 0.0478  0.0745 -0.1224 -0.2968 -0.6559 -0.0376 0.5705 0.7796 0.2638 'X-RAY DIFFRACTION' 
2 ? ? 0.8722  4.2898   4.1300   -0.0573 -0.0821 -0.0481 -0.0027 0.0105 0.0035 2.2068 0.9565 2.9325 -0.7034 0.0362 0.2700 -0.0625 0.0336 0.0290  -0.1456 -0.0826 0.0662  0.1607 0.1541 0.0957 'X-RAY DIFFRACTION' 
# 
loop_
_pdbx_refine_tls_group.id 
_pdbx_refine_tls_group.refine_tls_id 
_pdbx_refine_tls_group.beg_label_asym_id 
_pdbx_refine_tls_group.beg_label_seq_id 
_pdbx_refine_tls_group.end_label_asym_id 
_pdbx_refine_tls_group.end_label_seq_id 
_pdbx_refine_tls_group.selection 
_pdbx_refine_tls_group.beg_auth_asym_id 
_pdbx_refine_tls_group.beg_auth_seq_id 
_pdbx_refine_tls_group.end_auth_asym_id 
_pdbx_refine_tls_group.end_auth_seq_id 
_pdbx_refine_tls_group.pdbx_refine_id 
_pdbx_refine_tls_group.selection_details 
1 1 A 16 A 48  ALL A 1  A 33  'X-RAY DIFFRACTION' ? 
2 2 A 49 A 152 ALL A 34 A 137 'X-RAY DIFFRACTION' ? 
# 
loop_
_pdbx_unobs_or_zero_occ_residues.id 
_pdbx_unobs_or_zero_occ_residues.PDB_model_num 
_pdbx_unobs_or_zero_occ_residues.polymer_flag 
_pdbx_unobs_or_zero_occ_residues.occupancy_flag 
_pdbx_unobs_or_zero_occ_residues.auth_asym_id 
_pdbx_unobs_or_zero_occ_residues.auth_comp_id 
_pdbx_unobs_or_zero_occ_residues.auth_seq_id 
_pdbx_unobs_or_zero_occ_residues.PDB_ins_code 
_pdbx_unobs_or_zero_occ_residues.label_asym_id 
_pdbx_unobs_or_zero_occ_residues.label_comp_id 
_pdbx_unobs_or_zero_occ_residues.label_seq_id 
1  1 Y 1 A MSE -14 ? A MSE 1  
2  1 Y 1 A LYS -13 ? A LYS 2  
3  1 Y 1 A PRO -12 ? A PRO 3  
4  1 Y 1 A LYS -11 ? A LYS 4  
5  1 Y 1 A SER -10 ? A SER 5  
6  1 Y 1 A GLY -9  ? A GLY 6  
7  1 Y 1 A ALA -8  ? A ALA 7  
8  1 Y 1 A VAL -7  ? A VAL 8  
9  1 Y 1 A ARG -6  ? A ARG 9  
10 1 Y 1 A ARG -5  ? A ARG 10 
11 1 Y 1 A LEU -4  ? A LEU 11 
12 1 Y 1 A GLU -3  ? A GLU 12 
13 1 Y 1 A LYS -2  ? A LYS 13 
14 1 Y 1 A ASN -1  ? A ASN 14 
15 1 Y 1 A THR 0   ? A THR 15 
# 
loop_
_chem_comp_atom.comp_id 
_chem_comp_atom.atom_id 
_chem_comp_atom.type_symbol 
_chem_comp_atom.pdbx_aromatic_flag 
_chem_comp_atom.pdbx_stereo_config 
_chem_comp_atom.pdbx_ordinal 
ALA N    N  N N 1   
ALA CA   C  N S 2   
ALA C    C  N N 3   
ALA O    O  N N 4   
ALA CB   C  N N 5   
ALA OXT  O  N N 6   
ALA H    H  N N 7   
ALA H2   H  N N 8   
ALA HA   H  N N 9   
ALA HB1  H  N N 10  
ALA HB2  H  N N 11  
ALA HB3  H  N N 12  
ALA HXT  H  N N 13  
ARG N    N  N N 14  
ARG CA   C  N S 15  
ARG C    C  N N 16  
ARG O    O  N N 17  
ARG CB   C  N N 18  
ARG CG   C  N N 19  
ARG CD   C  N N 20  
ARG NE   N  N N 21  
ARG CZ   C  N N 22  
ARG NH1  N  N N 23  
ARG NH2  N  N N 24  
ARG OXT  O  N N 25  
ARG H    H  N N 26  
ARG H2   H  N N 27  
ARG HA   H  N N 28  
ARG HB2  H  N N 29  
ARG HB3  H  N N 30  
ARG HG2  H  N N 31  
ARG HG3  H  N N 32  
ARG HD2  H  N N 33  
ARG HD3  H  N N 34  
ARG HE   H  N N 35  
ARG HH11 H  N N 36  
ARG HH12 H  N N 37  
ARG HH21 H  N N 38  
ARG HH22 H  N N 39  
ARG HXT  H  N N 40  
ASN N    N  N N 41  
ASN CA   C  N S 42  
ASN C    C  N N 43  
ASN O    O  N N 44  
ASN CB   C  N N 45  
ASN CG   C  N N 46  
ASN OD1  O  N N 47  
ASN ND2  N  N N 48  
ASN OXT  O  N N 49  
ASN H    H  N N 50  
ASN H2   H  N N 51  
ASN HA   H  N N 52  
ASN HB2  H  N N 53  
ASN HB3  H  N N 54  
ASN HD21 H  N N 55  
ASN HD22 H  N N 56  
ASN HXT  H  N N 57  
ASP N    N  N N 58  
ASP CA   C  N S 59  
ASP C    C  N N 60  
ASP O    O  N N 61  
ASP CB   C  N N 62  
ASP CG   C  N N 63  
ASP OD1  O  N N 64  
ASP OD2  O  N N 65  
ASP OXT  O  N N 66  
ASP H    H  N N 67  
ASP H2   H  N N 68  
ASP HA   H  N N 69  
ASP HB2  H  N N 70  
ASP HB3  H  N N 71  
ASP HD2  H  N N 72  
ASP HXT  H  N N 73  
CYS N    N  N N 74  
CYS CA   C  N R 75  
CYS C    C  N N 76  
CYS O    O  N N 77  
CYS CB   C  N N 78  
CYS SG   S  N N 79  
CYS OXT  O  N N 80  
CYS H    H  N N 81  
CYS H2   H  N N 82  
CYS HA   H  N N 83  
CYS HB2  H  N N 84  
CYS HB3  H  N N 85  
CYS HG   H  N N 86  
CYS HXT  H  N N 87  
GLN N    N  N N 88  
GLN CA   C  N S 89  
GLN C    C  N N 90  
GLN O    O  N N 91  
GLN CB   C  N N 92  
GLN CG   C  N N 93  
GLN CD   C  N N 94  
GLN OE1  O  N N 95  
GLN NE2  N  N N 96  
GLN OXT  O  N N 97  
GLN H    H  N N 98  
GLN H2   H  N N 99  
GLN HA   H  N N 100 
GLN HB2  H  N N 101 
GLN HB3  H  N N 102 
GLN HG2  H  N N 103 
GLN HG3  H  N N 104 
GLN HE21 H  N N 105 
GLN HE22 H  N N 106 
GLN HXT  H  N N 107 
GLU N    N  N N 108 
GLU CA   C  N S 109 
GLU C    C  N N 110 
GLU O    O  N N 111 
GLU CB   C  N N 112 
GLU CG   C  N N 113 
GLU CD   C  N N 114 
GLU OE1  O  N N 115 
GLU OE2  O  N N 116 
GLU OXT  O  N N 117 
GLU H    H  N N 118 
GLU H2   H  N N 119 
GLU HA   H  N N 120 
GLU HB2  H  N N 121 
GLU HB3  H  N N 122 
GLU HG2  H  N N 123 
GLU HG3  H  N N 124 
GLU HE2  H  N N 125 
GLU HXT  H  N N 126 
GLY N    N  N N 127 
GLY CA   C  N N 128 
GLY C    C  N N 129 
GLY O    O  N N 130 
GLY OXT  O  N N 131 
GLY H    H  N N 132 
GLY H2   H  N N 133 
GLY HA2  H  N N 134 
GLY HA3  H  N N 135 
GLY HXT  H  N N 136 
HIS N    N  N N 137 
HIS CA   C  N S 138 
HIS C    C  N N 139 
HIS O    O  N N 140 
HIS CB   C  N N 141 
HIS CG   C  Y N 142 
HIS ND1  N  Y N 143 
HIS CD2  C  Y N 144 
HIS CE1  C  Y N 145 
HIS NE2  N  Y N 146 
HIS OXT  O  N N 147 
HIS H    H  N N 148 
HIS H2   H  N N 149 
HIS HA   H  N N 150 
HIS HB2  H  N N 151 
HIS HB3  H  N N 152 
HIS HD1  H  N N 153 
HIS HD2  H  N N 154 
HIS HE1  H  N N 155 
HIS HE2  H  N N 156 
HIS HXT  H  N N 157 
HOH O    O  N N 158 
HOH H1   H  N N 159 
HOH H2   H  N N 160 
ILE N    N  N N 161 
ILE CA   C  N S 162 
ILE C    C  N N 163 
ILE O    O  N N 164 
ILE CB   C  N S 165 
ILE CG1  C  N N 166 
ILE CG2  C  N N 167 
ILE CD1  C  N N 168 
ILE OXT  O  N N 169 
ILE H    H  N N 170 
ILE H2   H  N N 171 
ILE HA   H  N N 172 
ILE HB   H  N N 173 
ILE HG12 H  N N 174 
ILE HG13 H  N N 175 
ILE HG21 H  N N 176 
ILE HG22 H  N N 177 
ILE HG23 H  N N 178 
ILE HD11 H  N N 179 
ILE HD12 H  N N 180 
ILE HD13 H  N N 181 
ILE HXT  H  N N 182 
LEU N    N  N N 183 
LEU CA   C  N S 184 
LEU C    C  N N 185 
LEU O    O  N N 186 
LEU CB   C  N N 187 
LEU CG   C  N N 188 
LEU CD1  C  N N 189 
LEU CD2  C  N N 190 
LEU OXT  O  N N 191 
LEU H    H  N N 192 
LEU H2   H  N N 193 
LEU HA   H  N N 194 
LEU HB2  H  N N 195 
LEU HB3  H  N N 196 
LEU HG   H  N N 197 
LEU HD11 H  N N 198 
LEU HD12 H  N N 199 
LEU HD13 H  N N 200 
LEU HD21 H  N N 201 
LEU HD22 H  N N 202 
LEU HD23 H  N N 203 
LEU HXT  H  N N 204 
LYS N    N  N N 205 
LYS CA   C  N S 206 
LYS C    C  N N 207 
LYS O    O  N N 208 
LYS CB   C  N N 209 
LYS CG   C  N N 210 
LYS CD   C  N N 211 
LYS CE   C  N N 212 
LYS NZ   N  N N 213 
LYS OXT  O  N N 214 
LYS H    H  N N 215 
LYS H2   H  N N 216 
LYS HA   H  N N 217 
LYS HB2  H  N N 218 
LYS HB3  H  N N 219 
LYS HG2  H  N N 220 
LYS HG3  H  N N 221 
LYS HD2  H  N N 222 
LYS HD3  H  N N 223 
LYS HE2  H  N N 224 
LYS HE3  H  N N 225 
LYS HZ1  H  N N 226 
LYS HZ2  H  N N 227 
LYS HZ3  H  N N 228 
LYS HXT  H  N N 229 
MET N    N  N N 230 
MET CA   C  N S 231 
MET C    C  N N 232 
MET O    O  N N 233 
MET CB   C  N N 234 
MET CG   C  N N 235 
MET SD   S  N N 236 
MET CE   C  N N 237 
MET OXT  O  N N 238 
MET H    H  N N 239 
MET H2   H  N N 240 
MET HA   H  N N 241 
MET HB2  H  N N 242 
MET HB3  H  N N 243 
MET HG2  H  N N 244 
MET HG3  H  N N 245 
MET HE1  H  N N 246 
MET HE2  H  N N 247 
MET HE3  H  N N 248 
MET HXT  H  N N 249 
MSE N    N  N N 250 
MSE CA   C  N S 251 
MSE C    C  N N 252 
MSE O    O  N N 253 
MSE OXT  O  N N 254 
MSE CB   C  N N 255 
MSE CG   C  N N 256 
MSE SE   SE N N 257 
MSE CE   C  N N 258 
MSE H    H  N N 259 
MSE H2   H  N N 260 
MSE HA   H  N N 261 
MSE HXT  H  N N 262 
MSE HB2  H  N N 263 
MSE HB3  H  N N 264 
MSE HG2  H  N N 265 
MSE HG3  H  N N 266 
MSE HE1  H  N N 267 
MSE HE2  H  N N 268 
MSE HE3  H  N N 269 
PHE N    N  N N 270 
PHE CA   C  N S 271 
PHE C    C  N N 272 
PHE O    O  N N 273 
PHE CB   C  N N 274 
PHE CG   C  Y N 275 
PHE CD1  C  Y N 276 
PHE CD2  C  Y N 277 
PHE CE1  C  Y N 278 
PHE CE2  C  Y N 279 
PHE CZ   C  Y N 280 
PHE OXT  O  N N 281 
PHE H    H  N N 282 
PHE H2   H  N N 283 
PHE HA   H  N N 284 
PHE HB2  H  N N 285 
PHE HB3  H  N N 286 
PHE HD1  H  N N 287 
PHE HD2  H  N N 288 
PHE HE1  H  N N 289 
PHE HE2  H  N N 290 
PHE HZ   H  N N 291 
PHE HXT  H  N N 292 
PRO N    N  N N 293 
PRO CA   C  N S 294 
PRO C    C  N N 295 
PRO O    O  N N 296 
PRO CB   C  N N 297 
PRO CG   C  N N 298 
PRO CD   C  N N 299 
PRO OXT  O  N N 300 
PRO H    H  N N 301 
PRO HA   H  N N 302 
PRO HB2  H  N N 303 
PRO HB3  H  N N 304 
PRO HG2  H  N N 305 
PRO HG3  H  N N 306 
PRO HD2  H  N N 307 
PRO HD3  H  N N 308 
PRO HXT  H  N N 309 
SER N    N  N N 310 
SER CA   C  N S 311 
SER C    C  N N 312 
SER O    O  N N 313 
SER CB   C  N N 314 
SER OG   O  N N 315 
SER OXT  O  N N 316 
SER H    H  N N 317 
SER H2   H  N N 318 
SER HA   H  N N 319 
SER HB2  H  N N 320 
SER HB3  H  N N 321 
SER HG   H  N N 322 
SER HXT  H  N N 323 
THR N    N  N N 324 
THR CA   C  N S 325 
THR C    C  N N 326 
THR O    O  N N 327 
THR CB   C  N R 328 
THR OG1  O  N N 329 
THR CG2  C  N N 330 
THR OXT  O  N N 331 
THR H    H  N N 332 
THR H2   H  N N 333 
THR HA   H  N N 334 
THR HB   H  N N 335 
THR HG1  H  N N 336 
THR HG21 H  N N 337 
THR HG22 H  N N 338 
THR HG23 H  N N 339 
THR HXT  H  N N 340 
TRP N    N  N N 341 
TRP CA   C  N S 342 
TRP C    C  N N 343 
TRP O    O  N N 344 
TRP CB   C  N N 345 
TRP CG   C  Y N 346 
TRP CD1  C  Y N 347 
TRP CD2  C  Y N 348 
TRP NE1  N  Y N 349 
TRP CE2  C  Y N 350 
TRP CE3  C  Y N 351 
TRP CZ2  C  Y N 352 
TRP CZ3  C  Y N 353 
TRP CH2  C  Y N 354 
TRP OXT  O  N N 355 
TRP H    H  N N 356 
TRP H2   H  N N 357 
TRP HA   H  N N 358 
TRP HB2  H  N N 359 
TRP HB3  H  N N 360 
TRP HD1  H  N N 361 
TRP HE1  H  N N 362 
TRP HE3  H  N N 363 
TRP HZ2  H  N N 364 
TRP HZ3  H  N N 365 
TRP HH2  H  N N 366 
TRP HXT  H  N N 367 
TYR N    N  N N 368 
TYR CA   C  N S 369 
TYR C    C  N N 370 
TYR O    O  N N 371 
TYR CB   C  N N 372 
TYR CG   C  Y N 373 
TYR CD1  C  Y N 374 
TYR CD2  C  Y N 375 
TYR CE1  C  Y N 376 
TYR CE2  C  Y N 377 
TYR CZ   C  Y N 378 
TYR OH   O  N N 379 
TYR OXT  O  N N 380 
TYR H    H  N N 381 
TYR H2   H  N N 382 
TYR HA   H  N N 383 
TYR HB2  H  N N 384 
TYR HB3  H  N N 385 
TYR HD1  H  N N 386 
TYR HD2  H  N N 387 
TYR HE1  H  N N 388 
TYR HE2  H  N N 389 
TYR HH   H  N N 390 
TYR HXT  H  N N 391 
VAL N    N  N N 392 
VAL CA   C  N S 393 
VAL C    C  N N 394 
VAL O    O  N N 395 
VAL CB   C  N N 396 
VAL CG1  C  N N 397 
VAL CG2  C  N N 398 
VAL OXT  O  N N 399 
VAL H    H  N N 400 
VAL H2   H  N N 401 
VAL HA   H  N N 402 
VAL HB   H  N N 403 
VAL HG11 H  N N 404 
VAL HG12 H  N N 405 
VAL HG13 H  N N 406 
VAL HG21 H  N N 407 
VAL HG22 H  N N 408 
VAL HG23 H  N N 409 
VAL HXT  H  N N 410 
# 
loop_
_chem_comp_bond.comp_id 
_chem_comp_bond.atom_id_1 
_chem_comp_bond.atom_id_2 
_chem_comp_bond.value_order 
_chem_comp_bond.pdbx_aromatic_flag 
_chem_comp_bond.pdbx_stereo_config 
_chem_comp_bond.pdbx_ordinal 
ALA N   CA   sing N N 1   
ALA N   H    sing N N 2   
ALA N   H2   sing N N 3   
ALA CA  C    sing N N 4   
ALA CA  CB   sing N N 5   
ALA CA  HA   sing N N 6   
ALA C   O    doub N N 7   
ALA C   OXT  sing N N 8   
ALA CB  HB1  sing N N 9   
ALA CB  HB2  sing N N 10  
ALA CB  HB3  sing N N 11  
ALA OXT HXT  sing N N 12  
ARG N   CA   sing N N 13  
ARG N   H    sing N N 14  
ARG N   H2   sing N N 15  
ARG CA  C    sing N N 16  
ARG CA  CB   sing N N 17  
ARG CA  HA   sing N N 18  
ARG C   O    doub N N 19  
ARG C   OXT  sing N N 20  
ARG CB  CG   sing N N 21  
ARG CB  HB2  sing N N 22  
ARG CB  HB3  sing N N 23  
ARG CG  CD   sing N N 24  
ARG CG  HG2  sing N N 25  
ARG CG  HG3  sing N N 26  
ARG CD  NE   sing N N 27  
ARG CD  HD2  sing N N 28  
ARG CD  HD3  sing N N 29  
ARG NE  CZ   sing N N 30  
ARG NE  HE   sing N N 31  
ARG CZ  NH1  sing N N 32  
ARG CZ  NH2  doub N N 33  
ARG NH1 HH11 sing N N 34  
ARG NH1 HH12 sing N N 35  
ARG NH2 HH21 sing N N 36  
ARG NH2 HH22 sing N N 37  
ARG OXT HXT  sing N N 38  
ASN N   CA   sing N N 39  
ASN N   H    sing N N 40  
ASN N   H2   sing N N 41  
ASN CA  C    sing N N 42  
ASN CA  CB   sing N N 43  
ASN CA  HA   sing N N 44  
ASN C   O    doub N N 45  
ASN C   OXT  sing N N 46  
ASN CB  CG   sing N N 47  
ASN CB  HB2  sing N N 48  
ASN CB  HB3  sing N N 49  
ASN CG  OD1  doub N N 50  
ASN CG  ND2  sing N N 51  
ASN ND2 HD21 sing N N 52  
ASN ND2 HD22 sing N N 53  
ASN OXT HXT  sing N N 54  
ASP N   CA   sing N N 55  
ASP N   H    sing N N 56  
ASP N   H2   sing N N 57  
ASP CA  C    sing N N 58  
ASP CA  CB   sing N N 59  
ASP CA  HA   sing N N 60  
ASP C   O    doub N N 61  
ASP C   OXT  sing N N 62  
ASP CB  CG   sing N N 63  
ASP CB  HB2  sing N N 64  
ASP CB  HB3  sing N N 65  
ASP CG  OD1  doub N N 66  
ASP CG  OD2  sing N N 67  
ASP OD2 HD2  sing N N 68  
ASP OXT HXT  sing N N 69  
CYS N   CA   sing N N 70  
CYS N   H    sing N N 71  
CYS N   H2   sing N N 72  
CYS CA  C    sing N N 73  
CYS CA  CB   sing N N 74  
CYS CA  HA   sing N N 75  
CYS C   O    doub N N 76  
CYS C   OXT  sing N N 77  
CYS CB  SG   sing N N 78  
CYS CB  HB2  sing N N 79  
CYS CB  HB3  sing N N 80  
CYS SG  HG   sing N N 81  
CYS OXT HXT  sing N N 82  
GLN N   CA   sing N N 83  
GLN N   H    sing N N 84  
GLN N   H2   sing N N 85  
GLN CA  C    sing N N 86  
GLN CA  CB   sing N N 87  
GLN CA  HA   sing N N 88  
GLN C   O    doub N N 89  
GLN C   OXT  sing N N 90  
GLN CB  CG   sing N N 91  
GLN CB  HB2  sing N N 92  
GLN CB  HB3  sing N N 93  
GLN CG  CD   sing N N 94  
GLN CG  HG2  sing N N 95  
GLN CG  HG3  sing N N 96  
GLN CD  OE1  doub N N 97  
GLN CD  NE2  sing N N 98  
GLN NE2 HE21 sing N N 99  
GLN NE2 HE22 sing N N 100 
GLN OXT HXT  sing N N 101 
GLU N   CA   sing N N 102 
GLU N   H    sing N N 103 
GLU N   H2   sing N N 104 
GLU CA  C    sing N N 105 
GLU CA  CB   sing N N 106 
GLU CA  HA   sing N N 107 
GLU C   O    doub N N 108 
GLU C   OXT  sing N N 109 
GLU CB  CG   sing N N 110 
GLU CB  HB2  sing N N 111 
GLU CB  HB3  sing N N 112 
GLU CG  CD   sing N N 113 
GLU CG  HG2  sing N N 114 
GLU CG  HG3  sing N N 115 
GLU CD  OE1  doub N N 116 
GLU CD  OE2  sing N N 117 
GLU OE2 HE2  sing N N 118 
GLU OXT HXT  sing N N 119 
GLY N   CA   sing N N 120 
GLY N   H    sing N N 121 
GLY N   H2   sing N N 122 
GLY CA  C    sing N N 123 
GLY CA  HA2  sing N N 124 
GLY CA  HA3  sing N N 125 
GLY C   O    doub N N 126 
GLY C   OXT  sing N N 127 
GLY OXT HXT  sing N N 128 
HIS N   CA   sing N N 129 
HIS N   H    sing N N 130 
HIS N   H2   sing N N 131 
HIS CA  C    sing N N 132 
HIS CA  CB   sing N N 133 
HIS CA  HA   sing N N 134 
HIS C   O    doub N N 135 
HIS C   OXT  sing N N 136 
HIS CB  CG   sing N N 137 
HIS CB  HB2  sing N N 138 
HIS CB  HB3  sing N N 139 
HIS CG  ND1  sing Y N 140 
HIS CG  CD2  doub Y N 141 
HIS ND1 CE1  doub Y N 142 
HIS ND1 HD1  sing N N 143 
HIS CD2 NE2  sing Y N 144 
HIS CD2 HD2  sing N N 145 
HIS CE1 NE2  sing Y N 146 
HIS CE1 HE1  sing N N 147 
HIS NE2 HE2  sing N N 148 
HIS OXT HXT  sing N N 149 
HOH O   H1   sing N N 150 
HOH O   H2   sing N N 151 
ILE N   CA   sing N N 152 
ILE N   H    sing N N 153 
ILE N   H2   sing N N 154 
ILE CA  C    sing N N 155 
ILE CA  CB   sing N N 156 
ILE CA  HA   sing N N 157 
ILE C   O    doub N N 158 
ILE C   OXT  sing N N 159 
ILE CB  CG1  sing N N 160 
ILE CB  CG2  sing N N 161 
ILE CB  HB   sing N N 162 
ILE CG1 CD1  sing N N 163 
ILE CG1 HG12 sing N N 164 
ILE CG1 HG13 sing N N 165 
ILE CG2 HG21 sing N N 166 
ILE CG2 HG22 sing N N 167 
ILE CG2 HG23 sing N N 168 
ILE CD1 HD11 sing N N 169 
ILE CD1 HD12 sing N N 170 
ILE CD1 HD13 sing N N 171 
ILE OXT HXT  sing N N 172 
LEU N   CA   sing N N 173 
LEU N   H    sing N N 174 
LEU N   H2   sing N N 175 
LEU CA  C    sing N N 176 
LEU CA  CB   sing N N 177 
LEU CA  HA   sing N N 178 
LEU C   O    doub N N 179 
LEU C   OXT  sing N N 180 
LEU CB  CG   sing N N 181 
LEU CB  HB2  sing N N 182 
LEU CB  HB3  sing N N 183 
LEU CG  CD1  sing N N 184 
LEU CG  CD2  sing N N 185 
LEU CG  HG   sing N N 186 
LEU CD1 HD11 sing N N 187 
LEU CD1 HD12 sing N N 188 
LEU CD1 HD13 sing N N 189 
LEU CD2 HD21 sing N N 190 
LEU CD2 HD22 sing N N 191 
LEU CD2 HD23 sing N N 192 
LEU OXT HXT  sing N N 193 
LYS N   CA   sing N N 194 
LYS N   H    sing N N 195 
LYS N   H2   sing N N 196 
LYS CA  C    sing N N 197 
LYS CA  CB   sing N N 198 
LYS CA  HA   sing N N 199 
LYS C   O    doub N N 200 
LYS C   OXT  sing N N 201 
LYS CB  CG   sing N N 202 
LYS CB  HB2  sing N N 203 
LYS CB  HB3  sing N N 204 
LYS CG  CD   sing N N 205 
LYS CG  HG2  sing N N 206 
LYS CG  HG3  sing N N 207 
LYS CD  CE   sing N N 208 
LYS CD  HD2  sing N N 209 
LYS CD  HD3  sing N N 210 
LYS CE  NZ   sing N N 211 
LYS CE  HE2  sing N N 212 
LYS CE  HE3  sing N N 213 
LYS NZ  HZ1  sing N N 214 
LYS NZ  HZ2  sing N N 215 
LYS NZ  HZ3  sing N N 216 
LYS OXT HXT  sing N N 217 
MET N   CA   sing N N 218 
MET N   H    sing N N 219 
MET N   H2   sing N N 220 
MET CA  C    sing N N 221 
MET CA  CB   sing N N 222 
MET CA  HA   sing N N 223 
MET C   O    doub N N 224 
MET C   OXT  sing N N 225 
MET CB  CG   sing N N 226 
MET CB  HB2  sing N N 227 
MET CB  HB3  sing N N 228 
MET CG  SD   sing N N 229 
MET CG  HG2  sing N N 230 
MET CG  HG3  sing N N 231 
MET SD  CE   sing N N 232 
MET CE  HE1  sing N N 233 
MET CE  HE2  sing N N 234 
MET CE  HE3  sing N N 235 
MET OXT HXT  sing N N 236 
MSE N   CA   sing N N 237 
MSE N   H    sing N N 238 
MSE N   H2   sing N N 239 
MSE CA  C    sing N N 240 
MSE CA  CB   sing N N 241 
MSE CA  HA   sing N N 242 
MSE C   O    doub N N 243 
MSE C   OXT  sing N N 244 
MSE OXT HXT  sing N N 245 
MSE CB  CG   sing N N 246 
MSE CB  HB2  sing N N 247 
MSE CB  HB3  sing N N 248 
MSE CG  SE   sing N N 249 
MSE CG  HG2  sing N N 250 
MSE CG  HG3  sing N N 251 
MSE SE  CE   sing N N 252 
MSE CE  HE1  sing N N 253 
MSE CE  HE2  sing N N 254 
MSE CE  HE3  sing N N 255 
PHE N   CA   sing N N 256 
PHE N   H    sing N N 257 
PHE N   H2   sing N N 258 
PHE CA  C    sing N N 259 
PHE CA  CB   sing N N 260 
PHE CA  HA   sing N N 261 
PHE C   O    doub N N 262 
PHE C   OXT  sing N N 263 
PHE CB  CG   sing N N 264 
PHE CB  HB2  sing N N 265 
PHE CB  HB3  sing N N 266 
PHE CG  CD1  doub Y N 267 
PHE CG  CD2  sing Y N 268 
PHE CD1 CE1  sing Y N 269 
PHE CD1 HD1  sing N N 270 
PHE CD2 CE2  doub Y N 271 
PHE CD2 HD2  sing N N 272 
PHE CE1 CZ   doub Y N 273 
PHE CE1 HE1  sing N N 274 
PHE CE2 CZ   sing Y N 275 
PHE CE2 HE2  sing N N 276 
PHE CZ  HZ   sing N N 277 
PHE OXT HXT  sing N N 278 
PRO N   CA   sing N N 279 
PRO N   CD   sing N N 280 
PRO N   H    sing N N 281 
PRO CA  C    sing N N 282 
PRO CA  CB   sing N N 283 
PRO CA  HA   sing N N 284 
PRO C   O    doub N N 285 
PRO C   OXT  sing N N 286 
PRO CB  CG   sing N N 287 
PRO CB  HB2  sing N N 288 
PRO CB  HB3  sing N N 289 
PRO CG  CD   sing N N 290 
PRO CG  HG2  sing N N 291 
PRO CG  HG3  sing N N 292 
PRO CD  HD2  sing N N 293 
PRO CD  HD3  sing N N 294 
PRO OXT HXT  sing N N 295 
SER N   CA   sing N N 296 
SER N   H    sing N N 297 
SER N   H2   sing N N 298 
SER CA  C    sing N N 299 
SER CA  CB   sing N N 300 
SER CA  HA   sing N N 301 
SER C   O    doub N N 302 
SER C   OXT  sing N N 303 
SER CB  OG   sing N N 304 
SER CB  HB2  sing N N 305 
SER CB  HB3  sing N N 306 
SER OG  HG   sing N N 307 
SER OXT HXT  sing N N 308 
THR N   CA   sing N N 309 
THR N   H    sing N N 310 
THR N   H2   sing N N 311 
THR CA  C    sing N N 312 
THR CA  CB   sing N N 313 
THR CA  HA   sing N N 314 
THR C   O    doub N N 315 
THR C   OXT  sing N N 316 
THR CB  OG1  sing N N 317 
THR CB  CG2  sing N N 318 
THR CB  HB   sing N N 319 
THR OG1 HG1  sing N N 320 
THR CG2 HG21 sing N N 321 
THR CG2 HG22 sing N N 322 
THR CG2 HG23 sing N N 323 
THR OXT HXT  sing N N 324 
TRP N   CA   sing N N 325 
TRP N   H    sing N N 326 
TRP N   H2   sing N N 327 
TRP CA  C    sing N N 328 
TRP CA  CB   sing N N 329 
TRP CA  HA   sing N N 330 
TRP C   O    doub N N 331 
TRP C   OXT  sing N N 332 
TRP CB  CG   sing N N 333 
TRP CB  HB2  sing N N 334 
TRP CB  HB3  sing N N 335 
TRP CG  CD1  doub Y N 336 
TRP CG  CD2  sing Y N 337 
TRP CD1 NE1  sing Y N 338 
TRP CD1 HD1  sing N N 339 
TRP CD2 CE2  doub Y N 340 
TRP CD2 CE3  sing Y N 341 
TRP NE1 CE2  sing Y N 342 
TRP NE1 HE1  sing N N 343 
TRP CE2 CZ2  sing Y N 344 
TRP CE3 CZ3  doub Y N 345 
TRP CE3 HE3  sing N N 346 
TRP CZ2 CH2  doub Y N 347 
TRP CZ2 HZ2  sing N N 348 
TRP CZ3 CH2  sing Y N 349 
TRP CZ3 HZ3  sing N N 350 
TRP CH2 HH2  sing N N 351 
TRP OXT HXT  sing N N 352 
TYR N   CA   sing N N 353 
TYR N   H    sing N N 354 
TYR N   H2   sing N N 355 
TYR CA  C    sing N N 356 
TYR CA  CB   sing N N 357 
TYR CA  HA   sing N N 358 
TYR C   O    doub N N 359 
TYR C   OXT  sing N N 360 
TYR CB  CG   sing N N 361 
TYR CB  HB2  sing N N 362 
TYR CB  HB3  sing N N 363 
TYR CG  CD1  doub Y N 364 
TYR CG  CD2  sing Y N 365 
TYR CD1 CE1  sing Y N 366 
TYR CD1 HD1  sing N N 367 
TYR CD2 CE2  doub Y N 368 
TYR CD2 HD2  sing N N 369 
TYR CE1 CZ   doub Y N 370 
TYR CE1 HE1  sing N N 371 
TYR CE2 CZ   sing Y N 372 
TYR CE2 HE2  sing N N 373 
TYR CZ  OH   sing N N 374 
TYR OH  HH   sing N N 375 
TYR OXT HXT  sing N N 376 
VAL N   CA   sing N N 377 
VAL N   H    sing N N 378 
VAL N   H2   sing N N 379 
VAL CA  C    sing N N 380 
VAL CA  CB   sing N N 381 
VAL CA  HA   sing N N 382 
VAL C   O    doub N N 383 
VAL C   OXT  sing N N 384 
VAL CB  CG1  sing N N 385 
VAL CB  CG2  sing N N 386 
VAL CB  HB   sing N N 387 
VAL CG1 HG11 sing N N 388 
VAL CG1 HG12 sing N N 389 
VAL CG1 HG13 sing N N 390 
VAL CG2 HG21 sing N N 391 
VAL CG2 HG22 sing N N 392 
VAL CG2 HG23 sing N N 393 
VAL OXT HXT  sing N N 394 
# 
_atom_sites.entry_id                    2G3A 
_atom_sites.fract_transf_matrix[1][1]   0.00397802 
_atom_sites.fract_transf_matrix[1][2]   -0.00738384 
_atom_sites.fract_transf_matrix[1][3]   -0.01420930 
_atom_sites.fract_transf_matrix[2][1]   -0.00062853 
_atom_sites.fract_transf_matrix[2][2]   -0.00946028 
_atom_sites.fract_transf_matrix[2][3]   0.00474006 
_atom_sites.fract_transf_matrix[3][1]   -0.01695206 
_atom_sites.fract_transf_matrix[3][2]   -0.00099307 
_atom_sites.fract_transf_matrix[3][3]   -0.00422983 
_atom_sites.fract_transf_vector[1]      0.414149 
_atom_sites.fract_transf_vector[2]      -0.177375 
_atom_sites.fract_transf_vector[3]      0.168840 
# 
loop_
_atom_type.symbol 
C  
N  
O  
S  
SE 
# 
loop_
_atom_site.group_PDB 
_atom_site.id 
_atom_site.type_symbol 
_atom_site.label_atom_id 
_atom_site.label_alt_id 
_atom_site.label_comp_id 
_atom_site.label_asym_id 
_atom_site.label_entity_id 
_atom_site.label_seq_id 
_atom_site.pdbx_PDB_ins_code 
_atom_site.Cartn_x 
_atom_site.Cartn_y 
_atom_site.Cartn_z 
_atom_site.occupancy 
_atom_site.B_iso_or_equiv 
_atom_site.pdbx_formal_charge 
_atom_site.auth_seq_id 
_atom_site.auth_comp_id 
_atom_site.auth_asym_id 
_atom_site.auth_atom_id 
_atom_site.pdbx_PDB_model_num 
HETATM 1    N  N   . MSE A 1 16  ? -10.077 -23.833 -26.851 1.00 41.99 ? 1   MSE A N   1 
HETATM 2    C  CA  . MSE A 1 16  ? -9.737  -23.106 -25.597 1.00 41.26 ? 1   MSE A CA  1 
HETATM 3    C  C   . MSE A 1 16  ? -10.988 -22.477 -24.988 1.00 39.16 ? 1   MSE A C   1 
HETATM 4    O  O   . MSE A 1 16  ? -11.735 -21.778 -25.674 1.00 38.97 ? 1   MSE A O   1 
HETATM 5    C  CB  . MSE A 1 16  ? -8.684  -22.034 -25.886 1.00 42.92 ? 1   MSE A CB  1 
HETATM 6    C  CG  . MSE A 1 16  ? -7.641  -21.855 -24.793 1.00 48.22 ? 1   MSE A CG  1 
HETATM 7    SE SE  . MSE A 1 16  ? -6.390  -23.361 -24.539 1.00 63.57 ? 1   MSE A SE  1 
HETATM 8    C  CE  . MSE A 1 16  ? -5.826  -23.650 -26.413 1.00 59.49 ? 1   MSE A CE  1 
ATOM   9    N  N   . ASN A 1 17  ? -11.211 -22.729 -23.700 1.00 37.45 ? 2   ASN A N   1 
ATOM   10   C  CA  . ASN A 1 17  ? -12.413 -22.253 -23.006 1.00 37.00 ? 2   ASN A CA  1 
ATOM   11   C  C   . ASN A 1 17  ? -12.168 -21.044 -22.116 1.00 35.09 ? 2   ASN A C   1 
ATOM   12   O  O   . ASN A 1 17  ? -11.265 -21.061 -21.286 1.00 34.93 ? 2   ASN A O   1 
ATOM   13   C  CB  . ASN A 1 17  ? -13.025 -23.371 -22.153 1.00 37.01 ? 2   ASN A CB  1 
ATOM   14   C  CG  . ASN A 1 17  ? -13.478 -24.536 -22.977 1.00 39.75 ? 2   ASN A CG  1 
ATOM   15   O  OD1 . ASN A 1 17  ? -13.024 -25.664 -22.777 1.00 38.46 ? 2   ASN A OD1 1 
ATOM   16   N  ND2 . ASN A 1 17  ? -14.368 -24.274 -23.928 1.00 39.60 ? 2   ASN A ND2 1 
ATOM   17   N  N   . PHE A 1 18  ? -13.000 -20.019 -22.282 1.00 34.59 ? 3   PHE A N   1 
ATOM   18   C  CA  . PHE A 1 18  ? -12.943 -18.808 -21.463 1.00 33.33 ? 3   PHE A CA  1 
ATOM   19   C  C   . PHE A 1 18  ? -14.087 -18.844 -20.452 1.00 34.71 ? 3   PHE A C   1 
ATOM   20   O  O   . PHE A 1 18  ? -15.265 -18.776 -20.822 1.00 35.51 ? 3   PHE A O   1 
ATOM   21   C  CB  . PHE A 1 18  ? -13.046 -17.556 -22.336 1.00 33.38 ? 3   PHE A CB  1 
ATOM   22   C  CG  . PHE A 1 18  ? -11.846 -17.314 -23.216 1.00 29.43 ? 3   PHE A CG  1 
ATOM   23   C  CD1 . PHE A 1 18  ? -10.952 -16.286 -22.916 1.00 31.56 ? 3   PHE A CD1 1 
ATOM   24   C  CD2 . PHE A 1 18  ? -11.628 -18.083 -24.357 1.00 30.13 ? 3   PHE A CD2 1 
ATOM   25   C  CE1 . PHE A 1 18  ? -9.855  -16.031 -23.727 1.00 32.27 ? 3   PHE A CE1 1 
ATOM   26   C  CE2 . PHE A 1 18  ? -10.527 -17.851 -25.177 1.00 35.39 ? 3   PHE A CE2 1 
ATOM   27   C  CZ  . PHE A 1 18  ? -9.635  -16.821 -24.866 1.00 34.17 ? 3   PHE A CZ  1 
ATOM   28   N  N   . VAL A 1 19  ? -13.734 -18.962 -19.175 1.00 33.78 ? 4   VAL A N   1 
ATOM   29   C  CA  . VAL A 1 19  ? -14.719 -19.215 -18.112 1.00 33.28 ? 4   VAL A CA  1 
ATOM   30   C  C   . VAL A 1 19  ? -14.786 -18.019 -17.176 1.00 33.66 ? 4   VAL A C   1 
ATOM   31   O  O   . VAL A 1 19  ? -13.791 -17.676 -16.539 1.00 35.21 ? 4   VAL A O   1 
ATOM   32   C  CB  . VAL A 1 19  ? -14.352 -20.467 -17.282 1.00 32.56 ? 4   VAL A CB  1 
ATOM   33   C  CG1 . VAL A 1 19  ? -15.418 -20.737 -16.211 1.00 27.29 ? 4   VAL A CG1 1 
ATOM   34   C  CG2 . VAL A 1 19  ? -14.176 -21.680 -18.183 1.00 38.09 ? 4   VAL A CG2 1 
ATOM   35   N  N   . LEU A 1 20  ? -15.954 -17.384 -17.108 1.00 33.87 ? 5   LEU A N   1 
ATOM   36   C  CA  . LEU A 1 20  ? -16.174 -16.245 -16.211 1.00 33.20 ? 5   LEU A CA  1 
ATOM   37   C  C   . LEU A 1 20  ? -16.610 -16.754 -14.846 1.00 31.91 ? 5   LEU A C   1 
ATOM   38   O  O   . LEU A 1 20  ? -17.424 -17.668 -14.763 1.00 30.85 ? 5   LEU A O   1 
ATOM   39   C  CB  . LEU A 1 20  ? -17.246 -15.315 -16.782 1.00 33.42 ? 5   LEU A CB  1 
ATOM   40   C  CG  . LEU A 1 20  ? -17.663 -14.101 -15.942 1.00 35.64 ? 5   LEU A CG  1 
ATOM   41   C  CD1 . LEU A 1 20  ? -16.528 -13.107 -15.815 1.00 35.12 ? 5   LEU A CD1 1 
ATOM   42   C  CD2 . LEU A 1 20  ? -18.884 -13.429 -16.549 1.00 35.35 ? 5   LEU A CD2 1 
ATOM   43   N  N   . SER A 1 21  ? -16.068 -16.169 -13.785 1.00 31.47 ? 6   SER A N   1 
ATOM   44   C  CA  . SER A 1 21  ? -16.430 -16.570 -12.417 1.00 32.76 ? 6   SER A CA  1 
ATOM   45   C  C   . SER A 1 21  ? -16.450 -15.365 -11.465 1.00 32.64 ? 6   SER A C   1 
ATOM   46   O  O   . SER A 1 21  ? -15.729 -14.386 -11.682 1.00 31.08 ? 6   SER A O   1 
ATOM   47   C  CB  . SER A 1 21  ? -15.454 -17.642 -11.914 1.00 33.12 ? 6   SER A CB  1 
ATOM   48   O  OG  . SER A 1 21  ? -15.833 -18.144 -10.651 1.00 33.02 ? 6   SER A OG  1 
ATOM   49   N  N   . ASP A 1 22  ? -17.288 -15.437 -10.429 1.00 33.95 ? 7   ASP A N   1 
ATOM   50   C  CA  . ASP A 1 22  ? -17.383 -14.372 -9.418  1.00 36.33 ? 7   ASP A CA  1 
ATOM   51   C  C   . ASP A 1 22  ? -17.123 -14.894 -7.993  1.00 37.95 ? 7   ASP A C   1 
ATOM   52   O  O   . ASP A 1 22  ? -17.571 -14.300 -7.003  1.00 37.49 ? 7   ASP A O   1 
ATOM   53   C  CB  . ASP A 1 22  ? -18.743 -13.649 -9.504  1.00 34.76 ? 7   ASP A CB  1 
ATOM   54   C  CG  . ASP A 1 22  ? -19.895 -14.462 -8.916  1.00 40.50 ? 7   ASP A CG  1 
ATOM   55   O  OD1 . ASP A 1 22  ? -19.881 -15.705 -9.012  1.00 35.72 ? 7   ASP A OD1 1 
ATOM   56   O  OD2 . ASP A 1 22  ? -20.828 -13.842 -8.361  1.00 41.53 ? 7   ASP A OD2 1 
ATOM   57   N  N   . VAL A 1 23  ? -16.410 -16.013 -7.903  1.00 39.09 ? 8   VAL A N   1 
ATOM   58   C  CA  . VAL A 1 23  ? -16.005 -16.574 -6.613  1.00 41.47 ? 8   VAL A CA  1 
ATOM   59   C  C   . VAL A 1 23  ? -14.486 -16.644 -6.494  1.00 43.27 ? 8   VAL A C   1 
ATOM   60   O  O   . VAL A 1 23  ? -13.784 -16.886 -7.480  1.00 44.57 ? 8   VAL A O   1 
ATOM   61   C  CB  . VAL A 1 23  ? -16.643 -17.972 -6.332  1.00 40.60 ? 8   VAL A CB  1 
ATOM   62   C  CG1 . VAL A 1 23  ? -18.154 -17.859 -6.250  1.00 42.83 ? 8   VAL A CG1 1 
ATOM   63   C  CG2 . VAL A 1 23  ? -16.234 -19.000 -7.384  1.00 39.42 ? 8   VAL A CG2 1 
ATOM   64   N  N   . ALA A 1 24  ? -13.987 -16.414 -5.281  1.00 44.80 ? 9   ALA A N   1 
ATOM   65   C  CA  . ALA A 1 24  ? -12.560 -16.516 -4.998  1.00 45.97 ? 9   ALA A CA  1 
ATOM   66   C  C   . ALA A 1 24  ? -12.086 -17.949 -5.241  1.00 46.06 ? 9   ALA A C   1 
ATOM   67   O  O   . ALA A 1 24  ? -12.805 -18.911 -4.940  1.00 47.36 ? 9   ALA A O   1 
ATOM   68   C  CB  . ALA A 1 24  ? -12.268 -16.083 -3.566  1.00 46.24 ? 9   ALA A CB  1 
ATOM   69   N  N   . ASP A 1 25  ? -10.892 -18.075 -5.817  1.00 45.87 ? 10  ASP A N   1 
ATOM   70   C  CA  . ASP A 1 25  ? -10.300 -19.375 -6.129  1.00 44.20 ? 10  ASP A CA  1 
ATOM   71   C  C   . ASP A 1 25  ? -8.786  -19.243 -6.092  1.00 42.09 ? 10  ASP A C   1 
ATOM   72   O  O   . ASP A 1 25  ? -8.183  -18.701 -7.026  1.00 39.31 ? 10  ASP A O   1 
ATOM   73   C  CB  . ASP A 1 25  ? -10.751 -19.846 -7.516  1.00 45.28 ? 10  ASP A CB  1 
ATOM   74   C  CG  . ASP A 1 25  ? -10.474 -21.325 -7.759  1.00 48.69 ? 10  ASP A CG  1 
ATOM   75   O  OD1 . ASP A 1 25  ? -10.056 -22.042 -6.822  1.00 51.14 ? 10  ASP A OD1 1 
ATOM   76   O  OD2 . ASP A 1 25  ? -10.693 -21.777 -8.903  1.00 51.88 ? 10  ASP A OD2 1 
ATOM   77   N  N   . ALA A 1 26  ? -8.182  -19.736 -5.010  1.00 39.35 ? 11  ALA A N   1 
ATOM   78   C  CA  . ALA A 1 26  ? -6.742  -19.597 -4.793  1.00 38.09 ? 11  ALA A CA  1 
ATOM   79   C  C   . ALA A 1 26  ? -5.909  -20.264 -5.885  1.00 37.20 ? 11  ALA A C   1 
ATOM   80   O  O   . ALA A 1 26  ? -4.976  -19.647 -6.418  1.00 36.23 ? 11  ALA A O   1 
ATOM   81   C  CB  . ALA A 1 26  ? -6.352  -20.120 -3.418  1.00 37.57 ? 11  ALA A CB  1 
ATOM   82   N  N   . GLU A 1 27  ? -6.259  -21.510 -6.228  1.00 36.62 ? 12  GLU A N   1 
ATOM   83   C  CA  . GLU A 1 27  ? -5.518  -22.279 -7.235  1.00 36.80 ? 12  GLU A CA  1 
ATOM   84   C  C   . GLU A 1 27  ? -5.641  -21.723 -8.649  1.00 37.39 ? 12  GLU A C   1 
ATOM   85   O  O   . GLU A 1 27  ? -4.679  -21.771 -9.419  1.00 38.55 ? 12  GLU A O   1 
ATOM   86   C  CB  . GLU A 1 27  ? -5.923  -23.755 -7.214  1.00 37.32 ? 12  GLU A CB  1 
ATOM   87   C  CG  . GLU A 1 27  ? -5.249  -24.562 -6.115  1.00 39.32 ? 12  GLU A CG  1 
ATOM   88   C  CD  . GLU A 1 27  ? -6.036  -24.558 -4.799  1.00 43.75 ? 12  GLU A CD  1 
ATOM   89   O  OE1 . GLU A 1 27  ? -6.790  -23.563 -4.525  1.00 40.89 ? 12  GLU A OE1 1 
ATOM   90   O  OE2 . GLU A 1 27  ? -5.899  -25.558 -4.035  1.00 41.69 ? 12  GLU A OE2 1 
ATOM   91   N  N   . ALA A 1 28  ? -6.817  -21.201 -8.990  1.00 36.21 ? 13  ALA A N   1 
ATOM   92   C  CA  . ALA A 1 28  ? -7.021  -20.586 -10.293 1.00 36.76 ? 13  ALA A CA  1 
ATOM   93   C  C   . ALA A 1 28  ? -6.257  -19.267 -10.379 1.00 35.69 ? 13  ALA A C   1 
ATOM   94   O  O   . ALA A 1 28  ? -5.604  -18.986 -11.384 1.00 36.41 ? 13  ALA A O   1 
ATOM   95   C  CB  . ALA A 1 28  ? -8.494  -20.367 -10.564 1.00 37.05 ? 13  ALA A CB  1 
ATOM   96   N  N   . GLU A 1 29  ? -6.329  -18.476 -9.309  1.00 34.87 ? 14  GLU A N   1 
ATOM   97   C  CA  . GLU A 1 29  ? -5.617  -17.202 -9.238  1.00 35.17 ? 14  GLU A CA  1 
ATOM   98   C  C   . GLU A 1 29  ? -4.101  -17.379 -9.253  1.00 33.89 ? 14  GLU A C   1 
ATOM   99   O  O   . GLU A 1 29  ? -3.397  -16.571 -9.857  1.00 32.13 ? 14  GLU A O   1 
ATOM   100  C  CB  . GLU A 1 29  ? -6.038  -16.413 -8.005  1.00 35.62 ? 14  GLU A CB  1 
ATOM   101  C  CG  . GLU A 1 29  ? -7.367  -15.704 -8.166  1.00 43.95 ? 14  GLU A CG  1 
ATOM   102  C  CD  . GLU A 1 29  ? -7.739  -14.897 -6.942  1.00 53.04 ? 14  GLU A CD  1 
ATOM   103  O  OE1 . GLU A 1 29  ? -6.956  -13.998 -6.552  1.00 52.44 ? 14  GLU A OE1 1 
ATOM   104  O  OE2 . GLU A 1 29  ? -8.818  -15.165 -6.373  1.00 54.97 ? 14  GLU A OE2 1 
ATOM   105  N  N   . LYS A 1 30  ? -3.615  -18.428 -8.581  1.00 30.75 ? 15  LYS A N   1 
ATOM   106  C  CA  . LYS A 1 30  ? -2.193  -18.793 -8.598  1.00 30.37 ? 15  LYS A CA  1 
ATOM   107  C  C   . LYS A 1 30  ? -1.740  -19.180 -10.016 1.00 29.68 ? 15  LYS A C   1 
ATOM   108  O  O   . LYS A 1 30  ? -0.658  -18.785 -10.463 1.00 29.36 ? 15  LYS A O   1 
ATOM   109  C  CB  . LYS A 1 30  ? -1.909  -19.931 -7.603  1.00 29.82 ? 15  LYS A CB  1 
ATOM   110  C  CG  . LYS A 1 30  ? -0.436  -20.266 -7.437  1.00 30.27 ? 15  LYS A CG  1 
ATOM   111  C  CD  . LYS A 1 30  ? -0.204  -21.269 -6.314  1.00 39.63 ? 15  LYS A CD  1 
ATOM   112  C  CE  . LYS A 1 30  ? 1.283   -21.475 -6.040  1.00 38.55 ? 15  LYS A CE  1 
ATOM   113  N  NZ  . LYS A 1 30  ? 1.958   -22.237 -7.133  1.00 36.27 ? 15  LYS A NZ  1 
ATOM   114  N  N   . ALA A 1 31  ? -2.592  -19.927 -10.721 1.00 28.35 ? 16  ALA A N   1 
ATOM   115  C  CA  . ALA A 1 31  ? -2.290  -20.423 -12.065 1.00 27.81 ? 16  ALA A CA  1 
ATOM   116  C  C   . ALA A 1 31  ? -2.192  -19.302 -13.100 1.00 27.29 ? 16  ALA A C   1 
ATOM   117  O  O   . ALA A 1 31  ? -1.669  -19.512 -14.193 1.00 27.68 ? 16  ALA A O   1 
ATOM   118  C  CB  . ALA A 1 31  ? -3.327  -21.447 -12.499 1.00 26.30 ? 16  ALA A CB  1 
ATOM   119  N  N   . ILE A 1 32  ? -2.706  -18.126 -12.749 1.00 27.51 ? 17  ILE A N   1 
ATOM   120  C  CA  . ILE A 1 32  ? -2.579  -16.917 -13.580 1.00 28.65 ? 17  ILE A CA  1 
ATOM   121  C  C   . ILE A 1 32  ? -1.420  -16.041 -13.082 1.00 31.46 ? 17  ILE A C   1 
ATOM   122  O  O   . ILE A 1 32  ? -0.632  -15.540 -13.880 1.00 30.40 ? 17  ILE A O   1 
ATOM   123  C  CB  . ILE A 1 32  ? -3.902  -16.102 -13.593 1.00 28.78 ? 17  ILE A CB  1 
ATOM   124  C  CG1 . ILE A 1 32  ? -5.020  -16.905 -14.270 1.00 24.83 ? 17  ILE A CG1 1 
ATOM   125  C  CG2 . ILE A 1 32  ? -3.713  -14.754 -14.303 1.00 26.08 ? 17  ILE A CG2 1 
ATOM   126  C  CD1 . ILE A 1 32  ? -6.406  -16.296 -14.103 1.00 30.45 ? 17  ILE A CD1 1 
ATOM   127  N  N   . ARG A 1 33  ? -1.306  -15.887 -11.760 1.00 32.61 ? 18  ARG A N   1 
ATOM   128  C  CA  . ARG A 1 33  ? -0.233  -15.080 -11.174 1.00 32.71 ? 18  ARG A CA  1 
ATOM   129  C  C   . ARG A 1 33  ? 1.172   -15.641 -11.435 1.00 30.78 ? 18  ARG A C   1 
ATOM   130  O  O   . ARG A 1 33  ? 2.075   -14.902 -11.811 1.00 29.90 ? 18  ARG A O   1 
ATOM   131  C  CB  . ARG A 1 33  ? -0.444  -14.860 -9.668  1.00 31.67 ? 18  ARG A CB  1 
ATOM   132  C  CG  . ARG A 1 33  ? 0.447   -13.750 -9.104  1.00 33.97 ? 18  ARG A CG  1 
ATOM   133  C  CD  . ARG A 1 33  ? 0.379   -13.643 -7.596  1.00 35.86 ? 18  ARG A CD  1 
ATOM   134  N  NE  . ARG A 1 33  ? -0.990  -13.479 -7.104  1.00 45.13 ? 18  ARG A NE  1 
ATOM   135  C  CZ  . ARG A 1 33  ? -1.598  -12.308 -6.933  1.00 50.26 ? 18  ARG A CZ  1 
ATOM   136  N  NH1 . ARG A 1 33  ? -0.971  -11.166 -7.214  1.00 50.65 ? 18  ARG A NH1 1 
ATOM   137  N  NH2 . ARG A 1 33  ? -2.844  -12.283 -6.479  1.00 51.62 ? 18  ARG A NH2 1 
ATOM   138  N  N   . ASP A 1 34  ? 1.364   -16.938 -11.228 1.00 31.24 ? 19  ASP A N   1 
ATOM   139  C  CA  . ASP A 1 34  ? 2.716   -17.506 -11.337 1.00 32.06 ? 19  ASP A CA  1 
ATOM   140  C  C   . ASP A 1 34  ? 3.384   -17.269 -12.707 1.00 32.90 ? 19  ASP A C   1 
ATOM   141  O  O   . ASP A 1 34  ? 4.491   -16.721 -12.756 1.00 32.82 ? 19  ASP A O   1 
ATOM   142  C  CB  . ASP A 1 34  ? 2.749   -18.974 -10.891 1.00 31.31 ? 19  ASP A CB  1 
ATOM   143  C  CG  . ASP A 1 34  ? 2.659   -19.118 -9.386  1.00 30.90 ? 19  ASP A CG  1 
ATOM   144  O  OD1 . ASP A 1 34  ? 2.610   -18.074 -8.692  1.00 31.90 ? 19  ASP A OD1 1 
ATOM   145  O  OD2 . ASP A 1 34  ? 2.620   -20.262 -8.893  1.00 36.57 ? 19  ASP A OD2 1 
ATOM   146  N  N   . PRO A 1 35  ? 2.713   -17.640 -13.822 1.00 33.38 ? 20  PRO A N   1 
ATOM   147  C  CA  . PRO A 1 35  ? 3.363   -17.379 -15.109 1.00 32.41 ? 20  PRO A CA  1 
ATOM   148  C  C   . PRO A 1 35  ? 3.556   -15.890 -15.444 1.00 32.69 ? 20  PRO A C   1 
ATOM   149  O  O   . PRO A 1 35  ? 4.497   -15.548 -16.161 1.00 31.45 ? 20  PRO A O   1 
ATOM   150  C  CB  . PRO A 1 35  ? 2.433   -18.058 -16.124 1.00 33.28 ? 20  PRO A CB  1 
ATOM   151  C  CG  . PRO A 1 35  ? 1.119   -18.102 -15.459 1.00 32.76 ? 20  PRO A CG  1 
ATOM   152  C  CD  . PRO A 1 35  ? 1.417   -18.319 -13.999 1.00 34.60 ? 20  PRO A CD  1 
ATOM   153  N  N   . LEU A 1 36  ? 2.696   -15.019 -14.920 1.00 32.71 ? 21  LEU A N   1 
ATOM   154  C  CA  . LEU A 1 36  ? 2.846   -13.582 -15.136 1.00 32.89 ? 21  LEU A CA  1 
ATOM   155  C  C   . LEU A 1 36  ? 4.071   -13.077 -14.370 1.00 31.69 ? 21  LEU A C   1 
ATOM   156  O  O   . LEU A 1 36  ? 4.844   -12.275 -14.886 1.00 30.88 ? 21  LEU A O   1 
ATOM   157  C  CB  . LEU A 1 36  ? 1.585   -12.830 -14.702 1.00 32.36 ? 21  LEU A CB  1 
ATOM   158  C  CG  . LEU A 1 36  ? 1.612   -11.298 -14.729 1.00 37.52 ? 21  LEU A CG  1 
ATOM   159  C  CD1 . LEU A 1 36  ? 1.895   -10.753 -16.144 1.00 28.43 ? 21  LEU A CD1 1 
ATOM   160  C  CD2 . LEU A 1 36  ? 0.309   -10.752 -14.184 1.00 34.67 ? 21  LEU A CD2 1 
ATOM   161  N  N   . VAL A 1 37  ? 4.241   -13.556 -13.141 1.00 31.78 ? 22  VAL A N   1 
ATOM   162  C  CA  . VAL A 1 37  ? 5.455   -13.272 -12.359 1.00 30.98 ? 22  VAL A CA  1 
ATOM   163  C  C   . VAL A 1 37  ? 6.705   -13.796 -13.088 1.00 29.38 ? 22  VAL A C   1 
ATOM   164  O  O   . VAL A 1 37  ? 7.705   -13.087 -13.195 1.00 29.93 ? 22  VAL A O   1 
ATOM   165  C  CB  . VAL A 1 37  ? 5.352   -13.789 -10.884 1.00 30.55 ? 22  VAL A CB  1 
ATOM   166  C  CG1 . VAL A 1 37  ? 6.645   -13.531 -10.111 1.00 30.65 ? 22  VAL A CG1 1 
ATOM   167  C  CG2 . VAL A 1 37  ? 4.184   -13.125 -10.167 1.00 34.81 ? 22  VAL A CG2 1 
ATOM   168  N  N   . ALA A 1 38  ? 6.640   -15.016 -13.619 1.00 29.83 ? 23  ALA A N   1 
ATOM   169  C  CA  . ALA A 1 38  ? 7.787   -15.595 -14.333 1.00 30.67 ? 23  ALA A CA  1 
ATOM   170  C  C   . ALA A 1 38  ? 8.125   -14.801 -15.594 1.00 30.71 ? 23  ALA A C   1 
ATOM   171  O  O   . ALA A 1 38  ? 9.301   -14.555 -15.887 1.00 31.03 ? 23  ALA A O   1 
ATOM   172  C  CB  . ALA A 1 38  ? 7.561   -17.083 -14.644 1.00 31.34 ? 23  ALA A CB  1 
ATOM   173  N  N   . TYR A 1 39  ? 7.085   -14.385 -16.317 1.00 30.71 ? 24  TYR A N   1 
ATOM   174  C  CA  . TYR A 1 39  ? 7.219   -13.518 -17.481 1.00 30.07 ? 24  TYR A CA  1 
ATOM   175  C  C   . TYR A 1 39  ? 7.875   -12.177 -17.137 1.00 29.77 ? 24  TYR A C   1 
ATOM   176  O  O   . TYR A 1 39  ? 8.744   -11.692 -17.881 1.00 28.64 ? 24  TYR A O   1 
ATOM   177  C  CB  . TYR A 1 39  ? 5.849   -13.262 -18.126 1.00 30.60 ? 24  TYR A CB  1 
ATOM   178  C  CG  . TYR A 1 39  ? 5.894   -12.269 -19.271 1.00 30.86 ? 24  TYR A CG  1 
ATOM   179  C  CD1 . TYR A 1 39  ? 6.112   -12.699 -20.584 1.00 33.60 ? 24  TYR A CD1 1 
ATOM   180  C  CD2 . TYR A 1 39  ? 5.736   -10.899 -19.048 1.00 32.19 ? 24  TYR A CD2 1 
ATOM   181  C  CE1 . TYR A 1 39  ? 6.159   -11.801 -21.638 1.00 31.76 ? 24  TYR A CE1 1 
ATOM   182  C  CE2 . TYR A 1 39  ? 5.780   -9.988  -20.106 1.00 29.13 ? 24  TYR A CE2 1 
ATOM   183  C  CZ  . TYR A 1 39  ? 5.997   -10.447 -21.394 1.00 34.08 ? 24  TYR A CZ  1 
ATOM   184  O  OH  . TYR A 1 39  ? 6.059   -9.556  -22.446 1.00 35.40 ? 24  TYR A OH  1 
ATOM   185  N  N   . ASN A 1 40  ? 7.426   -11.568 -16.039 1.00 28.32 ? 25  ASN A N   1 
ATOM   186  C  CA  . ASN A 1 40  ? 7.953   -10.283 -15.604 1.00 29.31 ? 25  ASN A CA  1 
ATOM   187  C  C   . ASN A 1 40  ? 9.413   -10.373 -15.148 1.00 29.69 ? 25  ASN A C   1 
ATOM   188  O  O   . ASN A 1 40  ? 10.209  -9.487  -15.431 1.00 29.89 ? 25  ASN A O   1 
ATOM   189  C  CB  . ASN A 1 40  ? 7.063   -9.662  -14.523 1.00 29.79 ? 25  ASN A CB  1 
ATOM   190  C  CG  . ASN A 1 40  ? 5.766   -9.123  -15.079 1.00 32.49 ? 25  ASN A CG  1 
ATOM   191  O  OD1 . ASN A 1 40  ? 5.638   -8.879  -16.295 1.00 29.08 ? 25  ASN A OD1 1 
ATOM   192  N  ND2 . ASN A 1 40  ? 4.785   -8.921  -14.194 1.00 32.97 ? 25  ASN A ND2 1 
ATOM   193  N  N   . LEU A 1 41  ? 9.756   -11.462 -14.471 1.00 30.22 ? 26  LEU A N   1 
ATOM   194  C  CA  . LEU A 1 41  ? 11.140  -11.730 -14.097 1.00 30.71 ? 26  LEU A CA  1 
ATOM   195  C  C   . LEU A 1 41  ? 12.042  -11.827 -15.331 1.00 30.79 ? 26  LEU A C   1 
ATOM   196  O  O   . LEU A 1 41  ? 13.121  -11.220 -15.375 1.00 30.90 ? 26  LEU A O   1 
ATOM   197  C  CB  . LEU A 1 41  ? 11.231  -13.018 -13.272 1.00 31.27 ? 26  LEU A CB  1 
ATOM   198  C  CG  . LEU A 1 41  ? 12.646  -13.502 -12.937 1.00 31.10 ? 26  LEU A CG  1 
ATOM   199  C  CD1 . LEU A 1 41  ? 13.329  -12.555 -11.969 1.00 31.96 ? 26  LEU A CD1 1 
ATOM   200  C  CD2 . LEU A 1 41  ? 12.610  -14.921 -12.383 1.00 31.95 ? 26  LEU A CD2 1 
ATOM   201  N  N   . ALA A 1 42  ? 11.596  -12.591 -16.327 1.00 31.34 ? 27  ALA A N   1 
ATOM   202  C  CA  . ALA A 1 42  ? 12.388  -12.836 -17.532 1.00 30.39 ? 27  ALA A CA  1 
ATOM   203  C  C   . ALA A 1 42  ? 12.582  -11.548 -18.319 1.00 30.52 ? 27  ALA A C   1 
ATOM   204  O  O   . ALA A 1 42  ? 13.649  -11.308 -18.873 1.00 32.12 ? 27  ALA A O   1 
ATOM   205  C  CB  . ALA A 1 42  ? 11.732  -13.908 -18.399 1.00 30.37 ? 27  ALA A CB  1 
ATOM   206  N  N   . ARG A 1 43  ? 11.561  -10.699 -18.332 1.00 28.34 ? 28  ARG A N   1 
ATOM   207  C  CA  . ARG A 1 43  ? 11.597  -9.484  -19.139 1.00 28.24 ? 28  ARG A CA  1 
ATOM   208  C  C   . ARG A 1 43  ? 12.176  -8.256  -18.412 1.00 28.15 ? 28  ARG A C   1 
ATOM   209  O  O   . ARG A 1 43  ? 12.903  -7.451  -19.007 1.00 28.29 ? 28  ARG A O   1 
ATOM   210  C  CB  . ARG A 1 43  ? 10.192  -9.174  -19.653 1.00 28.34 ? 28  ARG A CB  1 
ATOM   211  C  CG  . ARG A 1 43  ? 10.120  -7.901  -20.446 1.00 29.23 ? 28  ARG A CG  1 
ATOM   212  C  CD  . ARG A 1 43  ? 8.830   -7.762  -21.222 1.00 27.36 ? 28  ARG A CD  1 
ATOM   213  N  NE  . ARG A 1 43  ? 8.870   -6.495  -21.952 1.00 25.81 ? 28  ARG A NE  1 
ATOM   214  C  CZ  . ARG A 1 43  ? 7.954   -6.080  -22.814 1.00 25.21 ? 28  ARG A CZ  1 
ATOM   215  N  NH1 . ARG A 1 43  ? 6.899   -6.837  -23.107 1.00 24.88 ? 28  ARG A NH1 1 
ATOM   216  N  NH2 . ARG A 1 43  ? 8.115   -4.906  -23.409 1.00 24.63 ? 28  ARG A NH2 1 
ATOM   217  N  N   . PHE A 1 44  ? 11.841  -8.105  -17.136 1.00 27.27 ? 29  PHE A N   1 
ATOM   218  C  CA  . PHE A 1 44  ? 12.156  -6.877  -16.410 1.00 27.90 ? 29  PHE A CA  1 
ATOM   219  C  C   . PHE A 1 44  ? 13.172  -7.107  -15.275 1.00 28.12 ? 29  PHE A C   1 
ATOM   220  O  O   . PHE A 1 44  ? 13.508  -6.174  -14.539 1.00 29.96 ? 29  PHE A O   1 
ATOM   221  C  CB  . PHE A 1 44  ? 10.863  -6.228  -15.861 1.00 28.50 ? 29  PHE A CB  1 
ATOM   222  C  CG  . PHE A 1 44  ? 9.809   -5.949  -16.911 1.00 27.81 ? 29  PHE A CG  1 
ATOM   223  C  CD1 . PHE A 1 44  ? 9.995   -4.953  -17.866 1.00 28.44 ? 29  PHE A CD1 1 
ATOM   224  C  CD2 . PHE A 1 44  ? 8.611   -6.652  -16.913 1.00 24.00 ? 29  PHE A CD2 1 
ATOM   225  C  CE1 . PHE A 1 44  ? 9.017   -4.689  -18.830 1.00 28.14 ? 29  PHE A CE1 1 
ATOM   226  C  CE2 . PHE A 1 44  ? 7.622   -6.393  -17.862 1.00 25.40 ? 29  PHE A CE2 1 
ATOM   227  C  CZ  . PHE A 1 44  ? 7.823   -5.416  -18.826 1.00 28.65 ? 29  PHE A CZ  1 
ATOM   228  N  N   . GLY A 1 45  ? 13.637  -8.343  -15.122 1.00 30.46 ? 30  GLY A N   1 
ATOM   229  C  CA  . GLY A 1 45  ? 14.627  -8.694  -14.085 1.00 30.39 ? 30  GLY A CA  1 
ATOM   230  C  C   . GLY A 1 45  ? 14.012  -8.868  -12.701 1.00 32.11 ? 30  GLY A C   1 
ATOM   231  O  O   . GLY A 1 45  ? 12.799  -8.773  -12.542 1.00 31.07 ? 30  GLY A O   1 
ATOM   232  N  N   . GLU A 1 46  ? 14.857  -9.104  -11.695 1.00 32.10 ? 31  GLU A N   1 
ATOM   233  C  CA  . GLU A 1 46  ? 14.402  -9.355  -10.320 1.00 32.06 ? 31  GLU A CA  1 
ATOM   234  C  C   . GLU A 1 46  ? 13.579  -8.201  -9.746  1.00 31.05 ? 31  GLU A C   1 
ATOM   235  O  O   . GLU A 1 46  ? 13.925  -7.026  -9.920  1.00 30.52 ? 31  GLU A O   1 
ATOM   236  C  CB  . GLU A 1 46  ? 15.586  -9.669  -9.387  1.00 32.77 ? 31  GLU A CB  1 
ATOM   237  C  CG  . GLU A 1 46  ? 16.230  -11.039 -9.598  1.00 30.29 ? 31  GLU A CG  1 
ATOM   238  C  CD  . GLU A 1 46  ? 17.429  -11.294 -8.669  1.00 35.04 ? 31  GLU A CD  1 
ATOM   239  O  OE1 . GLU A 1 46  ? 17.469  -10.749 -7.538  1.00 44.21 ? 31  GLU A OE1 1 
ATOM   240  O  OE2 . GLU A 1 46  ? 18.338  -12.056 -9.075  1.00 40.81 ? 31  GLU A OE2 1 
ATOM   241  N  N   . SER A 1 47  ? 12.484  -8.533  -9.073  1.00 28.23 ? 32  SER A N   1 
ATOM   242  C  CA  . SER A 1 47  ? 11.666  -7.495  -8.431  1.00 28.45 ? 32  SER A CA  1 
ATOM   243  C  C   . SER A 1 47  ? 12.197  -7.119  -7.048  1.00 28.21 ? 32  SER A C   1 
ATOM   244  O  O   . SER A 1 47  ? 11.959  -6.000  -6.567  1.00 28.91 ? 32  SER A O   1 
ATOM   245  C  CB  . SER A 1 47  ? 10.214  -7.933  -8.331  1.00 26.28 ? 32  SER A CB  1 
ATOM   246  O  OG  . SER A 1 47  ? 10.078  -8.920  -7.336  1.00 28.73 ? 32  SER A OG  1 
ATOM   247  N  N   . ASP A 1 48  ? 12.908  -8.059  -6.419  1.00 27.12 ? 33  ASP A N   1 
ATOM   248  C  CA  . ASP A 1 48  ? 13.328  -7.960  -5.017  1.00 27.98 ? 33  ASP A CA  1 
ATOM   249  C  C   . ASP A 1 48  ? 12.163  -7.653  -4.073  1.00 26.56 ? 33  ASP A C   1 
ATOM   250  O  O   . ASP A 1 48  ? 12.339  -6.925  -3.098  1.00 25.07 ? 33  ASP A O   1 
ATOM   251  C  CB  . ASP A 1 48  ? 14.428  -6.910  -4.836  1.00 28.23 ? 33  ASP A CB  1 
ATOM   252  C  CG  . ASP A 1 48  ? 15.737  -7.313  -5.487  1.00 34.76 ? 33  ASP A CG  1 
ATOM   253  O  OD1 . ASP A 1 48  ? 16.159  -8.481  -5.341  1.00 39.54 ? 33  ASP A OD1 1 
ATOM   254  O  OD2 . ASP A 1 48  ? 16.348  -6.445  -6.135  1.00 42.32 ? 33  ASP A OD2 1 
ATOM   255  N  N   . LYS A 1 49  ? 10.984  -8.203  -4.371  1.00 25.97 ? 34  LYS A N   1 
ATOM   256  C  CA  . LYS A 1 49  ? 9.807   -8.014  -3.513  1.00 26.48 ? 34  LYS A CA  1 
ATOM   257  C  C   . LYS A 1 49  ? 10.033  -8.529  -2.102  1.00 27.60 ? 34  LYS A C   1 
ATOM   258  O  O   . LYS A 1 49  ? 10.382  -9.696  -1.895  1.00 25.24 ? 34  LYS A O   1 
ATOM   259  C  CB  . LYS A 1 49  ? 8.562   -8.672  -4.094  1.00 26.73 ? 34  LYS A CB  1 
ATOM   260  C  CG  . LYS A 1 49  ? 7.296   -8.287  -3.327  1.00 28.96 ? 34  LYS A CG  1 
ATOM   261  C  CD  . LYS A 1 49  ? 6.059   -8.822  -4.007  1.00 32.62 ? 34  LYS A CD  1 
ATOM   262  C  CE  . LYS A 1 49  ? 4.813   -8.473  -3.226  1.00 27.06 ? 34  LYS A CE  1 
ATOM   263  N  NZ  . LYS A 1 49  ? 3.609   -8.703  -4.083  1.00 36.61 ? 34  LYS A NZ  1 
ATOM   264  N  N   . ARG A 1 50  ? 9.798   -7.649  -1.137  1.00 26.25 ? 35  ARG A N   1 
ATOM   265  C  CA  . ARG A 1 50  ? 10.063  -7.937  0.256   1.00 24.63 ? 35  ARG A CA  1 
ATOM   266  C  C   . ARG A 1 50  ? 9.031   -7.235  1.121   1.00 26.82 ? 35  ARG A C   1 
ATOM   267  O  O   . ARG A 1 50  ? 8.866   -6.017  1.043   1.00 27.06 ? 35  ARG A O   1 
ATOM   268  C  CB  . ARG A 1 50  ? 11.473  -7.477  0.616   1.00 24.11 ? 35  ARG A CB  1 
ATOM   269  C  CG  . ARG A 1 50  ? 11.923  -7.808  2.024   1.00 24.55 ? 35  ARG A CG  1 
ATOM   270  C  CD  . ARG A 1 50  ? 13.353  -7.330  2.206   1.00 25.89 ? 35  ARG A CD  1 
ATOM   271  N  NE  . ARG A 1 50  ? 13.827  -7.442  3.580   1.00 31.14 ? 35  ARG A NE  1 
ATOM   272  C  CZ  . ARG A 1 50  ? 14.881  -6.789  4.064   1.00 31.82 ? 35  ARG A CZ  1 
ATOM   273  N  NH1 . ARG A 1 50  ? 15.577  -5.964  3.293   1.00 29.64 ? 35  ARG A NH1 1 
ATOM   274  N  NH2 . ARG A 1 50  ? 15.243  -6.965  5.324   1.00 33.20 ? 35  ARG A NH2 1 
ATOM   275  N  N   . ASP A 1 51  ? 8.332   -8.005  1.944   1.00 26.44 ? 36  ASP A N   1 
ATOM   276  C  CA  . ASP A 1 51  ? 7.290   -7.441  2.797   1.00 27.89 ? 36  ASP A CA  1 
ATOM   277  C  C   . ASP A 1 51  ? 7.841   -6.385  3.746   1.00 26.51 ? 36  ASP A C   1 
ATOM   278  O  O   . ASP A 1 51  ? 9.018   -6.410  4.115   1.00 23.43 ? 36  ASP A O   1 
ATOM   279  C  CB  . ASP A 1 51  ? 6.611   -8.549  3.598   1.00 28.95 ? 36  ASP A CB  1 
ATOM   280  C  CG  . ASP A 1 51  ? 5.884   -9.537  2.710   1.00 35.61 ? 36  ASP A CG  1 
ATOM   281  O  OD1 . ASP A 1 51  ? 5.119   -9.095  1.825   1.00 37.74 ? 36  ASP A OD1 1 
ATOM   282  O  OD2 . ASP A 1 51  ? 6.087   -10.753 2.884   1.00 41.89 ? 36  ASP A OD2 1 
ATOM   283  N  N   . LEU A 1 52  ? 6.976   -5.451  4.125   1.00 26.33 ? 37  LEU A N   1 
ATOM   284  C  CA  . LEU A 1 52  ? 7.313   -4.430  5.100   1.00 26.99 ? 37  LEU A CA  1 
ATOM   285  C  C   . LEU A 1 52  ? 6.049   -4.134  5.918   1.00 29.66 ? 37  LEU A C   1 
ATOM   286  O  O   . LEU A 1 52  ? 5.135   -3.436  5.453   1.00 29.17 ? 37  LEU A O   1 
ATOM   287  C  CB  . LEU A 1 52  ? 7.851   -3.157  4.403   1.00 26.20 ? 37  LEU A CB  1 
ATOM   288  C  CG  . LEU A 1 52  ? 8.593   -2.134  5.282   1.00 28.49 ? 37  LEU A CG  1 
ATOM   289  C  CD1 . LEU A 1 52  ? 9.318   -1.090  4.436   1.00 29.23 ? 37  LEU A CD1 1 
ATOM   290  C  CD2 . LEU A 1 52  ? 7.647   -1.455  6.313   1.00 26.61 ? 37  LEU A CD2 1 
ATOM   291  N  N   . ASN A 1 53  ? 5.992   -4.689  7.127   1.00 30.88 ? 38  ASN A N   1 
ATOM   292  C  CA  . ASN A 1 53  ? 4.852   -4.482  8.009   1.00 29.99 ? 38  ASN A CA  1 
ATOM   293  C  C   . ASN A 1 53  ? 5.284   -3.846  9.327   1.00 29.26 ? 38  ASN A C   1 
ATOM   294  O  O   . ASN A 1 53  ? 6.406   -4.057  9.799   1.00 29.01 ? 38  ASN A O   1 
ATOM   295  C  CB  . ASN A 1 53  ? 4.155   -5.808  8.316   1.00 33.26 ? 38  ASN A CB  1 
ATOM   296  C  CG  . ASN A 1 53  ? 3.707   -6.552  7.069   1.00 37.77 ? 38  ASN A CG  1 
ATOM   297  O  OD1 . ASN A 1 53  ? 3.258   -5.953  6.087   1.00 39.35 ? 38  ASN A OD1 1 
ATOM   298  N  ND2 . ASN A 1 53  ? 3.809   -7.875  7.116   1.00 40.67 ? 38  ASN A ND2 1 
ATOM   299  N  N   . ILE A 1 54  ? 4.385   -3.068  9.914   1.00 26.36 ? 39  ILE A N   1 
ATOM   300  C  CA  . ILE A 1 54  ? 4.583   -2.531  11.240  1.00 25.80 ? 39  ILE A CA  1 
ATOM   301  C  C   . ILE A 1 54  ? 3.295   -2.815  11.985  1.00 26.40 ? 39  ILE A C   1 
ATOM   302  O  O   . ILE A 1 54  ? 2.218   -2.355  11.585  1.00 26.05 ? 39  ILE A O   1 
ATOM   303  C  CB  . ILE A 1 54  ? 4.875   -1.028  11.235  1.00 27.68 ? 39  ILE A CB  1 
ATOM   304  C  CG1 . ILE A 1 54  ? 6.172   -0.739  10.478  1.00 28.01 ? 39  ILE A CG1 1 
ATOM   305  C  CG2 . ILE A 1 54  ? 4.968   -0.490  12.676  1.00 27.39 ? 39  ILE A CG2 1 
ATOM   306  C  CD1 . ILE A 1 54  ? 6.166   0.571   9.765   1.00 26.51 ? 39  ILE A CD1 1 
ATOM   307  N  N   . THR A 1 55  ? 3.405   -3.597  13.053  1.00 24.33 ? 40  THR A N   1 
ATOM   308  C  CA  . THR A 1 55  ? 2.255   -3.875  13.888  1.00 25.18 ? 40  THR A CA  1 
ATOM   309  C  C   . THR A 1 55  ? 2.322   -3.034  15.149  1.00 24.74 ? 40  THR A C   1 
ATOM   310  O  O   . THR A 1 55  ? 3.389   -2.839  15.730  1.00 25.48 ? 40  THR A O   1 
ATOM   311  C  CB  . THR A 1 55  ? 2.126   -5.371  14.247  1.00 24.81 ? 40  THR A CB  1 
ATOM   312  O  OG1 . THR A 1 55  ? 3.404   -5.887  14.636  1.00 29.11 ? 40  THR A OG1 1 
ATOM   313  C  CG2 . THR A 1 55  ? 1.605   -6.167  13.048  1.00 27.88 ? 40  THR A CG2 1 
ATOM   314  N  N   . ILE A 1 56  ? 1.168   -2.510  15.528  1.00 23.12 ? 41  ILE A N   1 
ATOM   315  C  CA  . ILE A 1 56  ? 0.985   -1.843  16.797  1.00 23.34 ? 41  ILE A CA  1 
ATOM   316  C  C   . ILE A 1 56  ? 0.406   -2.900  17.730  1.00 23.53 ? 41  ILE A C   1 
ATOM   317  O  O   . ILE A 1 56  ? -0.678  -3.416  17.471  1.00 24.87 ? 41  ILE A O   1 
ATOM   318  C  CB  . ILE A 1 56  ? 0.005   -0.664  16.663  1.00 22.14 ? 41  ILE A CB  1 
ATOM   319  C  CG1 . ILE A 1 56  ? 0.546   0.363   15.642  1.00 22.18 ? 41  ILE A CG1 1 
ATOM   320  C  CG2 . ILE A 1 56  ? -0.254  -0.049  18.040  1.00 28.53 ? 41  ILE A CG2 1 
ATOM   321  C  CD1 . ILE A 1 56  ? -0.390  1.551   15.366  1.00 24.48 ? 41  ILE A CD1 1 
ATOM   322  N  N   . ARG A 1 57  ? 1.136   -3.214  18.798  1.00 23.62 ? 42  ARG A N   1 
ATOM   323  C  CA  . ARG A 1 57  ? 0.780   -4.302  19.708  1.00 24.60 ? 42  ARG A CA  1 
ATOM   324  C  C   . ARG A 1 57  ? 0.634   -3.852  21.167  1.00 24.79 ? 42  ARG A C   1 
ATOM   325  O  O   . ARG A 1 57  ? 1.475   -3.128  21.693  1.00 24.26 ? 42  ARG A O   1 
ATOM   326  C  CB  . ARG A 1 57  ? 1.798   -5.441  19.595  1.00 21.67 ? 42  ARG A CB  1 
ATOM   327  C  CG  . ARG A 1 57  ? 1.780   -6.140  18.247  1.00 24.58 ? 42  ARG A CG  1 
ATOM   328  C  CD  . ARG A 1 57  ? 2.985   -7.044  18.105  1.00 27.46 ? 42  ARG A CD  1 
ATOM   329  N  NE  . ARG A 1 57  ? 3.004   -7.775  16.837  1.00 26.86 ? 42  ARG A NE  1 
ATOM   330  C  CZ  . ARG A 1 57  ? 2.394   -8.942  16.621  1.00 22.63 ? 42  ARG A CZ  1 
ATOM   331  N  NH1 . ARG A 1 57  ? 1.673   -9.511  17.577  1.00 21.63 ? 42  ARG A NH1 1 
ATOM   332  N  NH2 . ARG A 1 57  ? 2.490   -9.531  15.433  1.00 24.91 ? 42  ARG A NH2 1 
ATOM   333  N  N   . ASN A 1 58  ? -0.445  -4.285  21.808  1.00 26.27 ? 43  ASN A N   1 
ATOM   334  C  CA  . ASN A 1 58  ? -0.695  -3.950  23.212  1.00 29.20 ? 43  ASN A CA  1 
ATOM   335  C  C   . ASN A 1 58  ? 0.155   -4.781  24.188  1.00 29.91 ? 43  ASN A C   1 
ATOM   336  O  O   . ASN A 1 58  ? 1.047   -5.528  23.770  1.00 29.00 ? 43  ASN A O   1 
ATOM   337  C  CB  . ASN A 1 58  ? -2.193  -4.065  23.542  1.00 30.83 ? 43  ASN A CB  1 
ATOM   338  C  CG  . ASN A 1 58  ? -2.751  -5.479  23.333  1.00 33.73 ? 43  ASN A CG  1 
ATOM   339  O  OD1 . ASN A 1 58  ? -3.928  -5.646  23.016  1.00 41.40 ? 43  ASN A OD1 1 
ATOM   340  N  ND2 . ASN A 1 58  ? -1.913  -6.491  23.514  1.00 30.46 ? 43  ASN A ND2 1 
ATOM   341  N  N   . ASP A 1 59  ? -0.138  -4.650  25.480  1.00 31.21 ? 44  ASP A N   1 
ATOM   342  C  CA  . ASP A 1 59  ? 0.599   -5.367  26.528  1.00 33.01 ? 44  ASP A CA  1 
ATOM   343  C  C   . ASP A 1 59  ? 0.557   -6.896  26.437  1.00 31.99 ? 44  ASP A C   1 
ATOM   344  O  O   . ASP A 1 59  ? 1.468   -7.563  26.929  1.00 32.68 ? 44  ASP A O   1 
ATOM   345  C  CB  . ASP A 1 59  ? 0.155   -4.905  27.926  1.00 34.38 ? 44  ASP A CB  1 
ATOM   346  C  CG  . ASP A 1 59  ? 0.953   -3.703  28.433  1.00 40.98 ? 44  ASP A CG  1 
ATOM   347  O  OD1 . ASP A 1 59  ? 0.474   -3.037  29.376  1.00 46.89 ? 44  ASP A OD1 1 
ATOM   348  O  OD2 . ASP A 1 59  ? 2.053   -3.422  27.901  1.00 46.03 ? 44  ASP A OD2 1 
ATOM   349  N  N   . ASP A 1 60  ? -0.494  -7.454  25.839  1.00 31.13 ? 45  ASP A N   1 
ATOM   350  C  CA  . ASP A 1 60  ? -0.545  -8.904  25.624  1.00 31.07 ? 45  ASP A CA  1 
ATOM   351  C  C   . ASP A 1 60  ? -0.220  -9.349  24.190  1.00 29.18 ? 45  ASP A C   1 
ATOM   352  O  O   . ASP A 1 60  ? -0.638  -10.423 23.754  1.00 28.11 ? 45  ASP A O   1 
ATOM   353  C  CB  . ASP A 1 60  ? -1.852  -9.533  26.148  1.00 33.55 ? 45  ASP A CB  1 
ATOM   354  C  CG  . ASP A 1 60  ? -3.096  -8.809  25.676  1.00 39.13 ? 45  ASP A CG  1 
ATOM   355  O  OD1 . ASP A 1 60  ? -3.227  -8.556  24.461  1.00 48.42 ? 45  ASP A OD1 1 
ATOM   356  O  OD2 . ASP A 1 60  ? -3.959  -8.513  26.533  1.00 46.27 ? 45  ASP A OD2 1 
ATOM   357  N  N   . ASN A 1 61  ? 0.533   -8.510  23.477  1.00 28.11 ? 46  ASN A N   1 
ATOM   358  C  CA  . ASN A 1 61  ? 1.062   -8.818  22.138  1.00 28.20 ? 46  ASN A CA  1 
ATOM   359  C  C   . ASN A 1 61  ? 0.017   -8.859  20.995  1.00 27.57 ? 46  ASN A C   1 
ATOM   360  O  O   . ASN A 1 61  ? 0.330   -9.261  19.869  1.00 27.62 ? 46  ASN A O   1 
ATOM   361  C  CB  . ASN A 1 61  ? 1.923   -10.098 22.182  1.00 27.40 ? 46  ASN A CB  1 
ATOM   362  C  CG  . ASN A 1 61  ? 2.853   -10.223 20.991  1.00 31.05 ? 46  ASN A CG  1 
ATOM   363  O  OD1 . ASN A 1 61  ? 3.683   -9.346  20.738  1.00 31.91 ? 46  ASN A OD1 1 
ATOM   364  N  ND2 . ASN A 1 61  ? 2.715   -11.318 20.248  1.00 28.99 ? 46  ASN A ND2 1 
ATOM   365  N  N   . SER A 1 62  ? -1.214  -8.430  21.279  1.00 27.20 ? 47  SER A N   1 
ATOM   366  C  CA  . SER A 1 62  ? -2.259  -8.357  20.247  1.00 26.51 ? 47  SER A CA  1 
ATOM   367  C  C   . SER A 1 62  ? -2.036  -7.187  19.291  1.00 25.97 ? 47  SER A C   1 
ATOM   368  O  O   . SER A 1 62  ? -1.722  -6.087  19.726  1.00 23.32 ? 47  SER A O   1 
ATOM   369  C  CB  . SER A 1 62  ? -3.648  -8.236  20.875  1.00 26.12 ? 47  SER A CB  1 
ATOM   370  O  OG  . SER A 1 62  ? -4.146  -9.508  21.248  1.00 29.61 ? 47  SER A OG  1 
ATOM   371  N  N   . VAL A 1 63  ? -2.216  -7.446  17.995  1.00 28.12 ? 48  VAL A N   1 
ATOM   372  C  CA  . VAL A 1 63  ? -2.169  -6.417  16.957  1.00 29.24 ? 48  VAL A CA  1 
ATOM   373  C  C   . VAL A 1 63  ? -3.467  -5.611  16.992  1.00 30.50 ? 48  VAL A C   1 
ATOM   374  O  O   . VAL A 1 63  ? -4.566  -6.167  16.850  1.00 30.64 ? 48  VAL A O   1 
ATOM   375  C  CB  . VAL A 1 63  ? -1.965  -7.045  15.546  1.00 30.44 ? 48  VAL A CB  1 
ATOM   376  C  CG1 . VAL A 1 63  ? -1.910  -5.969  14.445  1.00 27.28 ? 48  VAL A CG1 1 
ATOM   377  C  CG2 . VAL A 1 63  ? -0.714  -7.911  15.520  1.00 30.55 ? 48  VAL A CG2 1 
ATOM   378  N  N   . THR A 1 64  ? -3.327  -4.304  17.197  1.00 30.35 ? 49  THR A N   1 
ATOM   379  C  CA  . THR A 1 64  ? -4.465  -3.380  17.250  1.00 30.23 ? 49  THR A CA  1 
ATOM   380  C  C   . THR A 1 64  ? -4.536  -2.496  15.989  1.00 28.14 ? 49  THR A C   1 
ATOM   381  O  O   . THR A 1 64  ? -5.537  -1.819  15.733  1.00 28.32 ? 49  THR A O   1 
ATOM   382  C  CB  . THR A 1 64  ? -4.378  -2.466  18.490  1.00 29.99 ? 49  THR A CB  1 
ATOM   383  O  OG1 . THR A 1 64  ? -3.150  -1.728  18.454  1.00 31.20 ? 49  THR A OG1 1 
ATOM   384  C  CG2 . THR A 1 64  ? -4.446  -3.281  19.791  1.00 31.74 ? 49  THR A CG2 1 
ATOM   385  N  N   . GLY A 1 65  ? -3.471  -2.509  15.199  1.00 26.30 ? 50  GLY A N   1 
ATOM   386  C  CA  . GLY A 1 65  ? -3.389  -1.643  14.024  1.00 25.21 ? 50  GLY A CA  1 
ATOM   387  C  C   . GLY A 1 65  ? -2.001  -1.729  13.409  1.00 23.89 ? 50  GLY A C   1 
ATOM   388  O  O   . GLY A 1 65  ? -1.217  -2.622  13.752  1.00 22.14 ? 50  GLY A O   1 
ATOM   389  N  N   . GLY A 1 66  ? -1.698  -0.798  12.511  1.00 22.30 ? 51  GLY A N   1 
ATOM   390  C  CA  . GLY A 1 66  ? -0.383  -0.752  11.882  1.00 21.88 ? 51  GLY A CA  1 
ATOM   391  C  C   . GLY A 1 66  ? -0.400  -0.480  10.393  1.00 22.36 ? 51  GLY A C   1 
ATOM   392  O  O   . GLY A 1 66  ? -1.358  0.069   9.866   1.00 21.33 ? 51  GLY A O   1 
ATOM   393  N  N   . LEU A 1 67  ? 0.675   -0.899  9.730   1.00 21.58 ? 52  LEU A N   1 
ATOM   394  C  CA  . LEU A 1 67  ? 0.897   -0.651  8.328   1.00 23.09 ? 52  LEU A CA  1 
ATOM   395  C  C   . LEU A 1 67  ? 1.308   -1.961  7.657   1.00 21.82 ? 52  LEU A C   1 
ATOM   396  O  O   . LEU A 1 67  ? 2.113   -2.736  8.205   1.00 21.33 ? 52  LEU A O   1 
ATOM   397  C  CB  . LEU A 1 67  ? 1.964   0.451   8.155   1.00 22.81 ? 52  LEU A CB  1 
ATOM   398  C  CG  . LEU A 1 67  ? 2.401   0.887   6.757   1.00 22.10 ? 52  LEU A CG  1 
ATOM   399  C  CD1 . LEU A 1 67  ? 2.934   2.325   6.784   1.00 24.20 ? 52  LEU A CD1 1 
ATOM   400  C  CD2 . LEU A 1 67  ? 3.425   -0.079  6.103   1.00 22.12 ? 52  LEU A CD2 1 
ATOM   401  N  N   . VAL A 1 68  ? 0.716   -2.212  6.493   1.00 20.70 ? 53  VAL A N   1 
ATOM   402  C  CA  . VAL A 1 68  ? 1.062   -3.365  5.654   1.00 22.95 ? 53  VAL A CA  1 
ATOM   403  C  C   . VAL A 1 68  ? 1.535   -2.847  4.307   1.00 24.72 ? 53  VAL A C   1 
ATOM   404  O  O   . VAL A 1 68  ? 0.839   -2.057  3.653   1.00 23.16 ? 53  VAL A O   1 
ATOM   405  C  CB  . VAL A 1 68  ? -0.146  -4.321  5.466   1.00 25.00 ? 53  VAL A CB  1 
ATOM   406  C  CG1 . VAL A 1 68  ? 0.218   -5.513  4.543   1.00 27.39 ? 53  VAL A CG1 1 
ATOM   407  C  CG2 . VAL A 1 68  ? -0.632  -4.841  6.815   1.00 27.68 ? 53  VAL A CG2 1 
ATOM   408  N  N   . GLY A 1 69  ? 2.724   -3.261  3.892   1.00 24.23 ? 54  GLY A N   1 
ATOM   409  C  CA  . GLY A 1 69  ? 3.210   -2.878  2.572   1.00 25.12 ? 54  GLY A CA  1 
ATOM   410  C  C   . GLY A 1 69  ? 4.331   -3.749  2.078   1.00 24.85 ? 54  GLY A C   1 
ATOM   411  O  O   . GLY A 1 69  ? 4.533   -4.855  2.569   1.00 21.26 ? 54  GLY A O   1 
ATOM   412  N  N   . HIS A 1 70  ? 5.065   -3.258  1.090   1.00 24.62 ? 55  HIS A N   1 
ATOM   413  C  CA  . HIS A 1 70  ? 6.223   -3.997  0.585   1.00 25.65 ? 55  HIS A CA  1 
ATOM   414  C  C   . HIS A 1 70  ? 7.098   -3.097  -0.267  1.00 25.27 ? 55  HIS A C   1 
ATOM   415  O  O   . HIS A 1 70  ? 6.649   -2.067  -0.763  1.00 25.26 ? 55  HIS A O   1 
ATOM   416  C  CB  . HIS A 1 70  ? 5.800   -5.227  -0.233  1.00 26.95 ? 55  HIS A CB  1 
ATOM   417  C  CG  . HIS A 1 70  ? 5.106   -4.894  -1.517  1.00 26.37 ? 55  HIS A CG  1 
ATOM   418  N  ND1 . HIS A 1 70  ? 3.734   -4.849  -1.631  1.00 28.22 ? 55  HIS A ND1 1 
ATOM   419  C  CD2 . HIS A 1 70  ? 5.596   -4.609  -2.747  1.00 26.64 ? 55  HIS A CD2 1 
ATOM   420  C  CE1 . HIS A 1 70  ? 3.408   -4.538  -2.873  1.00 32.63 ? 55  HIS A CE1 1 
ATOM   421  N  NE2 . HIS A 1 70  ? 4.520   -4.387  -3.569  1.00 29.87 ? 55  HIS A NE2 1 
ATOM   422  N  N   . THR A 1 71  ? 8.349   -3.499  -0.441  1.00 24.30 ? 56  THR A N   1 
ATOM   423  C  CA  . THR A 1 71  ? 9.215   -2.813  -1.380  1.00 23.01 ? 56  THR A CA  1 
ATOM   424  C  C   . THR A 1 71  ? 9.475   -3.736  -2.569  1.00 21.04 ? 56  THR A C   1 
ATOM   425  O  O   . THR A 1 71  ? 9.646   -4.940  -2.392  1.00 21.43 ? 56  THR A O   1 
ATOM   426  C  CB  . THR A 1 71  ? 10.534  -2.398  -0.726  1.00 22.99 ? 56  THR A CB  1 
ATOM   427  O  OG1 . THR A 1 71  ? 11.168  -3.561  -0.181  1.00 21.59 ? 56  THR A OG1 1 
ATOM   428  C  CG2 . THR A 1 71  ? 10.265  -1.394  0.403   1.00 22.10 ? 56  THR A CG2 1 
ATOM   429  N  N   . ALA A 1 72  ? 9.469   -3.164  -3.773  1.00 20.52 ? 57  ALA A N   1 
ATOM   430  C  CA  . ALA A 1 72  ? 9.784   -3.898  -5.006  1.00 20.73 ? 57  ALA A CA  1 
ATOM   431  C  C   . ALA A 1 72  ? 10.265  -2.910  -6.054  1.00 22.63 ? 57  ALA A C   1 
ATOM   432  O  O   . ALA A 1 72  ? 9.698   -1.813  -6.177  1.00 20.41 ? 57  ALA A O   1 
ATOM   433  C  CB  . ALA A 1 72  ? 8.550   -4.634  -5.510  1.00 22.34 ? 57  ALA A CB  1 
ATOM   434  N  N   . ARG A 1 73  ? 11.299  -3.285  -6.807  1.00 24.10 ? 58  ARG A N   1 
ATOM   435  C  CA  . ARG A 1 73  ? 11.773  -2.458  -7.935  1.00 24.89 ? 58  ARG A CA  1 
ATOM   436  C  C   . ARG A 1 73  ? 12.056  -1.001  -7.518  1.00 24.31 ? 58  ARG A C   1 
ATOM   437  O  O   . ARG A 1 73  ? 11.789  -0.044  -8.262  1.00 25.04 ? 58  ARG A O   1 
ATOM   438  C  CB  . ARG A 1 73  ? 10.784  -2.544  -9.108  1.00 25.12 ? 58  ARG A CB  1 
ATOM   439  C  CG  . ARG A 1 73  ? 10.609  -3.979  -9.604  1.00 25.58 ? 58  ARG A CG  1 
ATOM   440  C  CD  . ARG A 1 73  ? 9.683   -4.109  -10.803 1.00 26.49 ? 58  ARG A CD  1 
ATOM   441  N  NE  . ARG A 1 73  ? 9.555   -5.508  -11.225 1.00 23.44 ? 58  ARG A NE  1 
ATOM   442  C  CZ  . ARG A 1 73  ? 10.490  -6.180  -11.890 1.00 25.90 ? 58  ARG A CZ  1 
ATOM   443  N  NH1 . ARG A 1 73  ? 11.648  -5.601  -12.208 1.00 24.92 ? 58  ARG A NH1 1 
ATOM   444  N  NH2 . ARG A 1 73  ? 10.277  -7.448  -12.213 1.00 23.95 ? 58  ARG A NH2 1 
ATOM   445  N  N   . GLY A 1 74  ? 12.591  -0.853  -6.311  1.00 24.98 ? 59  GLY A N   1 
ATOM   446  C  CA  . GLY A 1 74  ? 13.082  0.432   -5.819  1.00 25.46 ? 59  GLY A CA  1 
ATOM   447  C  C   . GLY A 1 74  ? 12.058  1.310   -5.132  1.00 23.58 ? 59  GLY A C   1 
ATOM   448  O  O   . GLY A 1 74  ? 12.382  2.424   -4.736  1.00 23.45 ? 59  GLY A O   1 
ATOM   449  N  N   . TRP A 1 75  ? 10.824  0.815   -4.991  1.00 21.49 ? 60  TRP A N   1 
ATOM   450  C  CA  . TRP A 1 75  ? 9.731   1.620   -4.430  1.00 20.85 ? 60  TRP A CA  1 
ATOM   451  C  C   . TRP A 1 75  ? 8.999   0.916   -3.310  1.00 23.58 ? 60  TRP A C   1 
ATOM   452  O  O   . TRP A 1 75  ? 8.751   -0.291  -3.380  1.00 24.60 ? 60  TRP A O   1 
ATOM   453  C  CB  . TRP A 1 75  ? 8.729   2.030   -5.523  1.00 19.68 ? 60  TRP A CB  1 
ATOM   454  C  CG  . TRP A 1 75  ? 9.281   3.113   -6.433  1.00 19.25 ? 60  TRP A CG  1 
ATOM   455  C  CD1 . TRP A 1 75  ? 10.222  2.965   -7.418  1.00 18.36 ? 60  TRP A CD1 1 
ATOM   456  C  CD2 . TRP A 1 75  ? 8.943   4.503   -6.404  1.00 19.85 ? 60  TRP A CD2 1 
ATOM   457  N  NE1 . TRP A 1 75  ? 10.488  4.187   -8.007  1.00 21.74 ? 60  TRP A NE1 1 
ATOM   458  C  CE2 . TRP A 1 75  ? 9.702   5.141   -7.415  1.00 20.39 ? 60  TRP A CE2 1 
ATOM   459  C  CE3 . TRP A 1 75  ? 8.041   5.266   -5.648  1.00 19.97 ? 60  TRP A CE3 1 
ATOM   460  C  CZ2 . TRP A 1 75  ? 9.597   6.517   -7.677  1.00 23.84 ? 60  TRP A CZ2 1 
ATOM   461  C  CZ3 . TRP A 1 75  ? 7.929   6.626   -5.916  1.00 22.48 ? 60  TRP A CZ3 1 
ATOM   462  C  CH2 . TRP A 1 75  ? 8.713   7.240   -6.913  1.00 24.13 ? 60  TRP A CH2 1 
ATOM   463  N  N   . LEU A 1 76  ? 8.680   1.692   -2.269  1.00 22.76 ? 61  LEU A N   1 
ATOM   464  C  CA  . LEU A 1 76  ? 7.770   1.276   -1.206  1.00 22.91 ? 61  LEU A CA  1 
ATOM   465  C  C   . LEU A 1 76  ? 6.309   1.504   -1.605  1.00 23.25 ? 61  LEU A C   1 
ATOM   466  O  O   . LEU A 1 76  ? 5.940   2.594   -2.053  1.00 22.62 ? 61  LEU A O   1 
ATOM   467  C  CB  . LEU A 1 76  ? 8.063   2.058   0.083   1.00 22.40 ? 61  LEU A CB  1 
ATOM   468  C  CG  . LEU A 1 76  ? 7.019   1.970   1.204   1.00 20.72 ? 61  LEU A CG  1 
ATOM   469  C  CD1 . LEU A 1 76  ? 6.914   0.572   1.799   1.00 24.54 ? 61  LEU A CD1 1 
ATOM   470  C  CD2 . LEU A 1 76  ? 7.304   3.012   2.309   1.00 21.89 ? 61  LEU A CD2 1 
ATOM   471  N  N   . TYR A 1 77  ? 5.500   0.456   -1.479  1.00 22.49 ? 62  TYR A N   1 
ATOM   472  C  CA  . TYR A 1 77  ? 4.042   0.579   -1.616  1.00 22.33 ? 62  TYR A CA  1 
ATOM   473  C  C   . TYR A 1 77  ? 3.443   0.331   -0.239  1.00 23.27 ? 62  TYR A C   1 
ATOM   474  O  O   . TYR A 1 77  ? 3.705   -0.712  0.384   1.00 22.61 ? 62  TYR A O   1 
ATOM   475  C  CB  . TYR A 1 77  ? 3.450   -0.414  -2.636  1.00 21.33 ? 62  TYR A CB  1 
ATOM   476  C  CG  . TYR A 1 77  ? 1.915   -0.315  -2.712  1.00 25.51 ? 62  TYR A CG  1 
ATOM   477  C  CD1 . TYR A 1 77  ? 1.303   0.909   -2.943  1.00 25.28 ? 62  TYR A CD1 1 
ATOM   478  C  CD2 . TYR A 1 77  ? 1.086   -1.439  -2.490  1.00 28.92 ? 62  TYR A CD2 1 
ATOM   479  C  CE1 . TYR A 1 77  ? -0.098  1.033   -2.993  1.00 28.00 ? 62  TYR A CE1 1 
ATOM   480  C  CE2 . TYR A 1 77  ? -0.334  -1.320  -2.531  1.00 30.01 ? 62  TYR A CE2 1 
ATOM   481  C  CZ  . TYR A 1 77  ? -0.908  -0.075  -2.782  1.00 31.10 ? 62  TYR A CZ  1 
ATOM   482  O  OH  . TYR A 1 77  ? -2.292  0.096   -2.843  1.00 25.29 ? 62  TYR A OH  1 
ATOM   483  N  N   . VAL A 1 78  ? 2.669   1.299   0.242   1.00 23.52 ? 63  VAL A N   1 
ATOM   484  C  CA  . VAL A 1 78  ? 1.910   1.137   1.474   1.00 23.60 ? 63  VAL A CA  1 
ATOM   485  C  C   . VAL A 1 78  ? 0.516   0.666   1.074   1.00 25.94 ? 63  VAL A C   1 
ATOM   486  O  O   . VAL A 1 78  ? -0.226  1.393   0.403   1.00 24.12 ? 63  VAL A O   1 
ATOM   487  C  CB  . VAL A 1 78  ? 1.844   2.448   2.304   1.00 22.09 ? 63  VAL A CB  1 
ATOM   488  C  CG1 . VAL A 1 78  ? 0.894   2.300   3.511   1.00 23.18 ? 63  VAL A CG1 1 
ATOM   489  C  CG2 . VAL A 1 78  ? 3.246   2.873   2.759   1.00 20.60 ? 63  VAL A CG2 1 
ATOM   490  N  N   . GLN A 1 79  ? 0.175   -0.561  1.469   1.00 23.37 ? 64  GLN A N   1 
ATOM   491  C  CA  . GLN A 1 79  ? -1.104  -1.167  1.101   1.00 26.05 ? 64  GLN A CA  1 
ATOM   492  C  C   . GLN A 1 79  ? -2.233  -0.881  2.102   1.00 28.32 ? 64  GLN A C   1 
ATOM   493  O  O   . GLN A 1 79  ? -3.365  -0.550  1.706   1.00 29.09 ? 64  GLN A O   1 
ATOM   494  C  CB  . GLN A 1 79  ? -0.940  -2.688  0.952   1.00 26.61 ? 64  GLN A CB  1 
ATOM   495  C  CG  . GLN A 1 79  ? -2.190  -3.402  0.445   1.00 33.73 ? 64  GLN A CG  1 
ATOM   496  C  CD  . GLN A 1 79  ? -2.208  -4.879  0.821   1.00 45.38 ? 64  GLN A CD  1 
ATOM   497  O  OE1 . GLN A 1 79  ? -1.162  -5.479  1.104   1.00 51.15 ? 64  GLN A OE1 1 
ATOM   498  N  NE2 . GLN A 1 79  ? -3.398  -5.471  0.830   1.00 42.47 ? 64  GLN A NE2 1 
ATOM   499  N  N   . LEU A 1 80  ? -1.938  -1.023  3.393   1.00 26.01 ? 65  LEU A N   1 
ATOM   500  C  CA  . LEU A 1 80  ? -2.943  -0.798  4.421   1.00 24.99 ? 65  LEU A CA  1 
ATOM   501  C  C   . LEU A 1 80  ? -2.327  -0.002  5.541   1.00 24.59 ? 65  LEU A C   1 
ATOM   502  O  O   . LEU A 1 80  ? -1.171  -0.213  5.876   1.00 23.40 ? 65  LEU A O   1 
ATOM   503  C  CB  . LEU A 1 80  ? -3.460  -2.120  5.010   1.00 24.96 ? 65  LEU A CB  1 
ATOM   504  C  CG  . LEU A 1 80  ? -3.960  -3.270  4.124   1.00 27.15 ? 65  LEU A CG  1 
ATOM   505  C  CD1 . LEU A 1 80  ? -4.050  -4.541  4.961   1.00 23.76 ? 65  LEU A CD1 1 
ATOM   506  C  CD2 . LEU A 1 80  ? -5.311  -2.958  3.513   1.00 32.15 ? 65  LEU A CD2 1 
ATOM   507  N  N   . LEU A 1 81  ? -3.121  0.883   6.137   1.00 23.05 ? 66  LEU A N   1 
ATOM   508  C  CA  . LEU A 1 81  ? -2.719  1.596   7.337   1.00 23.30 ? 66  LEU A CA  1 
ATOM   509  C  C   . LEU A 1 81  ? -3.939  1.806   8.186   1.00 24.22 ? 66  LEU A C   1 
ATOM   510  O  O   . LEU A 1 81  ? -4.919  2.406   7.725   1.00 24.97 ? 66  LEU A O   1 
ATOM   511  C  CB  . LEU A 1 81  ? -2.094  2.948   6.982   1.00 25.12 ? 66  LEU A CB  1 
ATOM   512  C  CG  . LEU A 1 81  ? -1.268  3.690   8.040   1.00 26.53 ? 66  LEU A CG  1 
ATOM   513  C  CD1 . LEU A 1 81  ? -0.343  4.698   7.380   1.00 31.64 ? 66  LEU A CD1 1 
ATOM   514  C  CD2 . LEU A 1 81  ? -2.136  4.385   9.111   1.00 27.75 ? 66  LEU A CD2 1 
ATOM   515  N  N   . PHE A 1 82  ? -3.887  1.305   9.424   1.00 22.12 ? 67  PHE A N   1 
ATOM   516  C  CA  . PHE A 1 82  ? -4.977  1.485   10.367  1.00 21.59 ? 67  PHE A CA  1 
ATOM   517  C  C   . PHE A 1 82  ? -4.479  1.948   11.737  1.00 23.03 ? 67  PHE A C   1 
ATOM   518  O  O   . PHE A 1 82  ? -3.597  1.332   12.350  1.00 23.74 ? 67  PHE A O   1 
ATOM   519  C  CB  . PHE A 1 82  ? -5.804  0.195   10.506  1.00 23.69 ? 67  PHE A CB  1 
ATOM   520  C  CG  . PHE A 1 82  ? -6.948  0.315   11.481  1.00 24.50 ? 67  PHE A CG  1 
ATOM   521  C  CD1 . PHE A 1 82  ? -8.160  0.884   11.085  1.00 21.36 ? 67  PHE A CD1 1 
ATOM   522  C  CD2 . PHE A 1 82  ? -6.813  -0.120  12.794  1.00 26.82 ? 67  PHE A CD2 1 
ATOM   523  C  CE1 . PHE A 1 82  ? -9.205  1.010   11.969  1.00 24.15 ? 67  PHE A CE1 1 
ATOM   524  C  CE2 . PHE A 1 82  ? -7.875  0.010   13.709  1.00 25.06 ? 67  PHE A CE2 1 
ATOM   525  C  CZ  . PHE A 1 82  ? -9.066  0.572   13.293  1.00 25.77 ? 67  PHE A CZ  1 
ATOM   526  N  N   . VAL A 1 83  ? -5.059  3.039   12.215  1.00 23.47 ? 68  VAL A N   1 
ATOM   527  C  CA  . VAL A 1 83  ? -4.779  3.530   13.553  1.00 24.36 ? 68  VAL A CA  1 
ATOM   528  C  C   . VAL A 1 83  ? -6.000  3.269   14.436  1.00 25.26 ? 68  VAL A C   1 
ATOM   529  O  O   . VAL A 1 83  ? -7.102  3.661   14.079  1.00 23.91 ? 68  VAL A O   1 
ATOM   530  C  CB  . VAL A 1 83  ? -4.399  5.038   13.526  1.00 26.77 ? 68  VAL A CB  1 
ATOM   531  C  CG1 . VAL A 1 83  ? -4.228  5.576   14.932  1.00 27.20 ? 68  VAL A CG1 1 
ATOM   532  C  CG2 . VAL A 1 83  ? -3.115  5.250   12.712  1.00 31.95 ? 68  VAL A CG2 1 
ATOM   533  N  N   . PRO A 1 84  ? -5.810  2.583   15.585  1.00 27.02 ? 69  PRO A N   1 
ATOM   534  C  CA  . PRO A 1 84  ? -6.926  2.322   16.506  1.00 28.40 ? 69  PRO A CA  1 
ATOM   535  C  C   . PRO A 1 84  ? -7.614  3.610   16.974  1.00 29.51 ? 69  PRO A C   1 
ATOM   536  O  O   . PRO A 1 84  ? -6.966  4.642   17.143  1.00 27.98 ? 69  PRO A O   1 
ATOM   537  C  CB  . PRO A 1 84  ? -6.252  1.616   17.688  1.00 27.98 ? 69  PRO A CB  1 
ATOM   538  C  CG  . PRO A 1 84  ? -4.988  1.075   17.142  1.00 30.37 ? 69  PRO A CG  1 
ATOM   539  C  CD  . PRO A 1 84  ? -4.543  2.025   16.088  1.00 26.88 ? 69  PRO A CD  1 
ATOM   540  N  N   . GLU A 1 85  ? -8.925  3.548   17.175  1.00 32.34 ? 70  GLU A N   1 
ATOM   541  C  CA  . GLU A 1 85  ? -9.700  4.737   17.534  1.00 34.98 ? 70  GLU A CA  1 
ATOM   542  C  C   . GLU A 1 85  ? -9.082  5.539   18.692  1.00 34.52 ? 70  GLU A C   1 
ATOM   543  O  O   . GLU A 1 85  ? -8.998  6.771   18.624  1.00 33.78 ? 70  GLU A O   1 
ATOM   544  C  CB  . GLU A 1 85  ? -11.147 4.357   17.854  1.00 36.09 ? 70  GLU A CB  1 
ATOM   545  C  CG  . GLU A 1 85  ? -12.136 5.510   17.688  1.00 37.16 ? 70  GLU A CG  1 
ATOM   546  C  CD  . GLU A 1 85  ? -13.558 5.116   18.074  1.00 39.56 ? 70  GLU A CD  1 
ATOM   547  O  OE1 . GLU A 1 85  ? -14.286 4.565   17.217  1.00 45.54 ? 70  GLU A OE1 1 
ATOM   548  O  OE2 . GLU A 1 85  ? -13.943 5.356   19.239  1.00 41.77 ? 70  GLU A OE2 1 
ATOM   549  N  N   . ALA A 1 86  ? -8.628  4.834   19.731  1.00 33.90 ? 71  ALA A N   1 
ATOM   550  C  CA  . ALA A 1 86  ? -8.065  5.471   20.929  1.00 34.30 ? 71  ALA A CA  1 
ATOM   551  C  C   . ALA A 1 86  ? -6.766  6.244   20.667  1.00 35.28 ? 71  ALA A C   1 
ATOM   552  O  O   . ALA A 1 86  ? -6.385  7.117   21.458  1.00 35.40 ? 71  ALA A O   1 
ATOM   553  C  CB  . ALA A 1 86  ? -7.860  4.439   22.042  1.00 35.12 ? 71  ALA A CB  1 
HETATM 554  N  N   . MSE A 1 87  ? -6.098  5.928   19.557  1.00 33.94 ? 72  MSE A N   1 
HETATM 555  C  CA  . MSE A 1 87  ? -4.808  6.526   19.250  1.00 36.18 ? 72  MSE A CA  1 
HETATM 556  C  C   . MSE A 1 87  ? -4.857  7.552   18.124  1.00 33.72 ? 72  MSE A C   1 
HETATM 557  O  O   . MSE A 1 87  ? -3.816  7.924   17.584  1.00 34.46 ? 72  MSE A O   1 
HETATM 558  C  CB  . MSE A 1 87  ? -3.799  5.440   18.887  1.00 33.63 ? 72  MSE A CB  1 
HETATM 559  C  CG  . MSE A 1 87  ? -3.611  4.356   19.922  1.00 37.31 ? 72  MSE A CG  1 
HETATM 560  SE SE  . MSE A 1 87  ? -2.345  3.074   19.192  1.00 48.24 ? 72  MSE A SE  1 
HETATM 561  C  CE  . MSE A 1 87  ? -0.636  4.003   19.621  1.00 38.24 ? 72  MSE A CE  1 
ATOM   562  N  N   . ARG A 1 88  ? -6.047  8.017   17.753  1.00 33.36 ? 73  ARG A N   1 
ATOM   563  C  CA  . ARG A 1 88  ? -6.132  8.960   16.631  1.00 34.45 ? 73  ARG A CA  1 
ATOM   564  C  C   . ARG A 1 88  ? -5.904  10.412  17.054  1.00 35.22 ? 73  ARG A C   1 
ATOM   565  O  O   . ARG A 1 88  ? -6.076  10.759  18.226  1.00 35.28 ? 73  ARG A O   1 
ATOM   566  C  CB  . ARG A 1 88  ? -7.434  8.785   15.850  1.00 36.79 ? 73  ARG A CB  1 
ATOM   567  C  CG  . ARG A 1 88  ? -7.434  7.511   15.019  1.00 35.59 ? 73  ARG A CG  1 
ATOM   568  C  CD  . ARG A 1 88  ? -8.771  7.250   14.384  1.00 43.42 ? 73  ARG A CD  1 
ATOM   569  N  NE  . ARG A 1 88  ? -8.929  5.827   14.114  1.00 39.07 ? 73  ARG A NE  1 
ATOM   570  C  CZ  . ARG A 1 88  ? -10.094 5.213   13.950  1.00 39.29 ? 73  ARG A CZ  1 
ATOM   571  N  NH1 . ARG A 1 88  ? -11.238 5.891   14.021  1.00 36.09 ? 73  ARG A NH1 1 
ATOM   572  N  NH2 . ARG A 1 88  ? -10.107 3.910   13.726  1.00 36.07 ? 73  ARG A NH2 1 
ATOM   573  N  N   . GLY A 1 89  ? -5.490  11.235  16.093  1.00 35.33 ? 74  GLY A N   1 
ATOM   574  C  CA  . GLY A 1 89  ? -5.127  12.633  16.347  1.00 37.98 ? 74  GLY A CA  1 
ATOM   575  C  C   . GLY A 1 89  ? -3.873  12.792  17.193  1.00 37.81 ? 74  GLY A C   1 
ATOM   576  O  O   . GLY A 1 89  ? -3.771  13.720  17.999  1.00 40.11 ? 74  GLY A O   1 
ATOM   577  N  N   . GLN A 1 90  ? -2.914  11.888  17.009  1.00 35.12 ? 75  GLN A N   1 
ATOM   578  C  CA  . GLN A 1 90  ? -1.746  11.787  17.884  1.00 31.67 ? 75  GLN A CA  1 
ATOM   579  C  C   . GLN A 1 90  ? -0.464  11.474  17.097  1.00 28.62 ? 75  GLN A C   1 
ATOM   580  O  O   . GLN A 1 90  ? 0.508   10.963  17.653  1.00 25.82 ? 75  GLN A O   1 
ATOM   581  C  CB  . GLN A 1 90  ? -2.002  10.711  18.958  1.00 30.84 ? 75  GLN A CB  1 
ATOM   582  C  CG  . GLN A 1 90  ? -2.968  11.160  20.065  1.00 38.12 ? 75  GLN A CG  1 
ATOM   583  C  CD  . GLN A 1 90  ? -3.606  10.013  20.828  1.00 35.70 ? 75  GLN A CD  1 
ATOM   584  O  OE1 . GLN A 1 90  ? -2.920  9.124   21.332  1.00 42.24 ? 75  GLN A OE1 1 
ATOM   585  N  NE2 . GLN A 1 90  ? -4.936  10.039  20.929  1.00 44.83 ? 75  GLN A NE2 1 
ATOM   586  N  N   . GLY A 1 91  ? -0.476  11.776  15.800  1.00 27.23 ? 76  GLY A N   1 
ATOM   587  C  CA  . GLY A 1 91  ? 0.679   11.543  14.926  1.00 26.55 ? 76  GLY A CA  1 
ATOM   588  C  C   . GLY A 1 91  ? 1.059   10.090  14.703  1.00 25.93 ? 76  GLY A C   1 
ATOM   589  O  O   . GLY A 1 91  ? 2.201   9.790   14.331  1.00 24.20 ? 76  GLY A O   1 
ATOM   590  N  N   . ILE A 1 92  ? 0.110   9.178   14.921  1.00 24.74 ? 77  ILE A N   1 
ATOM   591  C  CA  . ILE A 1 92  ? 0.410   7.755   14.790  1.00 23.76 ? 77  ILE A CA  1 
ATOM   592  C  C   . ILE A 1 92  ? 0.506   7.299   13.332  1.00 22.10 ? 77  ILE A C   1 
ATOM   593  O  O   . ILE A 1 92  ? 1.402   6.530   12.987  1.00 22.84 ? 77  ILE A O   1 
ATOM   594  C  CB  . ILE A 1 92  ? -0.584  6.850   15.575  1.00 22.76 ? 77  ILE A CB  1 
ATOM   595  C  CG1 . ILE A 1 92  ? -0.545  7.167   17.068  1.00 21.13 ? 77  ILE A CG1 1 
ATOM   596  C  CG2 . ILE A 1 92  ? -0.289  5.352   15.296  1.00 18.48 ? 77  ILE A CG2 1 
ATOM   597  C  CD1 . ILE A 1 92  ? 0.843   7.166   17.695  1.00 23.01 ? 77  ILE A CD1 1 
ATOM   598  N  N   . ALA A 1 93  ? -0.412  7.747   12.484  1.00 22.38 ? 78  ALA A N   1 
ATOM   599  C  CA  . ALA A 1 93  ? -0.314  7.421   11.066  1.00 23.75 ? 78  ALA A CA  1 
ATOM   600  C  C   . ALA A 1 93  ? 1.001   7.996   10.477  1.00 24.93 ? 78  ALA A C   1 
ATOM   601  O  O   . ALA A 1 93  ? 1.719   7.290   9.776   1.00 20.89 ? 78  ALA A O   1 
ATOM   602  C  CB  . ALA A 1 93  ? -1.553  7.934   10.288  1.00 24.63 ? 78  ALA A CB  1 
ATOM   603  N  N   . PRO A 1 94  ? 1.310   9.291   10.738  1.00 25.18 ? 79  PRO A N   1 
ATOM   604  C  CA  . PRO A 1 94  ? 2.640   9.756   10.293  1.00 24.28 ? 79  PRO A CA  1 
ATOM   605  C  C   . PRO A 1 94  ? 3.832   8.961   10.875  1.00 24.85 ? 79  PRO A C   1 
ATOM   606  O  O   . PRO A 1 94  ? 4.840   8.791   10.188  1.00 23.45 ? 79  PRO A O   1 
ATOM   607  C  CB  . PRO A 1 94  ? 2.667   11.221  10.738  1.00 25.78 ? 79  PRO A CB  1 
ATOM   608  C  CG  . PRO A 1 94  ? 1.205   11.615  10.810  1.00 24.85 ? 79  PRO A CG  1 
ATOM   609  C  CD  . PRO A 1 94  ? 0.528   10.385  11.344  1.00 26.23 ? 79  PRO A CD  1 
ATOM   610  N  N   . LYS A 1 95  ? 3.708   8.476   12.112  1.00 23.71 ? 80  LYS A N   1 
ATOM   611  C  CA  . LYS A 1 95  ? 4.768   7.681   12.730  1.00 22.93 ? 80  LYS A CA  1 
ATOM   612  C  C   . LYS A 1 95  ? 4.974   6.376   11.974  1.00 23.57 ? 80  LYS A C   1 
ATOM   613  O  O   . LYS A 1 95  ? 6.109   5.952   11.762  1.00 21.18 ? 80  LYS A O   1 
ATOM   614  C  CB  . LYS A 1 95  ? 4.467   7.407   14.207  1.00 23.58 ? 80  LYS A CB  1 
ATOM   615  C  CG  . LYS A 1 95  ? 5.505   6.509   14.896  1.00 20.71 ? 80  LYS A CG  1 
ATOM   616  C  CD  . LYS A 1 95  ? 5.321   6.502   16.405  1.00 24.70 ? 80  LYS A CD  1 
ATOM   617  C  CE  . LYS A 1 95  ? 6.441   5.722   17.100  1.00 27.37 ? 80  LYS A CE  1 
ATOM   618  N  NZ  . LYS A 1 95  ? 6.276   5.796   18.582  1.00 31.31 ? 80  LYS A NZ  1 
ATOM   619  N  N   . LEU A 1 96  ? 3.869   5.727   11.605  1.00 22.37 ? 81  LEU A N   1 
ATOM   620  C  CA  . LEU A 1 96  ? 3.918   4.505   10.808  1.00 22.56 ? 81  LEU A CA  1 
ATOM   621  C  C   . LEU A 1 96  ? 4.545   4.774   9.452   1.00 20.99 ? 81  LEU A C   1 
ATOM   622  O  O   . LEU A 1 96  ? 5.398   4.012   9.011   1.00 21.82 ? 81  LEU A O   1 
ATOM   623  C  CB  . LEU A 1 96  ? 2.513   3.898   10.637  1.00 21.40 ? 81  LEU A CB  1 
ATOM   624  C  CG  . LEU A 1 96  ? 1.845   3.362   11.911  1.00 18.99 ? 81  LEU A CG  1 
ATOM   625  C  CD1 . LEU A 1 96  ? 0.369   3.168   11.673  1.00 18.51 ? 81  LEU A CD1 1 
ATOM   626  C  CD2 . LEU A 1 96  ? 2.493   2.065   12.397  1.00 22.02 ? 81  LEU A CD2 1 
ATOM   627  N  N   . LEU A 1 97  ? 4.146   5.875   8.808   1.00 21.18 ? 82  LEU A N   1 
ATOM   628  C  CA  . LEU A 1 97  ? 4.750   6.247   7.523   1.00 22.05 ? 82  LEU A CA  1 
ATOM   629  C  C   . LEU A 1 97  ? 6.252   6.536   7.644   1.00 24.37 ? 82  LEU A C   1 
ATOM   630  O  O   . LEU A 1 97  ? 7.038   6.183   6.760   1.00 24.26 ? 82  LEU A O   1 
ATOM   631  C  CB  . LEU A 1 97  ? 4.033   7.450   6.925   1.00 20.72 ? 82  LEU A CB  1 
ATOM   632  C  CG  . LEU A 1 97  ? 2.574   7.183   6.502   1.00 19.43 ? 82  LEU A CG  1 
ATOM   633  C  CD1 . LEU A 1 97  ? 1.902   8.514   6.191   1.00 25.66 ? 82  LEU A CD1 1 
ATOM   634  C  CD2 . LEU A 1 97  ? 2.517   6.207   5.293   1.00 24.04 ? 82  LEU A CD2 1 
ATOM   635  N  N   . ALA A 1 98  ? 6.637   7.203   8.729   1.00 24.44 ? 83  ALA A N   1 
ATOM   636  C  CA  . ALA A 1 98  ? 8.049   7.507   8.983   1.00 21.56 ? 83  ALA A CA  1 
ATOM   637  C  C   . ALA A 1 98  ? 8.877   6.243   9.239   1.00 21.74 ? 83  ALA A C   1 
ATOM   638  O  O   . ALA A 1 98  ? 10.013  6.120   8.750   1.00 21.10 ? 83  ALA A O   1 
ATOM   639  C  CB  . ALA A 1 98  ? 8.180   8.507   10.148  1.00 21.74 ? 83  ALA A CB  1 
HETATM 640  N  N   . MSE A 1 99  ? 8.306   5.282   9.960   1.00 23.02 ? 84  MSE A N   1 
HETATM 641  C  CA  . MSE A 1 99  ? 9.006   4.010   10.191  1.00 26.11 ? 84  MSE A CA  1 
HETATM 642  C  C   . MSE A 1 99  ? 9.176   3.203   8.903   1.00 22.93 ? 84  MSE A C   1 
HETATM 643  O  O   . MSE A 1 99  ? 10.237  2.608   8.660   1.00 21.37 ? 84  MSE A O   1 
HETATM 644  C  CB  . MSE A 1 99  ? 8.276   3.174   11.231  1.00 25.47 ? 84  MSE A CB  1 
HETATM 645  C  CG  . MSE A 1 99  ? 8.291   3.792   12.619  1.00 28.86 ? 84  MSE A CG  1 
HETATM 646  SE SE  . MSE A 1 99  ? 7.359   2.645   13.877  1.00 40.17 ? 84  MSE A SE  1 
HETATM 647  C  CE  . MSE A 1 99  ? 8.409   0.977   13.690  1.00 25.91 ? 84  MSE A CE  1 
ATOM   648  N  N   . ALA A 1 100 ? 8.133   3.194   8.075   1.00 23.47 ? 85  ALA A N   1 
ATOM   649  C  CA  . ALA A 1 100 ? 8.177   2.540   6.759   1.00 21.01 ? 85  ALA A CA  1 
ATOM   650  C  C   . ALA A 1 100 ? 9.189   3.218   5.830   1.00 21.88 ? 85  ALA A C   1 
ATOM   651  O  O   . ALA A 1 100 ? 9.968   2.540   5.158   1.00 25.31 ? 85  ALA A O   1 
ATOM   652  C  CB  . ALA A 1 100 ? 6.778   2.527   6.123   1.00 20.79 ? 85  ALA A CB  1 
ATOM   653  N  N   . GLU A 1 101 ? 9.178   4.550   5.784   1.00 20.90 ? 86  GLU A N   1 
ATOM   654  C  CA  . GLU A 1 101 ? 10.120  5.270   4.923   1.00 21.80 ? 86  GLU A CA  1 
ATOM   655  C  C   . GLU A 1 101 ? 11.574  5.013   5.342   1.00 23.89 ? 86  GLU A C   1 
ATOM   656  O  O   . GLU A 1 101 ? 12.447  4.769   4.492   1.00 23.10 ? 86  GLU A O   1 
ATOM   657  C  CB  . GLU A 1 101 ? 9.832   6.764   4.908   1.00 20.29 ? 86  GLU A CB  1 
ATOM   658  C  CG  . GLU A 1 101 ? 10.905  7.540   4.143   1.00 20.13 ? 86  GLU A CG  1 
ATOM   659  C  CD  . GLU A 1 101 ? 10.491  8.954   3.801   1.00 24.69 ? 86  GLU A CD  1 
ATOM   660  O  OE1 . GLU A 1 101 ? 9.299   9.282   3.912   1.00 22.14 ? 86  GLU A OE1 1 
ATOM   661  O  OE2 . GLU A 1 101 ? 11.366  9.742   3.395   1.00 25.40 ? 86  GLU A OE2 1 
ATOM   662  N  N   . GLU A 1 102 ? 11.825  5.080   6.644   1.00 24.41 ? 87  GLU A N   1 
ATOM   663  C  CA  . GLU A 1 102 ? 13.152  4.779   7.174   1.00 26.07 ? 87  GLU A CA  1 
ATOM   664  C  C   . GLU A 1 102 ? 13.643  3.409   6.708   1.00 24.85 ? 87  GLU A C   1 
ATOM   665  O  O   . GLU A 1 102 ? 14.792  3.278   6.273   1.00 24.32 ? 87  GLU A O   1 
ATOM   666  C  CB  . GLU A 1 102 ? 13.173  4.894   8.705   1.00 26.64 ? 87  GLU A CB  1 
ATOM   667  C  CG  . GLU A 1 102 ? 14.537  4.632   9.322   1.00 26.58 ? 87  GLU A CG  1 
ATOM   668  C  CD  . GLU A 1 102 ? 14.556  4.813   10.828  1.00 32.13 ? 87  GLU A CD  1 
ATOM   669  O  OE1 . GLU A 1 102 ? 13.610  5.426   11.382  1.00 40.37 ? 87  GLU A OE1 1 
ATOM   670  O  OE2 . GLU A 1 102 ? 15.526  4.345   11.459  1.00 36.01 ? 87  GLU A OE2 1 
ATOM   671  N  N   . GLU A 1 103 ? 12.785  2.393   6.808   1.00 24.64 ? 88  GLU A N   1 
ATOM   672  C  CA  . GLU A 1 103 ? 13.147  1.021   6.405   1.00 25.45 ? 88  GLU A CA  1 
ATOM   673  C  C   . GLU A 1 103 ? 13.335  0.926   4.889   1.00 25.10 ? 88  GLU A C   1 
ATOM   674  O  O   . GLU A 1 103 ? 14.285  0.285   4.410   1.00 22.77 ? 88  GLU A O   1 
ATOM   675  C  CB  . GLU A 1 103 ? 12.119  0.001   6.932   1.00 26.56 ? 88  GLU A CB  1 
ATOM   676  C  CG  . GLU A 1 103 ? 12.328  -1.481  6.511   1.00 26.12 ? 88  GLU A CG  1 
ATOM   677  C  CD  . GLU A 1 103 ? 13.715  -2.047  6.827   1.00 28.66 ? 88  GLU A CD  1 
ATOM   678  O  OE1 . GLU A 1 103 ? 14.419  -1.490  7.694   1.00 27.03 ? 88  GLU A OE1 1 
ATOM   679  O  OE2 . GLU A 1 103 ? 14.092  -3.065  6.204   1.00 31.33 ? 88  GLU A OE2 1 
ATOM   680  N  N   . ALA A 1 104 ? 12.466  1.607   4.138   1.00 25.01 ? 89  ALA A N   1 
ATOM   681  C  CA  . ALA A 1 104 ? 12.566  1.632   2.675   1.00 23.98 ? 89  ALA A CA  1 
ATOM   682  C  C   . ALA A 1 104 ? 13.859  2.303   2.216   1.00 22.95 ? 89  ALA A C   1 
ATOM   683  O  O   . ALA A 1 104 ? 14.528  1.809   1.310   1.00 22.67 ? 89  ALA A O   1 
ATOM   684  C  CB  . ALA A 1 104 ? 11.349  2.320   2.056   1.00 23.00 ? 89  ALA A CB  1 
ATOM   685  N  N   . ARG A 1 105 ? 14.225  3.407   2.860   1.00 23.24 ? 90  ARG A N   1 
ATOM   686  C  CA  . ARG A 1 105 ? 15.503  4.061   2.555   1.00 25.90 ? 90  ARG A CA  1 
ATOM   687  C  C   . ARG A 1 105 ? 16.685  3.135   2.841   1.00 26.14 ? 90  ARG A C   1 
ATOM   688  O  O   . ARG A 1 105 ? 17.624  3.052   2.044   1.00 26.08 ? 90  ARG A O   1 
ATOM   689  C  CB  . ARG A 1 105 ? 15.646  5.372   3.324   1.00 27.39 ? 90  ARG A CB  1 
ATOM   690  C  CG  . ARG A 1 105 ? 14.768  6.488   2.770   1.00 24.02 ? 90  ARG A CG  1 
ATOM   691  C  CD  . ARG A 1 105 ? 14.796  7.675   3.723   1.00 27.94 ? 90  ARG A CD  1 
ATOM   692  N  NE  . ARG A 1 105 ? 13.997  8.797   3.239   1.00 21.58 ? 90  ARG A NE  1 
ATOM   693  C  CZ  . ARG A 1 105 ? 14.484  9.831   2.552   1.00 27.72 ? 90  ARG A CZ  1 
ATOM   694  N  NH1 . ARG A 1 105 ? 15.766  9.898   2.241   1.00 23.13 ? 90  ARG A NH1 1 
ATOM   695  N  NH2 . ARG A 1 105 ? 13.682  10.805  2.174   1.00 23.80 ? 90  ARG A NH2 1 
ATOM   696  N  N   . LYS A 1 106 ? 16.612  2.416   3.960   1.00 26.81 ? 91  LYS A N   1 
ATOM   697  C  CA  . LYS A 1 106 ? 17.629  1.418   4.302   1.00 27.51 ? 91  LYS A CA  1 
ATOM   698  C  C   . LYS A 1 106 ? 17.771  0.352   3.229   1.00 27.51 ? 91  LYS A C   1 
ATOM   699  O  O   . LYS A 1 106 ? 18.886  -0.084  2.912   1.00 24.65 ? 91  LYS A O   1 
ATOM   700  C  CB  . LYS A 1 106 ? 17.301  0.741   5.629   1.00 27.41 ? 91  LYS A CB  1 
ATOM   701  C  CG  . LYS A 1 106 ? 17.602  1.574   6.834   1.00 36.19 ? 91  LYS A CG  1 
ATOM   702  C  CD  . LYS A 1 106 ? 18.110  0.713   7.983   1.00 39.33 ? 91  LYS A CD  1 
ATOM   703  C  CE  . LYS A 1 106 ? 18.152  1.516   9.279   1.00 44.09 ? 91  LYS A CE  1 
ATOM   704  N  NZ  . LYS A 1 106 ? 16.818  1.601   9.947   1.00 39.49 ? 91  LYS A NZ  1 
ATOM   705  N  N   . ARG A 1 107 ? 16.638  -0.064  2.665   1.00 26.61 ? 92  ARG A N   1 
ATOM   706  C  CA  . ARG A 1 107 ? 16.628  -1.097  1.625   1.00 27.99 ? 92  ARG A CA  1 
ATOM   707  C  C   . ARG A 1 107 ? 17.127  -0.555  0.283   1.00 29.48 ? 92  ARG A C   1 
ATOM   708  O  O   . ARG A 1 107 ? 17.210  -1.301  -0.695  1.00 30.97 ? 92  ARG A O   1 
ATOM   709  C  CB  . ARG A 1 107 ? 15.222  -1.689  1.469   1.00 26.15 ? 92  ARG A CB  1 
ATOM   710  C  CG  . ARG A 1 107 ? 14.665  -2.340  2.737   1.00 29.52 ? 92  ARG A CG  1 
ATOM   711  C  CD  . ARG A 1 107 ? 13.326  -2.986  2.483   1.00 26.70 ? 92  ARG A CD  1 
ATOM   712  N  NE  . ARG A 1 107 ? 12.820  -3.637  3.685   1.00 24.89 ? 92  ARG A NE  1 
ATOM   713  C  CZ  . ARG A 1 107 ? 11.679  -4.320  3.763   1.00 28.93 ? 92  ARG A CZ  1 
ATOM   714  N  NH1 . ARG A 1 107 ? 10.901  -4.477  2.697   1.00 21.52 ? 92  ARG A NH1 1 
ATOM   715  N  NH2 . ARG A 1 107 ? 11.321  -4.865  4.918   1.00 26.94 ? 92  ARG A NH2 1 
ATOM   716  N  N   . GLY A 1 108 ? 17.438  0.743   0.246   1.00 28.49 ? 93  GLY A N   1 
ATOM   717  C  CA  . GLY A 1 108 ? 17.908  1.417   -0.963  1.00 26.71 ? 93  GLY A CA  1 
ATOM   718  C  C   . GLY A 1 108 ? 16.826  1.915   -1.911  1.00 25.03 ? 93  GLY A C   1 
ATOM   719  O  O   . GLY A 1 108 ? 17.109  2.159   -3.083  1.00 24.45 ? 93  GLY A O   1 
ATOM   720  N  N   . CYS A 1 109 ? 15.591  2.068   -1.420  1.00 23.70 ? 94  CYS A N   1 
ATOM   721  C  CA  . CYS A 1 109 ? 14.468  2.526   -2.262  1.00 25.68 ? 94  CYS A CA  1 
ATOM   722  C  C   . CYS A 1 109 ? 14.606  3.988   -2.650  1.00 25.24 ? 94  CYS A C   1 
ATOM   723  O  O   . CYS A 1 109 ? 15.244  4.749   -1.941  1.00 24.28 ? 94  CYS A O   1 
ATOM   724  C  CB  . CYS A 1 109 ? 13.120  2.312   -1.570  1.00 24.96 ? 94  CYS A CB  1 
ATOM   725  S  SG  . CYS A 1 109 ? 12.750  0.558   -1.313  1.00 29.64 ? 94  CYS A SG  1 
HETATM 726  N  N   . MSE A 1 110 ? 13.990  4.343   -3.778  1.00 23.77 ? 95  MSE A N   1 
HETATM 727  C  CA  . MSE A 1 110 ? 14.006  5.676   -4.363  1.00 30.22 ? 95  MSE A CA  1 
HETATM 728  C  C   . MSE A 1 110 ? 12.771  6.504   -4.011  1.00 23.75 ? 95  MSE A C   1 
HETATM 729  O  O   . MSE A 1 110 ? 12.728  7.713   -4.232  1.00 22.69 ? 95  MSE A O   1 
HETATM 730  C  CB  . MSE A 1 110 ? 14.036  5.539   -5.886  1.00 28.66 ? 95  MSE A CB  1 
HETATM 731  C  CG  . MSE A 1 110 ? 15.285  4.901   -6.459  1.00 41.59 ? 95  MSE A CG  1 
HETATM 732  SE SE  . MSE A 1 110 ? 14.885  4.400   -8.317  1.00 51.45 ? 95  MSE A SE  1 
HETATM 733  C  CE  . MSE A 1 110 ? 14.439  6.092   -8.961  1.00 47.00 ? 95  MSE A CE  1 
ATOM   734  N  N   . GLY A 1 111 ? 11.741  5.851   -3.502  1.00 17.25 ? 96  GLY A N   1 
ATOM   735  C  CA  . GLY A 1 111 ? 10.491  6.550   -3.217  1.00 18.44 ? 96  GLY A CA  1 
ATOM   736  C  C   . GLY A 1 111 ? 9.394   5.641   -2.691  1.00 18.00 ? 96  GLY A C   1 
ATOM   737  O  O   . GLY A 1 111 ? 9.577   4.413   -2.571  1.00 19.13 ? 96  GLY A O   1 
ATOM   738  N  N   . ALA A 1 112 ? 8.254   6.238   -2.380  1.00 19.71 ? 97  ALA A N   1 
ATOM   739  C  CA  . ALA A 1 112 ? 7.096   5.495   -1.850  1.00 19.48 ? 97  ALA A CA  1 
ATOM   740  C  C   . ALA A 1 112 ? 5.870   5.891   -2.636  1.00 20.59 ? 97  ALA A C   1 
ATOM   741  O  O   . ALA A 1 112 ? 5.781   7.006   -3.157  1.00 21.39 ? 97  ALA A O   1 
ATOM   742  C  CB  . ALA A 1 112 ? 6.879   5.831   -0.347  1.00 20.64 ? 97  ALA A CB  1 
ATOM   743  N  N   . TYR A 1 113 ? 4.896   4.998   -2.713  1.00 21.44 ? 98  TYR A N   1 
ATOM   744  C  CA  . TYR A 1 113 ? 3.585   5.426   -3.180  1.00 22.70 ? 98  TYR A CA  1 
ATOM   745  C  C   . TYR A 1 113 ? 2.457   4.827   -2.362  1.00 23.76 ? 98  TYR A C   1 
ATOM   746  O  O   . TYR A 1 113 ? 2.634   3.850   -1.619  1.00 22.32 ? 98  TYR A O   1 
ATOM   747  C  CB  . TYR A 1 113 ? 3.416   5.223   -4.709  1.00 23.22 ? 98  TYR A CB  1 
ATOM   748  C  CG  . TYR A 1 113 ? 3.318   3.777   -5.158  1.00 24.66 ? 98  TYR A CG  1 
ATOM   749  C  CD1 . TYR A 1 113 ? 2.108   3.259   -5.633  1.00 28.17 ? 98  TYR A CD1 1 
ATOM   750  C  CD2 . TYR A 1 113 ? 4.440   2.937   -5.149  1.00 27.29 ? 98  TYR A CD2 1 
ATOM   751  C  CE1 . TYR A 1 113 ? 2.012   1.927   -6.057  1.00 27.04 ? 98  TYR A CE1 1 
ATOM   752  C  CE2 . TYR A 1 113 ? 4.357   1.619   -5.584  1.00 30.79 ? 98  TYR A CE2 1 
ATOM   753  C  CZ  . TYR A 1 113 ? 3.144   1.121   -6.039  1.00 31.62 ? 98  TYR A CZ  1 
ATOM   754  O  OH  . TYR A 1 113 ? 3.066   -0.196  -6.467  1.00 27.66 ? 98  TYR A OH  1 
ATOM   755  N  N   . ILE A 1 114 ? 1.284   5.427   -2.522  1.00 24.74 ? 99  ILE A N   1 
ATOM   756  C  CA  . ILE A 1 114 ? 0.165   5.175   -1.648  1.00 23.56 ? 99  ILE A CA  1 
ATOM   757  C  C   . ILE A 1 114 ? -1.128  5.564   -2.358  1.00 24.15 ? 99  ILE A C   1 
ATOM   758  O  O   . ILE A 1 114 ? -1.119  6.365   -3.298  1.00 21.85 ? 99  ILE A O   1 
ATOM   759  C  CB  . ILE A 1 114 ? 0.355   5.934   -0.285  1.00 22.39 ? 99  ILE A CB  1 
ATOM   760  C  CG1 . ILE A 1 114 ? -0.507  5.332   0.819   1.00 22.14 ? 99  ILE A CG1 1 
ATOM   761  C  CG2 . ILE A 1 114 ? 0.064   7.444   -0.442  1.00 20.43 ? 99  ILE A CG2 1 
ATOM   762  C  CD1 . ILE A 1 114 ? -0.002  5.711   2.261   1.00 24.54 ? 99  ILE A CD1 1 
ATOM   763  N  N   . ASP A 1 115 ? -2.246  4.984   -1.930  1.00 26.53 ? 100 ASP A N   1 
ATOM   764  C  CA  . ASP A 1 115 ? -3.530  5.403   -2.501  1.00 25.81 ? 100 ASP A CA  1 
ATOM   765  C  C   . ASP A 1 115 ? -4.625  5.429   -1.443  1.00 25.90 ? 100 ASP A C   1 
ATOM   766  O  O   . ASP A 1 115 ? -4.490  4.811   -0.398  1.00 25.59 ? 100 ASP A O   1 
ATOM   767  C  CB  . ASP A 1 115 ? -3.909  4.511   -3.678  1.00 24.25 ? 100 ASP A CB  1 
ATOM   768  C  CG  . ASP A 1 115 ? -3.835  3.051   -3.326  1.00 28.07 ? 100 ASP A CG  1 
ATOM   769  O  OD1 . ASP A 1 115 ? -4.670  2.615   -2.532  1.00 35.07 ? 100 ASP A OD1 1 
ATOM   770  O  OD2 . ASP A 1 115 ? -2.933  2.359   -3.826  1.00 28.49 ? 100 ASP A OD2 1 
ATOM   771  N  N   . THR A 1 116 ? -5.705  6.144   -1.718  1.00 26.32 ? 101 THR A N   1 
ATOM   772  C  CA  . THR A 1 116 ? -6.756  6.314   -0.711  1.00 26.58 ? 101 THR A CA  1 
ATOM   773  C  C   . THR A 1 116 ? -8.061  6.831   -1.302  1.00 27.21 ? 101 THR A C   1 
ATOM   774  O  O   . THR A 1 116 ? -8.051  7.545   -2.306  1.00 25.35 ? 101 THR A O   1 
ATOM   775  C  CB  . THR A 1 116 ? -6.297  7.255   0.448   1.00 26.83 ? 101 THR A CB  1 
ATOM   776  O  OG1 . THR A 1 116 ? -7.256  7.203   1.498   1.00 28.01 ? 101 THR A OG1 1 
ATOM   777  C  CG2 . THR A 1 116 ? -6.149  8.709   -0.012  1.00 26.32 ? 101 THR A CG2 1 
HETATM 778  N  N   . MSE A 1 117 ? -9.172  6.470   -0.667  1.00 24.77 ? 102 MSE A N   1 
HETATM 779  C  CA  . MSE A 1 117 ? -10.468 7.097   -0.949  1.00 28.43 ? 102 MSE A CA  1 
HETATM 780  C  C   . MSE A 1 117 ? -10.964 7.962   0.213   1.00 23.52 ? 102 MSE A C   1 
HETATM 781  O  O   . MSE A 1 117 ? -12.060 8.505   0.169   1.00 22.69 ? 102 MSE A O   1 
HETATM 782  C  CB  . MSE A 1 117 ? -11.508 6.031   -1.255  1.00 28.11 ? 102 MSE A CB  1 
HETATM 783  C  CG  . MSE A 1 117 ? -11.980 5.305   0.005   1.00 33.29 ? 102 MSE A CG  1 
HETATM 784  SE SE  . MSE A 1 117 ? -13.262 3.889   -0.411  1.00 46.95 ? 102 MSE A SE  1 
HETATM 785  C  CE  . MSE A 1 117 ? -14.915 4.940   -0.410  1.00 36.46 ? 102 MSE A CE  1 
ATOM   786  N  N   . ASN A 1 118 ? -10.141 8.089   1.252   1.00 24.06 ? 103 ASN A N   1 
ATOM   787  C  CA  . ASN A 1 118 ? -10.520 8.781   2.491   1.00 24.34 ? 103 ASN A CA  1 
ATOM   788  C  C   . ASN A 1 118 ? -9.897  10.180  2.519   1.00 24.43 ? 103 ASN A C   1 
ATOM   789  O  O   . ASN A 1 118 ? -8.672  10.293  2.549   1.00 24.45 ? 103 ASN A O   1 
ATOM   790  C  CB  . ASN A 1 118 ? -10.030 7.927   3.669   1.00 25.47 ? 103 ASN A CB  1 
ATOM   791  C  CG  . ASN A 1 118 ? -10.408 8.494   5.014   1.00 25.52 ? 103 ASN A CG  1 
ATOM   792  O  OD1 . ASN A 1 118 ? -10.554 9.694   5.179   1.00 23.36 ? 103 ASN A OD1 1 
ATOM   793  N  ND2 . ASN A 1 118 ? -10.560 7.617   5.988   1.00 24.59 ? 103 ASN A ND2 1 
ATOM   794  N  N   . PRO A 1 119 ? -10.730 11.245  2.508   1.00 21.67 ? 104 PRO A N   1 
ATOM   795  C  CA  . PRO A 1 119 ? -10.233 12.618  2.463   1.00 24.88 ? 104 PRO A CA  1 
ATOM   796  C  C   . PRO A 1 119 ? -9.334  12.964  3.666   1.00 25.64 ? 104 PRO A C   1 
ATOM   797  O  O   . PRO A 1 119 ? -8.423  13.776  3.524   1.00 23.34 ? 104 PRO A O   1 
ATOM   798  C  CB  . PRO A 1 119 ? -11.511 13.463  2.480   1.00 23.80 ? 104 PRO A CB  1 
ATOM   799  C  CG  . PRO A 1 119 ? -12.565 12.553  2.031   1.00 26.27 ? 104 PRO A CG  1 
ATOM   800  C  CD  . PRO A 1 119 ? -12.205 11.216  2.538   1.00 25.08 ? 104 PRO A CD  1 
ATOM   801  N  N   . ASP A 1 120 ? -9.572  12.327  4.816   1.00 25.57 ? 105 ASP A N   1 
ATOM   802  C  CA  . ASP A 1 120 ? -8.739  12.588  5.993   1.00 26.65 ? 105 ASP A CA  1 
ATOM   803  C  C   . ASP A 1 120 ? -7.370  11.904  5.881   1.00 25.82 ? 105 ASP A C   1 
ATOM   804  O  O   . ASP A 1 120 ? -6.356  12.468  6.316   1.00 25.61 ? 105 ASP A O   1 
ATOM   805  C  CB  . ASP A 1 120 ? -9.453  12.200  7.281   1.00 28.46 ? 105 ASP A CB  1 
ATOM   806  C  CG  . ASP A 1 120 ? -10.691 13.047  7.528   1.00 31.49 ? 105 ASP A CG  1 
ATOM   807  O  OD1 . ASP A 1 120 ? -10.576 14.291  7.634   1.00 35.63 ? 105 ASP A OD1 1 
ATOM   808  O  OD2 . ASP A 1 120 ? -11.780 12.469  7.580   1.00 33.22 ? 105 ASP A OD2 1 
ATOM   809  N  N   . ALA A 1 121 ? -7.349  10.696  5.318   1.00 24.62 ? 106 ALA A N   1 
ATOM   810  C  CA  . ALA A 1 121 ? -6.092  10.010  5.020   1.00 25.22 ? 106 ALA A CA  1 
ATOM   811  C  C   . ALA A 1 121 ? -5.307  10.779  3.964   1.00 24.72 ? 106 ALA A C   1 
ATOM   812  O  O   . ALA A 1 121 ? -4.098  10.906  4.097   1.00 24.11 ? 106 ALA A O   1 
ATOM   813  C  CB  . ALA A 1 121 ? -6.331  8.587   4.568   1.00 25.49 ? 106 ALA A CB  1 
ATOM   814  N  N   . LEU A 1 122 ? -5.994  11.279  2.927   1.00 23.08 ? 107 LEU A N   1 
ATOM   815  C  CA  . LEU A 1 122 ? -5.364  12.085  1.875   1.00 25.10 ? 107 LEU A CA  1 
ATOM   816  C  C   . LEU A 1 122 ? -4.647  13.313  2.447   1.00 25.33 ? 107 LEU A C   1 
ATOM   817  O  O   . LEU A 1 122 ? -3.503  13.588  2.086   1.00 24.29 ? 107 LEU A O   1 
ATOM   818  C  CB  . LEU A 1 122 ? -6.387  12.514  0.801   1.00 23.77 ? 107 LEU A CB  1 
ATOM   819  C  CG  . LEU A 1 122 ? -5.907  13.438  -0.339  1.00 23.73 ? 107 LEU A CG  1 
ATOM   820  C  CD1 . LEU A 1 122 ? -4.788  12.769  -1.133  1.00 22.79 ? 107 LEU A CD1 1 
ATOM   821  C  CD2 . LEU A 1 122 ? -7.046  13.740  -1.281  1.00 26.97 ? 107 LEU A CD2 1 
ATOM   822  N  N   . ARG A 1 123 ? -5.324  14.041  3.340   1.00 24.54 ? 108 ARG A N   1 
ATOM   823  C  CA  A ARG A 1 123 ? -4.737  15.191  4.027   0.50 25.34 ? 108 ARG A CA  1 
ATOM   824  C  CA  B ARG A 1 123 ? -4.712  15.194  4.004   0.50 25.16 ? 108 ARG A CA  1 
ATOM   825  C  C   . ARG A 1 123 ? -3.498  14.795  4.843   1.00 24.38 ? 108 ARG A C   1 
ATOM   826  O  O   . ARG A 1 123 ? -2.483  15.474  4.819   1.00 24.93 ? 108 ARG A O   1 
ATOM   827  C  CB  A ARG A 1 123 ? -5.792  15.838  4.929   0.50 26.20 ? 108 ARG A CB  1 
ATOM   828  C  CB  B ARG A 1 123 ? -5.733  15.963  4.849   0.50 25.93 ? 108 ARG A CB  1 
ATOM   829  C  CG  A ARG A 1 123 ? -5.441  17.225  5.433   0.50 28.20 ? 108 ARG A CG  1 
ATOM   830  C  CG  B ARG A 1 123 ? -6.636  16.881  4.035   0.50 24.78 ? 108 ARG A CG  1 
ATOM   831  C  CD  A ARG A 1 123 ? -6.544  17.799  6.322   0.50 26.97 ? 108 ARG A CD  1 
ATOM   832  C  CD  B ARG A 1 123 ? -7.680  17.569  4.920   0.50 27.68 ? 108 ARG A CD  1 
ATOM   833  N  NE  A ARG A 1 123 ? -6.881  16.910  7.433   0.50 32.60 ? 108 ARG A NE  1 
ATOM   834  N  NE  B ARG A 1 123 ? -8.938  17.747  4.199   0.50 30.47 ? 108 ARG A NE  1 
ATOM   835  C  CZ  A ARG A 1 123 ? -8.016  16.225  7.530   0.50 27.69 ? 108 ARG A CZ  1 
ATOM   836  C  CZ  B ARG A 1 123 ? -10.012 16.977  4.349   0.50 32.15 ? 108 ARG A CZ  1 
ATOM   837  N  NH1 A ARG A 1 123 ? -8.936  16.320  6.582   0.50 29.07 ? 108 ARG A NH1 1 
ATOM   838  N  NH1 B ARG A 1 123 ? -10.022 15.967  5.211   0.50 31.17 ? 108 ARG A NH1 1 
ATOM   839  N  NH2 A ARG A 1 123 ? -8.226  15.438  8.576   0.50 26.12 ? 108 ARG A NH2 1 
ATOM   840  N  NH2 B ARG A 1 123 ? -11.093 17.230  3.636   0.50 37.42 ? 108 ARG A NH2 1 
ATOM   841  N  N   . THR A 1 124 ? -3.603  13.692  5.579   1.00 24.03 ? 109 THR A N   1 
ATOM   842  C  CA  . THR A 1 124 ? -2.470  13.173  6.346   1.00 26.17 ? 109 THR A CA  1 
ATOM   843  C  C   . THR A 1 124 ? -1.277  12.891  5.430   1.00 24.46 ? 109 THR A C   1 
ATOM   844  O  O   . THR A 1 124 ? -0.133  13.272  5.738   1.00 25.22 ? 109 THR A O   1 
ATOM   845  C  CB  . THR A 1 124 ? -2.862  11.871  7.090   1.00 27.65 ? 109 THR A CB  1 
ATOM   846  O  OG1 . THR A 1 124 ? -3.931  12.165  7.999   1.00 32.25 ? 109 THR A OG1 1 
ATOM   847  C  CG2 . THR A 1 124 ? -1.674  11.288  7.868   1.00 31.67 ? 109 THR A CG2 1 
ATOM   848  N  N   . TYR A 1 125 ? -1.542  12.236  4.302   1.00 18.62 ? 110 TYR A N   1 
ATOM   849  C  CA  . TYR A 1 125 ? -0.455  11.854  3.389   1.00 22.50 ? 110 TYR A CA  1 
ATOM   850  C  C   . TYR A 1 125 ? 0.178   13.073  2.775   1.00 21.94 ? 110 TYR A C   1 
ATOM   851  O  O   . TYR A 1 125 ? 1.397   13.142  2.646   1.00 21.92 ? 110 TYR A O   1 
ATOM   852  C  CB  . TYR A 1 125 ? -0.946  10.917  2.273   1.00 20.45 ? 110 TYR A CB  1 
ATOM   853  C  CG  . TYR A 1 125 ? -1.559  9.635   2.765   1.00 25.07 ? 110 TYR A CG  1 
ATOM   854  C  CD1 . TYR A 1 125 ? -1.267  9.143   4.039   1.00 26.35 ? 110 TYR A CD1 1 
ATOM   855  C  CD2 . TYR A 1 125 ? -2.443  8.902   1.946   1.00 24.73 ? 110 TYR A CD2 1 
ATOM   856  C  CE1 . TYR A 1 125 ? -1.851  7.982   4.502   1.00 24.67 ? 110 TYR A CE1 1 
ATOM   857  C  CE2 . TYR A 1 125 ? -3.018  7.699   2.398   1.00 24.30 ? 110 TYR A CE2 1 
ATOM   858  C  CZ  . TYR A 1 125 ? -2.721  7.258   3.676   1.00 27.97 ? 110 TYR A CZ  1 
ATOM   859  O  OH  . TYR A 1 125 ? -3.277  6.090   4.158   1.00 28.94 ? 110 TYR A OH  1 
ATOM   860  N  N   . GLU A 1 126 ? -0.647  14.046  2.406   1.00 23.34 ? 111 GLU A N   1 
ATOM   861  C  CA  . GLU A 1 126 ? -0.117  15.279  1.821   1.00 25.65 ? 111 GLU A CA  1 
ATOM   862  C  C   . GLU A 1 126 ? 0.740   16.089  2.810   1.00 27.01 ? 111 GLU A C   1 
ATOM   863  O  O   . GLU A 1 126 ? 1.813   16.604  2.448   1.00 24.37 ? 111 GLU A O   1 
ATOM   864  C  CB  . GLU A 1 126 ? -1.253  16.112  1.232   1.00 26.03 ? 111 GLU A CB  1 
ATOM   865  C  CG  . GLU A 1 126 ? -1.815  15.500  -0.068  1.00 27.01 ? 111 GLU A CG  1 
ATOM   866  C  CD  . GLU A 1 126 ? -2.963  16.311  -0.670  1.00 32.16 ? 111 GLU A CD  1 
ATOM   867  O  OE1 . GLU A 1 126 ? -3.872  16.733  0.078   1.00 40.21 ? 111 GLU A OE1 1 
ATOM   868  O  OE2 . GLU A 1 126 ? -2.969  16.504  -1.898  1.00 44.32 ? 111 GLU A OE2 1 
ATOM   869  N  N   . ARG A 1 127 ? 0.272   16.195  4.054   1.00 25.48 ? 112 ARG A N   1 
ATOM   870  C  CA  . ARG A 1 127 ? 1.033   16.876  5.107   1.00 28.78 ? 112 ARG A CA  1 
ATOM   871  C  C   . ARG A 1 127 ? 2.391   16.203  5.338   1.00 25.64 ? 112 ARG A C   1 
ATOM   872  O  O   . ARG A 1 127 ? 3.416   16.888  5.491   1.00 22.92 ? 112 ARG A O   1 
ATOM   873  C  CB  . ARG A 1 127 ? 0.243   16.910  6.418   1.00 27.99 ? 112 ARG A CB  1 
ATOM   874  C  CG  . ARG A 1 127 ? -0.818  17.995  6.539   1.00 36.68 ? 112 ARG A CG  1 
ATOM   875  C  CD  . ARG A 1 127 ? -1.226  18.160  8.018   1.00 36.56 ? 112 ARG A CD  1 
ATOM   876  N  NE  . ARG A 1 127 ? -1.890  16.951  8.525   1.00 46.28 ? 112 ARG A NE  1 
ATOM   877  C  CZ  . ARG A 1 127 ? -3.206  16.827  8.694   1.00 51.35 ? 112 ARG A CZ  1 
ATOM   878  N  NH1 . ARG A 1 127 ? -4.015  17.849  8.431   1.00 56.11 ? 112 ARG A NH1 1 
ATOM   879  N  NH2 . ARG A 1 127 ? -3.712  15.684  9.146   1.00 44.29 ? 112 ARG A NH2 1 
ATOM   880  N  N   . TYR A 1 128 ? 2.371   14.864  5.371   1.00 25.16 ? 113 TYR A N   1 
ATOM   881  C  CA  . TYR A 1 128 ? 3.566   14.015  5.483   1.00 24.39 ? 113 TYR A CA  1 
ATOM   882  C  C   . TYR A 1 128 ? 4.605   14.275  4.382   1.00 26.09 ? 113 TYR A C   1 
ATOM   883  O  O   . TYR A 1 128 ? 5.813   14.203  4.628   1.00 25.61 ? 113 TYR A O   1 
ATOM   884  C  CB  . TYR A 1 128 ? 3.184   12.514  5.574   1.00 23.99 ? 113 TYR A CB  1 
ATOM   885  C  CG  . TYR A 1 128 ? 4.398   11.611  5.753   1.00 22.76 ? 113 TYR A CG  1 
ATOM   886  C  CD1 . TYR A 1 128 ? 5.001   11.470  7.006   1.00 27.70 ? 113 TYR A CD1 1 
ATOM   887  C  CD2 . TYR A 1 128 ? 4.971   10.947  4.659   1.00 17.60 ? 113 TYR A CD2 1 
ATOM   888  C  CE1 . TYR A 1 128 ? 6.141   10.695  7.172   1.00 25.43 ? 113 TYR A CE1 1 
ATOM   889  C  CE2 . TYR A 1 128 ? 6.127   10.166  4.811   1.00 22.96 ? 113 TYR A CE2 1 
ATOM   890  C  CZ  . TYR A 1 128 ? 6.701   10.047  6.076   1.00 23.61 ? 113 TYR A CZ  1 
ATOM   891  O  OH  . TYR A 1 128 ? 7.825   9.276   6.269   1.00 28.37 ? 113 TYR A OH  1 
ATOM   892  N  N   . GLY A 1 129 ? 4.147   14.618  3.179   1.00 24.43 ? 114 GLY A N   1 
ATOM   893  C  CA  . GLY A 1 129 ? 5.071   14.892  2.077   1.00 24.22 ? 114 GLY A CA  1 
ATOM   894  C  C   . GLY A 1 129 ? 4.772   14.150  0.780   1.00 25.31 ? 114 GLY A C   1 
ATOM   895  O  O   . GLY A 1 129 ? 5.517   14.296  -0.192  1.00 24.52 ? 114 GLY A O   1 
ATOM   896  N  N   . PHE A 1 130 ? 3.710   13.342  0.752   1.00 24.05 ? 115 PHE A N   1 
ATOM   897  C  CA  . PHE A 1 130 ? 3.271   12.747  -0.529  1.00 24.03 ? 115 PHE A CA  1 
ATOM   898  C  C   . PHE A 1 130 ? 2.637   13.784  -1.430  1.00 24.22 ? 115 PHE A C   1 
ATOM   899  O  O   . PHE A 1 130 ? 2.065   14.761  -0.954  1.00 22.40 ? 115 PHE A O   1 
ATOM   900  C  CB  . PHE A 1 130 ? 2.266   11.623  -0.346  1.00 23.13 ? 115 PHE A CB  1 
ATOM   901  C  CG  . PHE A 1 130 ? 2.843   10.359  0.225   1.00 21.14 ? 115 PHE A CG  1 
ATOM   902  C  CD1 . PHE A 1 130 ? 3.169   9.283   -0.611  1.00 25.05 ? 115 PHE A CD1 1 
ATOM   903  C  CD2 . PHE A 1 130 ? 3.000   10.216  1.591   1.00 25.14 ? 115 PHE A CD2 1 
ATOM   904  C  CE1 . PHE A 1 130 ? 3.677   8.095   -0.081  1.00 25.04 ? 115 PHE A CE1 1 
ATOM   905  C  CE2 . PHE A 1 130 ? 3.487   9.023   2.129   1.00 23.01 ? 115 PHE A CE2 1 
ATOM   906  C  CZ  . PHE A 1 130 ? 3.833   7.965   1.285   1.00 23.67 ? 115 PHE A CZ  1 
ATOM   907  N  N   . THR A 1 131 ? 2.743   13.548  -2.735  1.00 23.88 ? 116 THR A N   1 
ATOM   908  C  CA  A THR A 1 131 ? 2.207   14.456  -3.748  0.50 24.67 ? 116 THR A CA  1 
ATOM   909  C  CA  B THR A 1 131 ? 2.185   14.457  -3.734  0.50 25.28 ? 116 THR A CA  1 
ATOM   910  C  C   . THR A 1 131 ? 1.378   13.646  -4.736  1.00 25.15 ? 116 THR A C   1 
ATOM   911  O  O   . THR A 1 131 ? 1.795   12.570  -5.165  1.00 26.46 ? 116 THR A O   1 
ATOM   912  C  CB  A THR A 1 131 ? 3.325   15.187  -4.502  0.50 25.77 ? 116 THR A CB  1 
ATOM   913  C  CB  B THR A 1 131 ? 3.264   15.336  -4.432  0.50 26.55 ? 116 THR A CB  1 
ATOM   914  O  OG1 A THR A 1 131 ? 4.204   14.225  -5.092  0.50 30.18 ? 116 THR A OG1 1 
ATOM   915  O  OG1 B THR A 1 131 ? 2.651   16.132  -5.456  0.50 27.91 ? 116 THR A OG1 1 
ATOM   916  C  CG2 A THR A 1 131 ? 4.115   16.080  -3.563  0.50 22.70 ? 116 THR A CG2 1 
ATOM   917  C  CG2 B THR A 1 131 ? 4.354   14.488  -5.060  0.50 30.57 ? 116 THR A CG2 1 
ATOM   918  N  N   . LYS A 1 132 ? 0.204   14.166  -5.074  1.00 23.48 ? 117 LYS A N   1 
ATOM   919  C  CA  . LYS A 1 132 ? -0.766  13.452  -5.880  1.00 24.19 ? 117 LYS A CA  1 
ATOM   920  C  C   . LYS A 1 132 ? -0.215  13.182  -7.260  1.00 23.85 ? 117 LYS A C   1 
ATOM   921  O  O   . LYS A 1 132 ? 0.431   14.036  -7.863  1.00 24.84 ? 117 LYS A O   1 
ATOM   922  C  CB  . LYS A 1 132 ? -2.056  14.270  -5.983  1.00 27.35 ? 117 LYS A CB  1 
ATOM   923  C  CG  . LYS A 1 132 ? -2.673  14.579  -4.627  1.00 31.15 ? 117 LYS A CG  1 
ATOM   924  C  CD  . LYS A 1 132 ? -4.162  14.903  -4.707  1.00 44.00 ? 117 LYS A CD  1 
ATOM   925  C  CE  . LYS A 1 132 ? -4.422  16.400  -4.696  1.00 45.04 ? 117 LYS A CE  1 
ATOM   926  N  NZ  . LYS A 1 132 ? -5.751  16.698  -4.078  1.00 52.92 ? 117 LYS A NZ  1 
ATOM   927  N  N   . ILE A 1 133 ? -0.476  11.989  -7.765  1.00 22.63 ? 118 ILE A N   1 
ATOM   928  C  CA  . ILE A 1 133 ? -0.034  11.641  -9.108  1.00 25.03 ? 118 ILE A CA  1 
ATOM   929  C  C   . ILE A 1 133 ? -1.212  11.404  -10.046 1.00 23.36 ? 118 ILE A C   1 
ATOM   930  O  O   . ILE A 1 133 ? -1.047  11.432  -11.249 1.00 22.49 ? 118 ILE A O   1 
ATOM   931  C  CB  . ILE A 1 133 ? 0.996   10.471  -9.129  1.00 27.84 ? 118 ILE A CB  1 
ATOM   932  C  CG1 . ILE A 1 133 ? 0.445   9.219   -8.451  1.00 28.40 ? 118 ILE A CG1 1 
ATOM   933  C  CG2 . ILE A 1 133 ? 2.323   10.931  -8.495  1.00 26.30 ? 118 ILE A CG2 1 
ATOM   934  C  CD1 . ILE A 1 133 ? 1.484   8.089   -8.238  1.00 29.88 ? 118 ILE A CD1 1 
ATOM   935  N  N   . GLY A 1 134 ? -2.404  11.213  -9.486  1.00 22.89 ? 119 GLY A N   1 
ATOM   936  C  CA  . GLY A 1 134 ? -3.616  11.060  -10.300 1.00 21.74 ? 119 GLY A CA  1 
ATOM   937  C  C   . GLY A 1 134 ? -4.795  10.670  -9.430  1.00 22.72 ? 119 GLY A C   1 
ATOM   938  O  O   . GLY A 1 134 ? -4.626  10.382  -8.239  1.00 20.09 ? 119 GLY A O   1 
ATOM   939  N  N   . SER A 1 135 ? -5.985  10.634  -10.031 1.00 21.81 ? 120 SER A N   1 
ATOM   940  C  CA  . SER A 1 135 ? -7.197  10.299  -9.287  1.00 23.24 ? 120 SER A CA  1 
ATOM   941  C  C   . SER A 1 135 ? -8.274  9.819   -10.242 1.00 23.21 ? 120 SER A C   1 
ATOM   942  O  O   . SER A 1 135 ? -8.170  10.006  -11.453 1.00 26.41 ? 120 SER A O   1 
ATOM   943  C  CB  . SER A 1 135 ? -7.691  11.509  -8.471  1.00 24.58 ? 120 SER A CB  1 
ATOM   944  O  OG  . SER A 1 135 ? -8.052  12.576  -9.342  1.00 23.10 ? 120 SER A OG  1 
ATOM   945  N  N   . LEU A 1 136 ? -9.295  9.169   -9.702  1.00 23.48 ? 121 LEU A N   1 
ATOM   946  C  CA  . LEU A 1 136 ? -10.467 8.832   -10.492 1.00 22.51 ? 121 LEU A CA  1 
ATOM   947  C  C   . LEU A 1 136 ? -11.693 8.904   -9.619  1.00 22.70 ? 121 LEU A C   1 
ATOM   948  O  O   . LEU A 1 136 ? -11.589 8.843   -8.397  1.00 21.74 ? 121 LEU A O   1 
ATOM   949  C  CB  . LEU A 1 136 ? -10.345 7.445   -11.129 1.00 26.45 ? 121 LEU A CB  1 
ATOM   950  C  CG  . LEU A 1 136 ? -10.350 6.163   -10.292 1.00 29.83 ? 121 LEU A CG  1 
ATOM   951  C  CD1 . LEU A 1 136 ? -11.757 5.785   -9.841  1.00 28.97 ? 121 LEU A CD1 1 
ATOM   952  C  CD2 . LEU A 1 136 ? -9.806  5.051   -11.174 1.00 30.70 ? 121 LEU A CD2 1 
ATOM   953  N  N   . GLY A 1 137 ? -12.854 9.048   -10.253 1.00 22.83 ? 122 GLY A N   1 
ATOM   954  C  CA  . GLY A 1 137 ? -14.106 9.099   -9.527  1.00 22.09 ? 122 GLY A CA  1 
ATOM   955  C  C   . GLY A 1 137 ? -15.148 9.868   -10.293 1.00 22.93 ? 122 GLY A C   1 
ATOM   956  O  O   . GLY A 1 137 ? -14.857 10.379  -11.363 1.00 23.79 ? 122 GLY A O   1 
ATOM   957  N  N   . PRO A 1 138 ? -16.372 9.983   -9.728  1.00 22.22 ? 123 PRO A N   1 
ATOM   958  C  CA  . PRO A 1 138 ? -16.606 9.423   -8.396  1.00 20.51 ? 123 PRO A CA  1 
ATOM   959  C  C   . PRO A 1 138 ? -16.843 7.913   -8.357  1.00 20.43 ? 123 PRO A C   1 
ATOM   960  O  O   . PRO A 1 138 ? -17.289 7.294   -9.357  1.00 17.92 ? 123 PRO A O   1 
ATOM   961  C  CB  . PRO A 1 138 ? -17.863 10.166  -7.923  1.00 20.05 ? 123 PRO A CB  1 
ATOM   962  C  CG  . PRO A 1 138 ? -18.619 10.473  -9.207  1.00 21.02 ? 123 PRO A CG  1 
ATOM   963  C  CD  . PRO A 1 138 ? -17.556 10.684  -10.263 1.00 21.55 ? 123 PRO A CD  1 
ATOM   964  N  N   . LEU A 1 139 ? -16.540 7.334   -7.197  1.00 20.32 ? 124 LEU A N   1 
ATOM   965  C  CA  . LEU A 1 139 ? -17.057 6.009   -6.850  1.00 20.35 ? 124 LEU A CA  1 
ATOM   966  C  C   . LEU A 1 139 ? -18.594 6.078   -6.629  1.00 24.84 ? 124 LEU A C   1 
ATOM   967  O  O   . LEU A 1 139 ? -19.164 7.174   -6.478  1.00 22.40 ? 124 LEU A O   1 
ATOM   968  C  CB  . LEU A 1 139 ? -16.337 5.473   -5.605  1.00 21.64 ? 124 LEU A CB  1 
ATOM   969  C  CG  . LEU A 1 139 ? -14.796 5.456   -5.640  1.00 22.28 ? 124 LEU A CG  1 
ATOM   970  C  CD1 . LEU A 1 139 ? -14.167 4.787   -4.410  1.00 26.25 ? 124 LEU A CD1 1 
ATOM   971  C  CD2 . LEU A 1 139 ? -14.238 4.859   -6.921  1.00 22.89 ? 124 LEU A CD2 1 
ATOM   972  N  N   . SER A 1 140 ? -19.237 4.899   -6.599  1.00 22.86 ? 125 SER A N   1 
ATOM   973  C  CA  A SER A 1 140 ? -20.686 4.766   -6.420  0.50 24.55 ? 125 SER A CA  1 
ATOM   974  C  CA  B SER A 1 140 ? -20.685 4.817   -6.443  0.50 25.38 ? 125 SER A CA  1 
ATOM   975  C  C   . SER A 1 140 ? -21.128 5.439   -5.134  1.00 25.13 ? 125 SER A C   1 
ATOM   976  O  O   . SER A 1 140 ? -22.253 5.895   -5.015  1.00 28.16 ? 125 SER A O   1 
ATOM   977  C  CB  A SER A 1 140 ? -21.078 3.288   -6.369  0.50 22.28 ? 125 SER A CB  1 
ATOM   978  C  CB  B SER A 1 140 ? -21.160 3.371   -6.538  0.50 23.39 ? 125 SER A CB  1 
ATOM   979  O  OG  A SER A 1 140 ? -20.548 2.676   -5.204  0.50 18.52 ? 125 SER A OG  1 
ATOM   980  O  OG  B SER A 1 140 ? -21.137 2.960   -7.886  0.50 26.29 ? 125 SER A OG  1 
ATOM   981  N  N   . SER A 1 141 ? -20.224 5.480   -4.168  1.00 27.87 ? 126 SER A N   1 
ATOM   982  C  CA  . SER A 1 141 ? -20.525 6.082   -2.890  1.00 27.81 ? 126 SER A CA  1 
ATOM   983  C  C   . SER A 1 141 ? -20.152 7.572   -2.807  1.00 26.29 ? 126 SER A C   1 
ATOM   984  O  O   . SER A 1 141 ? -20.399 8.209   -1.775  1.00 26.23 ? 126 SER A O   1 
ATOM   985  C  CB  . SER A 1 141 ? -19.912 5.254   -1.759  1.00 30.65 ? 126 SER A CB  1 
ATOM   986  O  OG  . SER A 1 141 ? -18.695 4.645   -2.167  1.00 30.72 ? 126 SER A OG  1 
ATOM   987  N  N   . GLY A 1 142 ? -19.564 8.107   -3.884  1.00 22.72 ? 127 GLY A N   1 
ATOM   988  C  CA  . GLY A 1 142 ? -19.269 9.539   -4.016  1.00 19.78 ? 127 GLY A CA  1 
ATOM   989  C  C   . GLY A 1 142 ? -17.851 10.023  -3.789  1.00 20.34 ? 127 GLY A C   1 
ATOM   990  O  O   . GLY A 1 142 ? -17.533 11.170  -4.087  1.00 21.81 ? 127 GLY A O   1 
ATOM   991  N  N   . GLN A 1 143 ? -16.996 9.159   -3.255  1.00 19.07 ? 128 GLN A N   1 
ATOM   992  C  CA  . GLN A 1 143 ? -15.607 9.486   -2.994  1.00 22.88 ? 128 GLN A CA  1 
ATOM   993  C  C   . GLN A 1 143 ? -14.798 9.316   -4.274  1.00 23.31 ? 128 GLN A C   1 
ATOM   994  O  O   . GLN A 1 143 ? -15.327 8.898   -5.305  1.00 24.84 ? 128 GLN A O   1 
ATOM   995  C  CB  . GLN A 1 143 ? -15.037 8.545   -1.918  1.00 24.58 ? 128 GLN A CB  1 
ATOM   996  C  CG  . GLN A 1 143 ? -15.840 8.509   -0.620  1.00 26.00 ? 128 GLN A CG  1 
ATOM   997  C  CD  . GLN A 1 143 ? -17.094 7.664   -0.725  1.00 30.94 ? 128 GLN A CD  1 
ATOM   998  O  OE1 . GLN A 1 143 ? -17.244 6.838   -1.654  1.00 32.31 ? 128 GLN A OE1 1 
ATOM   999  N  NE2 . GLN A 1 143 ? -18.024 7.881   0.210   1.00 36.68 ? 128 GLN A NE2 1 
ATOM   1000 N  N   . SER A 1 144 ? -13.528 9.698   -4.208  1.00 23.13 ? 129 SER A N   1 
ATOM   1001 C  CA  A SER A 1 144 ? -12.592 9.456   -5.295  0.50 24.10 ? 129 SER A CA  1 
ATOM   1002 C  CA  B SER A 1 144 ? -12.586 9.461   -5.292  0.50 23.87 ? 129 SER A CA  1 
ATOM   1003 C  C   . SER A 1 144 ? -11.435 8.597   -4.802  1.00 24.15 ? 129 SER A C   1 
ATOM   1004 O  O   . SER A 1 144 ? -11.177 8.516   -3.588  1.00 27.68 ? 129 SER A O   1 
ATOM   1005 C  CB  A SER A 1 144 ? -12.061 10.785  -5.848  0.50 23.79 ? 129 SER A CB  1 
ATOM   1006 C  CB  B SER A 1 144 ? -12.043 10.790  -5.826  0.50 23.52 ? 129 SER A CB  1 
ATOM   1007 O  OG  A SER A 1 144 ? -11.294 11.467  -4.874  0.50 26.62 ? 129 SER A OG  1 
ATOM   1008 O  OG  B SER A 1 144 ? -13.084 11.562  -6.387  0.50 24.52 ? 129 SER A OG  1 
ATOM   1009 N  N   . ILE A 1 145 ? -10.746 7.939   -5.731  1.00 24.67 ? 130 ILE A N   1 
ATOM   1010 C  CA  . ILE A 1 145 ? -9.443  7.324   -5.417  1.00 25.42 ? 130 ILE A CA  1 
ATOM   1011 C  C   . ILE A 1 145 ? -8.327  8.288   -5.831  1.00 26.14 ? 130 ILE A C   1 
ATOM   1012 O  O   . ILE A 1 145 ? -8.375  8.859   -6.924  1.00 24.35 ? 130 ILE A O   1 
ATOM   1013 C  CB  . ILE A 1 145 ? -9.232  5.943   -6.090  1.00 25.96 ? 130 ILE A CB  1 
ATOM   1014 C  CG1 . ILE A 1 145 ? -10.404 5.003   -5.771  1.00 28.24 ? 130 ILE A CG1 1 
ATOM   1015 C  CG2 . ILE A 1 145 ? -7.870  5.323   -5.650  1.00 28.59 ? 130 ILE A CG2 1 
ATOM   1016 C  CD1 . ILE A 1 145 ? -10.328 3.603   -6.409  1.00 26.78 ? 130 ILE A CD1 1 
ATOM   1017 N  N   . THR A 1 146 ? -7.342  8.495   -4.949  1.00 23.26 ? 131 THR A N   1 
ATOM   1018 C  CA  . THR A 1 146 ? -6.184  9.345   -5.272  1.00 22.08 ? 131 THR A CA  1 
ATOM   1019 C  C   . THR A 1 146 ? -4.924  8.526   -5.057  1.00 23.67 ? 131 THR A C   1 
ATOM   1020 O  O   . THR A 1 146 ? -4.831  7.786   -4.064  1.00 23.58 ? 131 THR A O   1 
ATOM   1021 C  CB  . THR A 1 146 ? -6.133  10.624  -4.385  1.00 21.93 ? 131 THR A CB  1 
ATOM   1022 O  OG1 . THR A 1 146 ? -7.385  11.302  -4.471  1.00 26.81 ? 131 THR A OG1 1 
ATOM   1023 C  CG2 . THR A 1 146 ? -5.004  11.595  -4.848  1.00 21.64 ? 131 THR A CG2 1 
ATOM   1024 N  N   . TRP A 1 147 ? -3.982  8.625   -6.008  1.00 21.04 ? 132 TRP A N   1 
ATOM   1025 C  CA  . TRP A 1 147 ? -2.666  7.996   -5.883  1.00 21.44 ? 132 TRP A CA  1 
ATOM   1026 C  C   . TRP A 1 147 ? -1.680  9.095   -5.619  1.00 21.20 ? 132 TRP A C   1 
ATOM   1027 O  O   . TRP A 1 147 ? -1.773  10.211  -6.189  1.00 18.72 ? 132 TRP A O   1 
ATOM   1028 C  CB  . TRP A 1 147 ? -2.270  7.237   -7.166  1.00 19.61 ? 132 TRP A CB  1 
ATOM   1029 C  CG  . TRP A 1 147 ? -3.044  5.931   -7.365  1.00 24.83 ? 132 TRP A CG  1 
ATOM   1030 C  CD1 . TRP A 1 147 ? -2.653  4.667   -6.983  1.00 26.28 ? 132 TRP A CD1 1 
ATOM   1031 C  CD2 . TRP A 1 147 ? -4.336  5.783   -7.978  1.00 20.03 ? 132 TRP A CD2 1 
ATOM   1032 N  NE1 . TRP A 1 147 ? -3.634  3.753   -7.321  1.00 24.00 ? 132 TRP A NE1 1 
ATOM   1033 C  CE2 . TRP A 1 147 ? -4.670  4.416   -7.933  1.00 23.83 ? 132 TRP A CE2 1 
ATOM   1034 C  CE3 . TRP A 1 147 ? -5.247  6.683   -8.558  1.00 20.20 ? 132 TRP A CE3 1 
ATOM   1035 C  CZ2 . TRP A 1 147 ? -5.882  3.929   -8.448  1.00 22.88 ? 132 TRP A CZ2 1 
ATOM   1036 C  CZ3 . TRP A 1 147 ? -6.440  6.200   -9.063  1.00 22.90 ? 132 TRP A CZ3 1 
ATOM   1037 C  CH2 . TRP A 1 147 ? -6.736  4.827   -9.017  1.00 24.42 ? 132 TRP A CH2 1 
ATOM   1038 N  N   . LEU A 1 148 ? -0.721  8.797   -4.749  1.00 19.87 ? 133 LEU A N   1 
ATOM   1039 C  CA  . LEU A 1 148 ? 0.292   9.776   -4.385  1.00 17.08 ? 133 LEU A CA  1 
ATOM   1040 C  C   . LEU A 1 148 ? 1.680   9.148   -4.381  1.00 20.28 ? 133 LEU A C   1 
ATOM   1041 O  O   . LEU A 1 148 ? 1.813   7.947   -4.148  1.00 20.27 ? 133 LEU A O   1 
ATOM   1042 C  CB  . LEU A 1 148 ? -0.005  10.373  -2.980  1.00 17.92 ? 133 LEU A CB  1 
ATOM   1043 C  CG  . LEU A 1 148 ? -1.355  11.064  -2.798  1.00 19.12 ? 133 LEU A CG  1 
ATOM   1044 C  CD1 . LEU A 1 148 ? -2.359  10.109  -2.183  1.00 28.24 ? 133 LEU A CD1 1 
ATOM   1045 C  CD2 . LEU A 1 148 ? -1.230  12.322  -1.919  1.00 22.07 ? 133 LEU A CD2 1 
ATOM   1046 N  N   . GLU A 1 149 ? 2.712   9.962   -4.613  1.00 20.64 ? 134 GLU A N   1 
ATOM   1047 C  CA  . GLU A 1 149 ? 4.099   9.493   -4.471  1.00 19.99 ? 134 GLU A CA  1 
ATOM   1048 C  C   . GLU A 1 149 ? 4.913   10.367  -3.494  1.00 22.72 ? 134 GLU A C   1 
ATOM   1049 O  O   . GLU A 1 149 ? 4.584   11.535  -3.241  1.00 23.49 ? 134 GLU A O   1 
ATOM   1050 C  CB  . GLU A 1 149 ? 4.808   9.499   -5.836  1.00 20.02 ? 134 GLU A CB  1 
ATOM   1051 C  CG  . GLU A 1 149 ? 5.109   10.935  -6.320  1.00 24.00 ? 134 GLU A CG  1 
ATOM   1052 C  CD  . GLU A 1 149 ? 5.770   11.019  -7.693  1.00 28.84 ? 134 GLU A CD  1 
ATOM   1053 O  OE1 . GLU A 1 149 ? 6.132   9.968   -8.259  1.00 32.33 ? 134 GLU A OE1 1 
ATOM   1054 O  OE2 . GLU A 1 149 ? 5.920   12.154  -8.200  1.00 40.78 ? 134 GLU A OE2 1 
ATOM   1055 N  N   . LYS A 1 150 ? 6.006   9.798   -3.000  1.00 22.19 ? 135 LYS A N   1 
ATOM   1056 C  CA  . LYS A 1 150 ? 7.005   10.538  -2.231  1.00 22.14 ? 135 LYS A CA  1 
ATOM   1057 C  C   . LYS A 1 150 ? 8.377   10.025  -2.639  1.00 23.91 ? 135 LYS A C   1 
ATOM   1058 O  O   . LYS A 1 150 ? 8.746   8.877   -2.370  1.00 27.16 ? 135 LYS A O   1 
ATOM   1059 C  CB  . LYS A 1 150 ? 6.789   10.397  -0.715  1.00 19.31 ? 135 LYS A CB  1 
ATOM   1060 C  CG  . LYS A 1 150 ? 7.715   11.302  0.136   1.00 22.85 ? 135 LYS A CG  1 
ATOM   1061 C  CD  . LYS A 1 150 ? 7.209   11.309  1.597   1.00 23.22 ? 135 LYS A CD  1 
ATOM   1062 C  CE  . LYS A 1 150 ? 7.956   12.302  2.466   1.00 24.43 ? 135 LYS A CE  1 
ATOM   1063 N  NZ  . LYS A 1 150 ? 9.343   11.874  2.763   1.00 28.99 ? 135 LYS A NZ  1 
ATOM   1064 N  N   . ARG A 1 151 ? 9.127   10.888  -3.303  1.00 25.32 ? 136 ARG A N   1 
ATOM   1065 C  CA  . ARG A 1 151 ? 10.448  10.525  -3.775  1.00 29.12 ? 136 ARG A CA  1 
ATOM   1066 C  C   . ARG A 1 151 ? 11.450  10.838  -2.679  1.00 28.82 ? 136 ARG A C   1 
ATOM   1067 O  O   . ARG A 1 151 ? 11.370  11.888  -2.040  1.00 27.15 ? 136 ARG A O   1 
ATOM   1068 C  CB  . ARG A 1 151 ? 10.773  11.268  -5.074  1.00 29.45 ? 136 ARG A CB  1 
ATOM   1069 C  CG  . ARG A 1 151 ? 9.643   11.229  -6.088  1.00 32.72 ? 136 ARG A CG  1 
ATOM   1070 C  CD  . ARG A 1 151 ? 10.017  11.857  -7.425  1.00 34.14 ? 136 ARG A CD  1 
ATOM   1071 N  NE  . ARG A 1 151 ? 10.761  10.911  -8.253  1.00 50.03 ? 136 ARG A NE  1 
ATOM   1072 C  CZ  . ARG A 1 151 ? 10.220  10.083  -9.147  1.00 47.50 ? 136 ARG A CZ  1 
ATOM   1073 N  NH1 . ARG A 1 151 ? 8.904   10.070  -9.388  1.00 49.39 ? 136 ARG A NH1 1 
ATOM   1074 N  NH2 . ARG A 1 151 ? 11.011  9.259   -9.813  1.00 47.76 ? 136 ARG A NH2 1 
ATOM   1075 N  N   . PHE A 1 152 ? 12.376  9.911   -2.449  1.00 27.54 ? 137 PHE A N   1 
ATOM   1076 C  CA  . PHE A 1 152 ? 13.413  10.094  -1.435  1.00 27.38 ? 137 PHE A CA  1 
ATOM   1077 C  C   . PHE A 1 152 ? 14.612  10.940  -1.896  1.00 29.86 ? 137 PHE A C   1 
ATOM   1078 O  O   . PHE A 1 152 ? 14.972  10.939  -3.075  1.00 33.84 ? 137 PHE A O   1 
ATOM   1079 C  CB  . PHE A 1 152 ? 13.882  8.735   -0.911  1.00 23.45 ? 137 PHE A CB  1 
ATOM   1080 C  CG  . PHE A 1 152 ? 12.759  7.859   -0.405  1.00 20.57 ? 137 PHE A CG  1 
ATOM   1081 C  CD1 . PHE A 1 152 ? 12.916  6.473   -0.354  1.00 19.87 ? 137 PHE A CD1 1 
ATOM   1082 C  CD2 . PHE A 1 152 ? 11.540  8.424   0.006   1.00 21.43 ? 137 PHE A CD2 1 
ATOM   1083 C  CE1 . PHE A 1 152 ? 11.878  5.663   0.123   1.00 14.21 ? 137 PHE A CE1 1 
ATOM   1084 C  CE2 . PHE A 1 152 ? 10.501  7.631   0.485   1.00 21.20 ? 137 PHE A CE2 1 
ATOM   1085 C  CZ  . PHE A 1 152 ? 10.674  6.235   0.533   1.00 19.22 ? 137 PHE A CZ  1 
HETATM 1086 O  O   . HOH B 2 .   ? 12.203  8.203   -6.994  1.00 66.36 ? 138 HOH A O   1 
HETATM 1087 O  O   . HOH B 2 .   ? -0.620  16.714  -3.733  1.00 23.51 ? 139 HOH A O   1 
HETATM 1088 O  O   . HOH B 2 .   ? 8.206   8.589   18.394  1.00 25.63 ? 140 HOH A O   1 
HETATM 1089 O  O   . HOH B 2 .   ? -8.929  4.354   1.525   1.00 29.33 ? 141 HOH A O   1 
HETATM 1090 O  O   . HOH B 2 .   ? -2.442  2.631   0.060   1.00 24.16 ? 142 HOH A O   1 
HETATM 1091 O  O   . HOH B 2 .   ? -12.619 10.844  -1.368  1.00 24.01 ? 143 HOH A O   1 
HETATM 1092 O  O   . HOH B 2 .   ? 1.373   -4.917  0.388   1.00 31.81 ? 144 HOH A O   1 
HETATM 1093 O  O   . HOH B 2 .   ? -2.772  9.452   15.747  1.00 33.61 ? 145 HOH A O   1 
HETATM 1094 O  O   . HOH B 2 .   ? 1.072   11.417  -12.862 1.00 23.88 ? 146 HOH A O   1 
HETATM 1095 O  O   . HOH B 2 .   ? -6.742  5.015   10.414  1.00 28.03 ? 147 HOH A O   1 
HETATM 1096 O  O   . HOH B 2 .   ? -9.017  10.443  -2.613  1.00 24.92 ? 148 HOH A O   1 
HETATM 1097 O  O   . HOH B 2 .   ? 13.425  -2.612  -4.030  1.00 22.06 ? 149 HOH A O   1 
HETATM 1098 O  O   . HOH B 2 .   ? 5.165   -6.516  12.549  1.00 32.08 ? 150 HOH A O   1 
HETATM 1099 O  O   . HOH B 2 .   ? 8.114   13.668  -4.112  1.00 38.96 ? 151 HOH A O   1 
HETATM 1100 O  O   . HOH B 2 .   ? 11.385  -5.001  -21.372 1.00 30.30 ? 152 HOH A O   1 
HETATM 1101 O  O   . HOH B 2 .   ? 10.077  -2.602  -23.713 1.00 28.13 ? 153 HOH A O   1 
HETATM 1102 O  O   . HOH B 2 .   ? 12.993  -11.147 -6.119  1.00 41.96 ? 154 HOH A O   1 
HETATM 1103 O  O   . HOH B 2 .   ? -1.699  -16.049 -6.408  1.00 46.98 ? 155 HOH A O   1 
HETATM 1104 O  O   . HOH B 2 .   ? 15.798  -11.528 -15.839 1.00 34.55 ? 156 HOH A O   1 
HETATM 1105 O  O   . HOH B 2 .   ? 11.491  8.590   8.820   1.00 26.10 ? 157 HOH A O   1 
HETATM 1106 O  O   . HOH B 2 .   ? 14.400  0.327   9.603   1.00 25.30 ? 158 HOH A O   1 
HETATM 1107 O  O   . HOH B 2 .   ? 9.302   -10.639 2.393   1.00 37.50 ? 159 HOH A O   1 
HETATM 1108 O  O   . HOH B 2 .   ? 6.521   -1.714  -4.382  1.00 38.42 ? 160 HOH A O   1 
HETATM 1109 O  O   . HOH B 2 .   ? 12.914  -4.556  -2.035  1.00 27.47 ? 161 HOH A O   1 
HETATM 1110 O  O   . HOH B 2 .   ? -13.167 14.541  5.825   1.00 38.44 ? 162 HOH A O   1 
HETATM 1111 O  O   . HOH B 2 .   ? -2.159  12.746  12.937  1.00 35.16 ? 163 HOH A O   1 
HETATM 1112 O  O   . HOH B 2 .   ? 11.181  12.500  0.692   1.00 28.19 ? 164 HOH A O   1 
HETATM 1113 O  O   . HOH B 2 .   ? 12.584  7.367   -9.505  1.00 34.40 ? 165 HOH A O   1 
HETATM 1114 O  O   . HOH B 2 .   ? 14.319  -4.695  -8.845  1.00 44.27 ? 166 HOH A O   1 
HETATM 1115 O  O   . HOH B 2 .   ? -8.436  15.619  1.426   1.00 32.90 ? 167 HOH A O   1 
HETATM 1116 O  O   . HOH B 2 .   ? 0.725   13.878  8.144   1.00 27.22 ? 168 HOH A O   1 
HETATM 1117 O  O   . HOH B 2 .   ? 7.840   0.473   20.239  1.00 37.93 ? 169 HOH A O   1 
HETATM 1118 O  O   . HOH B 2 .   ? 6.049   -9.439  -11.159 1.00 37.61 ? 170 HOH A O   1 
HETATM 1119 O  O   . HOH B 2 .   ? -6.264  0.953   -5.574  1.00 37.37 ? 171 HOH A O   1 
HETATM 1120 O  O   . HOH B 2 .   ? 12.174  1.880   10.509  1.00 26.95 ? 172 HOH A O   1 
HETATM 1121 O  O   . HOH B 2 .   ? 17.087  4.656   6.576   1.00 35.28 ? 173 HOH A O   1 
HETATM 1122 O  O   . HOH B 2 .   ? -14.837 12.364  -0.634  1.00 28.41 ? 174 HOH A O   1 
HETATM 1123 O  O   . HOH B 2 .   ? -8.518  1.624   -3.509  1.00 48.73 ? 175 HOH A O   1 
HETATM 1124 O  O   . HOH B 2 .   ? -2.915  9.579   13.120  1.00 33.70 ? 176 HOH A O   1 
HETATM 1125 O  O   . HOH B 2 .   ? 5.645   -17.046 -17.888 1.00 29.75 ? 177 HOH A O   1 
HETATM 1126 O  O   . HOH B 2 .   ? 3.640   6.399   20.109  1.00 35.28 ? 178 HOH A O   1 
HETATM 1127 O  O   . HOH B 2 .   ? 13.641  14.332  0.402   1.00 42.37 ? 179 HOH A O   1 
HETATM 1128 O  O   . HOH B 2 .   ? -10.342 12.266  -1.033  1.00 29.95 ? 180 HOH A O   1 
HETATM 1129 O  O   . HOH B 2 .   ? -9.491  10.482  -13.706 1.00 29.14 ? 181 HOH A O   1 
HETATM 1130 O  O   . HOH B 2 .   ? 6.615   -17.514 -10.857 1.00 39.77 ? 182 HOH A O   1 
HETATM 1131 O  O   . HOH B 2 .   ? 1.378   10.744  20.035  1.00 31.33 ? 183 HOH A O   1 
HETATM 1132 O  O   . HOH B 2 .   ? -7.873  13.716  -5.300  1.00 26.90 ? 184 HOH A O   1 
HETATM 1133 O  O   . HOH B 2 .   ? 4.760   -1.993  -6.279  1.00 30.68 ? 185 HOH A O   1 
HETATM 1134 O  O   . HOH B 2 .   ? -3.364  -10.278 17.224  1.00 47.83 ? 186 HOH A O   1 
HETATM 1135 O  O   . HOH B 2 .   ? -4.772  -0.220  -0.518  1.00 44.81 ? 187 HOH A O   1 
HETATM 1136 O  O   . HOH B 2 .   ? -18.119 10.243  2.363   1.00 31.67 ? 188 HOH A O   1 
HETATM 1137 O  O   . HOH B 2 .   ? -21.512 -0.548  -5.687  1.00 36.61 ? 189 HOH A O   1 
HETATM 1138 O  O   . HOH B 2 .   ? 15.301  -5.365  -0.269  1.00 33.86 ? 190 HOH A O   1 
HETATM 1139 O  O   . HOH B 2 .   ? 17.760  9.559   -0.833  1.00 40.99 ? 191 HOH A O   1 
HETATM 1140 O  O   . HOH B 2 .   ? 5.424   -8.759  13.978  1.00 30.99 ? 192 HOH A O   1 
HETATM 1141 O  O   . HOH B 2 .   ? 4.598   -1.518  26.244  1.00 42.86 ? 193 HOH A O   1 
HETATM 1142 O  O   . HOH B 2 .   ? -5.129  2.173   4.244   1.00 29.01 ? 194 HOH A O   1 
HETATM 1143 O  O   . HOH B 2 .   ? 9.331   -12.456 -20.549 1.00 35.78 ? 195 HOH A O   1 
HETATM 1144 O  O   . HOH B 2 .   ? 11.009  -16.617 -15.138 1.00 48.68 ? 196 HOH A O   1 
HETATM 1145 O  O   . HOH B 2 .   ? 3.793   19.058  4.323   1.00 32.09 ? 197 HOH A O   1 
HETATM 1146 O  O   . HOH B 2 .   ? 16.313  1.432   -5.534  1.00 36.49 ? 198 HOH A O   1 
HETATM 1147 O  O   . HOH B 2 .   ? 6.293   14.432  -2.659  1.00 35.70 ? 199 HOH A O   1 
HETATM 1148 O  O   . HOH B 2 .   ? 7.187   13.798  6.818   1.00 36.13 ? 200 HOH A O   1 
HETATM 1149 O  O   . HOH B 2 .   ? 18.266  -4.086  3.603   1.00 35.96 ? 201 HOH A O   1 
HETATM 1150 O  O   . HOH B 2 .   ? -3.280  3.455   2.800   1.00 39.64 ? 202 HOH A O   1 
HETATM 1151 O  O   . HOH B 2 .   ? -5.538  9.117   12.810  1.00 40.23 ? 203 HOH A O   1 
HETATM 1152 O  O   . HOH B 2 .   ? -15.563 12.567  -5.261  1.00 33.40 ? 204 HOH A O   1 
HETATM 1153 O  O   . HOH B 2 .   ? 9.016   -15.133 -20.736 1.00 37.19 ? 205 HOH A O   1 
HETATM 1154 O  O   . HOH B 2 .   ? 11.146  6.457   12.104  1.00 52.56 ? 206 HOH A O   1 
HETATM 1155 O  O   . HOH B 2 .   ? -23.451 4.422   -2.091  1.00 37.38 ? 207 HOH A O   1 
HETATM 1156 O  O   . HOH B 2 .   ? -12.161 2.387   13.965  1.00 35.19 ? 208 HOH A O   1 
HETATM 1157 O  O   . HOH B 2 .   ? 7.310   -6.155  -9.661  1.00 46.71 ? 209 HOH A O   1 
HETATM 1158 O  O   . HOH B 2 .   ? 2.522   17.077  0.094   1.00 35.26 ? 210 HOH A O   1 
HETATM 1159 O  O   . HOH B 2 .   ? 3.467   -7.799  0.446   1.00 52.47 ? 211 HOH A O   1 
HETATM 1160 O  O   . HOH B 2 .   ? -12.722 -20.745 -10.013 1.00 53.90 ? 212 HOH A O   1 
HETATM 1161 O  O   . HOH B 2 .   ? 3.842   -6.262  22.838  1.00 47.43 ? 213 HOH A O   1 
HETATM 1162 O  O   . HOH B 2 .   ? 8.776   -10.826 -11.617 1.00 36.13 ? 214 HOH A O   1 
HETATM 1163 O  O   . HOH B 2 .   ? -4.052  6.491   6.701   1.00 32.67 ? 215 HOH A O   1 
HETATM 1164 O  O   . HOH B 2 .   ? -1.996  1.441   -6.190  1.00 36.85 ? 216 HOH A O   1 
HETATM 1165 O  O   . HOH B 2 .   ? 3.935   -7.618  -17.638 1.00 28.20 ? 217 HOH A O   1 
HETATM 1166 O  O   . HOH B 2 .   ? 18.199  8.444   3.181   1.00 36.08 ? 218 HOH A O   1 
HETATM 1167 O  O   . HOH B 2 .   ? -13.275 13.121  -3.762  1.00 36.80 ? 219 HOH A O   1 
HETATM 1168 O  O   . HOH B 2 .   ? -5.902  4.608   7.217   1.00 33.39 ? 220 HOH A O   1 
HETATM 1169 O  O   . HOH B 2 .   ? 3.378   14.190  -8.226  1.00 56.54 ? 221 HOH A O   1 
HETATM 1170 O  O   . HOH B 2 .   ? 3.217   -6.964  3.285   1.00 39.31 ? 222 HOH A O   1 
HETATM 1171 O  O   . HOH B 2 .   ? -11.771 11.696  -12.354 1.00 45.04 ? 223 HOH A O   1 
HETATM 1172 O  O   . HOH B 2 .   ? -9.127  2.132   20.202  1.00 46.94 ? 224 HOH A O   1 
HETATM 1173 O  O   . HOH B 2 .   ? -1.842  12.755  -13.843 0.50 24.52 ? 225 HOH A O   1 
HETATM 1174 O  O   . HOH B 2 .   ? -4.757  8.772   8.021   1.00 34.98 ? 226 HOH A O   1 
HETATM 1175 O  O   . HOH B 2 .   ? -11.307 12.396  -9.771  1.00 47.05 ? 227 HOH A O   1 
HETATM 1176 O  O   . HOH B 2 .   ? 17.418  5.022   -0.360  1.00 41.17 ? 228 HOH A O   1 
HETATM 1177 O  O   . HOH B 2 .   ? -0.734  -21.814 -15.126 1.00 47.06 ? 229 HOH A O   1 
HETATM 1178 O  O   . HOH B 2 .   ? 12.619  -11.440 -8.533  1.00 37.36 ? 230 HOH A O   1 
HETATM 1179 O  O   . HOH B 2 .   ? 9.208   -16.617 -11.291 1.00 42.17 ? 231 HOH A O   1 
HETATM 1180 O  O   . HOH B 2 .   ? 19.445  -9.417  -10.136 1.00 44.05 ? 232 HOH A O   1 
HETATM 1181 O  O   . HOH B 2 .   ? -4.055  18.436  1.804   1.00 51.75 ? 233 HOH A O   1 
HETATM 1182 O  O   . HOH B 2 .   ? 9.669   5.958   15.056  1.00 45.93 ? 234 HOH A O   1 
HETATM 1183 O  O   . HOH B 2 .   ? -13.932 4.953   14.412  1.00 39.84 ? 235 HOH A O   1 
HETATM 1184 O  O   . HOH B 2 .   ? 16.770  12.577  1.024   1.00 40.39 ? 236 HOH A O   1 
HETATM 1185 O  O   . HOH B 2 .   ? -12.066 16.565  8.556   1.00 32.07 ? 237 HOH A O   1 
HETATM 1186 O  O   . HOH B 2 .   ? 8.675   -2.702  20.002  1.00 47.44 ? 238 HOH A O   1 
HETATM 1187 O  O   . HOH B 2 .   ? 16.116  -5.425  -11.283 1.00 56.00 ? 239 HOH A O   1 
HETATM 1188 O  O   . HOH B 2 .   ? 15.452  -14.243 -18.601 1.00 39.11 ? 240 HOH A O   1 
HETATM 1189 O  O   . HOH B 2 .   ? 4.642   -20.392 -13.950 1.00 42.86 ? 241 HOH A O   1 
HETATM 1190 O  O   . HOH B 2 .   ? 7.923   15.874  0.060   1.00 42.25 ? 242 HOH A O   1 
HETATM 1191 O  O   . HOH B 2 .   ? -10.328 1.146   16.801  1.00 50.43 ? 243 HOH A O   1 
HETATM 1192 O  O   . HOH B 2 .   ? -18.426 -18.475 -18.223 1.00 43.04 ? 244 HOH A O   1 
HETATM 1193 O  O   . HOH B 2 .   ? 5.391   -20.214 -16.467 1.00 53.19 ? 245 HOH A O   1 
HETATM 1194 O  O   . HOH B 2 .   ? -6.068  0.637   1.679   1.00 49.23 ? 246 HOH A O   1 
HETATM 1195 O  O   . HOH B 2 .   ? 6.772   -6.764  -7.383  1.00 41.25 ? 247 HOH A O   1 
HETATM 1196 O  O   . HOH B 2 .   ? 16.867  -13.795 -12.019 1.00 50.98 ? 248 HOH A O   1 
HETATM 1197 O  O   . HOH B 2 .   ? -3.761  -17.669 -5.043  1.00 42.03 ? 249 HOH A O   1 
HETATM 1198 O  O   . HOH B 2 .   ? -8.354  -11.714 -5.358  1.00 51.77 ? 250 HOH A O   1 
HETATM 1199 O  O   . HOH B 2 .   ? 6.797   -0.495  25.336  1.00 53.98 ? 251 HOH A O   1 
HETATM 1200 O  O   . HOH B 2 .   ? -0.118  14.453  12.922  1.00 42.21 ? 252 HOH A O   1 
HETATM 1201 O  O   . HOH B 2 .   ? -3.788  19.699  5.694   1.00 43.26 ? 253 HOH A O   1 
HETATM 1202 O  O   . HOH B 2 .   ? -10.292 15.046  -0.496  1.00 37.15 ? 254 HOH A O   1 
HETATM 1203 O  O   . HOH B 2 .   ? -5.002  14.313  -8.604  1.00 38.95 ? 255 HOH A O   1 
HETATM 1204 O  O   . HOH B 2 .   ? 1.723   19.645  -4.427  1.00 48.03 ? 256 HOH A O   1 
HETATM 1205 O  O   . HOH B 2 .   ? 6.687   17.723  -5.253  1.00 50.64 ? 257 HOH A O   1 
HETATM 1206 O  O   . HOH B 2 .   ? -6.127  5.363   3.042   1.00 36.42 ? 258 HOH A O   1 
HETATM 1207 O  O   . HOH B 2 .   ? -10.387 13.787  -6.150  1.00 44.51 ? 259 HOH A O   1 
# 
